data_2ZVW
#
_entry.id   2ZVW
#
_cell.length_a   223.693
_cell.length_b   223.693
_cell.length_c   200.876
_cell.angle_alpha   90.00
_cell.angle_beta   90.00
_cell.angle_gamma   120.00
#
_symmetry.space_group_name_H-M   'H 3'
#
loop_
_entity.id
_entity.type
_entity.pdbx_description
1 polymer 'Proliferating cell nuclear antigen 2'
2 polymer 'Cyclin-dependent kinase inhibitor 1'
3 non-polymer 'SULFATE ION'
4 water water
#
loop_
_entity_poly.entity_id
_entity_poly.type
_entity_poly.pdbx_seq_one_letter_code
_entity_poly.pdbx_strand_id
1 'polypeptide(L)'
;MGSSHHHHHHSSGLVPRGSHMLELRLVQGSLLKKVLEAVKDLVNDANFDCSTTGFSLQAMDSSHVALVSLLLRSEGFEHY
RCDRNLSMGMNLGNMSKMLKCAGNDDIITIKADDGSDTVTFMFESPTQDKIADFEMKLMDIDSEHLGIPDAEYHSIVRMP
SGEFSRICKDLSSIGDTVVISVTKEGVKFSTAGDIGTANIVLRQNTTVDKPEDAIVIEMNEPVSLSFALRYMNSFTKATP
LSETVTISLSSELPVVVEYKVAEMGYIRYYLAPKI
;
A,B,C,D,E,F,G,H
2 'polypeptide(L)' GRKRRQTSMTDFYHSKRRLIFS I,J,K,L,M,N,O,P
#
loop_
_chem_comp.id
_chem_comp.type
_chem_comp.name
_chem_comp.formula
SO4 non-polymer 'SULFATE ION' 'O4 S -2'
#
# COMPACT_ATOMS: atom_id res chain seq x y z
N MET A 21 51.39 -9.20 58.99
CA MET A 21 50.91 -9.38 57.59
C MET A 21 49.41 -9.12 57.48
N LEU A 22 49.00 -8.72 56.28
CA LEU A 22 47.60 -8.44 55.98
C LEU A 22 47.22 -9.25 54.76
N GLU A 23 46.21 -10.10 54.90
CA GLU A 23 45.74 -10.93 53.79
C GLU A 23 44.22 -11.01 53.76
N LEU A 24 43.63 -10.48 52.69
CA LEU A 24 42.18 -10.48 52.54
C LEU A 24 41.84 -11.18 51.23
N ARG A 25 40.87 -12.08 51.27
CA ARG A 25 40.47 -12.82 50.09
C ARG A 25 38.98 -12.60 49.86
N LEU A 26 38.67 -12.01 48.70
CA LEU A 26 37.30 -11.71 48.31
C LEU A 26 36.95 -12.51 47.06
N VAL A 27 36.04 -13.46 47.19
CA VAL A 27 35.66 -14.29 46.06
C VAL A 27 35.05 -13.52 44.89
N GLN A 28 34.10 -12.63 45.18
CA GLN A 28 33.48 -11.82 44.14
C GLN A 28 34.36 -10.58 43.88
N GLY A 29 35.40 -10.77 43.08
CA GLY A 29 36.33 -9.69 42.74
C GLY A 29 35.74 -8.49 42.04
N SER A 30 34.63 -8.69 41.35
CA SER A 30 33.95 -7.61 40.63
C SER A 30 33.57 -6.46 41.56
N LEU A 31 33.27 -6.79 42.82
CA LEU A 31 32.88 -5.79 43.82
C LEU A 31 33.97 -4.76 44.05
N LEU A 32 35.20 -5.25 44.26
CA LEU A 32 36.34 -4.38 44.50
C LEU A 32 36.58 -3.48 43.29
N LYS A 33 36.40 -4.04 42.09
CA LYS A 33 36.57 -3.27 40.85
C LYS A 33 35.55 -2.16 40.79
N LYS A 34 34.30 -2.50 41.10
CA LYS A 34 33.22 -1.54 41.07
C LYS A 34 33.42 -0.42 42.10
N VAL A 35 33.93 -0.79 43.27
CA VAL A 35 34.17 0.17 44.34
C VAL A 35 35.25 1.18 43.94
N LEU A 36 36.33 0.68 43.37
CA LEU A 36 37.41 1.57 42.95
C LEU A 36 36.96 2.44 41.79
N GLU A 37 36.11 1.89 40.92
CA GLU A 37 35.61 2.65 39.79
C GLU A 37 34.69 3.77 40.28
N ALA A 38 34.11 3.56 41.45
CA ALA A 38 33.21 4.54 42.05
C ALA A 38 34.04 5.69 42.63
N VAL A 39 34.75 5.39 43.71
CA VAL A 39 35.61 6.31 44.43
C VAL A 39 36.69 7.04 43.63
N LYS A 40 37.19 6.44 42.55
CA LYS A 40 38.27 7.10 41.80
C LYS A 40 38.01 8.42 41.08
N ASP A 41 36.80 8.64 40.56
CA ASP A 41 36.58 9.92 39.89
C ASP A 41 36.30 11.07 40.86
N LEU A 42 35.88 10.74 42.08
CA LEU A 42 35.64 11.77 43.08
C LEU A 42 36.91 12.10 43.87
N VAL A 43 37.78 11.11 44.09
CA VAL A 43 39.02 11.28 44.87
C VAL A 43 40.21 10.59 44.18
N ASN A 44 41.33 11.32 44.01
CA ASN A 44 42.49 10.73 43.34
C ASN A 44 43.26 9.73 44.18
N ASP A 45 43.38 9.99 45.48
CA ASP A 45 44.10 9.08 46.35
C ASP A 45 43.51 9.12 47.75
N ALA A 46 43.63 8.01 48.47
CA ALA A 46 43.10 7.94 49.82
C ALA A 46 43.68 6.77 50.57
N ASN A 47 43.62 6.85 51.88
CA ASN A 47 44.11 5.77 52.71
C ASN A 47 43.04 4.70 52.89
N PHE A 48 43.44 3.45 52.74
CA PHE A 48 42.54 2.32 52.96
C PHE A 48 42.91 1.85 54.37
N ASP A 49 41.96 1.92 55.28
CA ASP A 49 42.22 1.54 56.67
C ASP A 49 41.79 0.11 56.94
N CYS A 50 42.66 -0.66 57.57
CA CYS A 50 42.34 -2.05 57.86
C CYS A 50 42.33 -2.35 59.35
N SER A 51 41.28 -3.01 59.80
CA SER A 51 41.12 -3.39 61.19
C SER A 51 40.46 -4.75 61.22
N THR A 52 40.28 -5.31 62.41
CA THR A 52 39.63 -6.60 62.57
C THR A 52 38.16 -6.52 62.15
N THR A 53 37.62 -5.31 62.12
CA THR A 53 36.23 -5.07 61.74
C THR A 53 36.03 -5.09 60.23
N GLY A 54 36.97 -4.48 59.51
CA GLY A 54 36.86 -4.43 58.07
C GLY A 54 37.83 -3.54 57.32
N PHE A 55 37.62 -3.51 56.01
CA PHE A 55 38.42 -2.73 55.07
C PHE A 55 37.62 -1.46 54.85
N SER A 56 38.07 -0.34 55.40
CA SER A 56 37.34 0.92 55.25
C SER A 56 38.11 2.06 54.61
N LEU A 57 37.42 3.18 54.37
CA LEU A 57 38.04 4.35 53.76
C LEU A 57 37.20 5.61 53.93
N GLN A 58 37.85 6.73 54.21
CA GLN A 58 37.16 8.01 54.30
C GLN A 58 38.03 9.09 53.67
N ALA A 59 37.45 9.86 52.75
CA ALA A 59 38.19 10.93 52.09
C ALA A 59 37.30 11.97 51.47
N MET A 60 37.83 13.17 51.41
CA MET A 60 37.15 14.30 50.82
C MET A 60 37.82 14.62 49.49
N ASP A 61 37.09 15.25 48.59
CA ASP A 61 37.68 15.63 47.30
C ASP A 61 38.57 16.84 47.61
N SER A 62 39.28 17.33 46.60
CA SER A 62 40.19 18.46 46.77
C SER A 62 39.52 19.74 47.32
N SER A 63 38.28 19.99 46.91
CA SER A 63 37.55 21.18 47.34
C SER A 63 36.95 21.12 48.75
N HIS A 64 36.89 19.92 49.31
CA HIS A 64 36.29 19.69 50.63
C HIS A 64 34.76 19.85 50.57
N VAL A 65 34.23 19.91 49.35
CA VAL A 65 32.79 20.04 49.11
C VAL A 65 32.06 18.69 49.28
N ALA A 66 32.72 17.62 48.86
CA ALA A 66 32.17 16.27 48.94
C ALA A 66 33.07 15.32 49.75
N LEU A 67 32.46 14.28 50.31
CA LEU A 67 33.19 13.30 51.07
C LEU A 67 32.66 11.92 50.74
N VAL A 68 33.57 10.94 50.67
CA VAL A 68 33.18 9.57 50.39
C VAL A 68 33.58 8.69 51.57
N SER A 69 32.67 7.82 51.97
CA SER A 69 32.89 6.92 53.10
C SER A 69 32.59 5.47 52.67
N LEU A 70 33.62 4.62 52.69
CA LEU A 70 33.51 3.22 52.29
C LEU A 70 33.75 2.20 53.41
N LEU A 71 32.92 1.16 53.45
CA LEU A 71 33.07 0.09 54.44
C LEU A 71 32.81 -1.30 53.87
N LEU A 72 33.81 -2.16 53.98
CA LEU A 72 33.69 -3.53 53.52
C LEU A 72 33.93 -4.38 54.77
N ARG A 73 32.85 -4.89 55.36
CA ARG A 73 32.93 -5.69 56.58
C ARG A 73 33.71 -6.98 56.41
N SER A 74 34.40 -7.38 57.47
CA SER A 74 35.22 -8.58 57.47
C SER A 74 34.49 -9.84 57.05
N GLU A 75 33.23 -9.98 57.48
CA GLU A 75 32.46 -11.18 57.14
C GLU A 75 32.15 -11.30 55.65
N GLY A 76 32.42 -10.23 54.91
CA GLY A 76 32.18 -10.26 53.48
C GLY A 76 33.29 -10.99 52.74
N PHE A 77 34.48 -11.01 53.34
CA PHE A 77 35.63 -11.68 52.74
C PHE A 77 35.69 -13.14 53.14
N GLU A 78 35.96 -14.01 52.18
CA GLU A 78 36.05 -15.45 52.39
C GLU A 78 37.16 -15.79 53.38
N HIS A 79 38.14 -14.90 53.46
CA HIS A 79 39.29 -15.05 54.35
C HIS A 79 39.71 -13.64 54.73
N TYR A 80 39.71 -13.36 56.03
CA TYR A 80 40.09 -12.05 56.51
C TYR A 80 41.12 -12.17 57.62
N ARG A 81 42.32 -11.67 57.36
CA ARG A 81 43.40 -11.72 58.32
C ARG A 81 44.05 -10.35 58.43
N CYS A 82 43.86 -9.70 59.59
CA CYS A 82 44.44 -8.38 59.83
C CYS A 82 44.91 -8.28 61.28
N ASP A 83 46.21 -8.49 61.48
CA ASP A 83 46.82 -8.43 62.79
C ASP A 83 46.61 -7.09 63.50
N ARG A 84 47.37 -6.09 63.09
CA ARG A 84 47.28 -4.75 63.68
C ARG A 84 46.55 -3.81 62.72
N ASN A 85 46.09 -2.68 63.27
CA ASN A 85 45.43 -1.65 62.47
C ASN A 85 46.50 -1.12 61.53
N LEU A 86 46.16 -0.97 60.25
CA LEU A 86 47.12 -0.46 59.29
C LEU A 86 46.48 0.38 58.21
N SER A 87 47.23 1.35 57.72
CA SER A 87 46.77 2.25 56.67
C SER A 87 47.62 2.11 55.43
N MET A 88 46.97 2.02 54.28
CA MET A 88 47.68 1.90 53.02
C MET A 88 47.24 3.06 52.16
N GLY A 89 48.14 4.01 51.97
CA GLY A 89 47.83 5.15 51.14
C GLY A 89 47.93 4.73 49.70
N MET A 90 46.85 4.91 48.95
CA MET A 90 46.86 4.51 47.56
C MET A 90 46.37 5.49 46.53
N ASN A 91 47.07 5.53 45.41
CA ASN A 91 46.72 6.36 44.26
C ASN A 91 45.54 5.55 43.68
N LEU A 92 44.34 6.09 43.82
CA LEU A 92 43.15 5.39 43.35
C LEU A 92 43.12 5.11 41.86
N GLY A 93 43.79 5.95 41.07
CA GLY A 93 43.83 5.73 39.64
C GLY A 93 44.66 4.49 39.32
N ASN A 94 45.82 4.39 39.98
CA ASN A 94 46.75 3.26 39.80
C ASN A 94 46.12 1.93 40.24
N MET A 95 45.49 1.93 41.42
CA MET A 95 44.85 0.73 41.93
C MET A 95 43.73 0.27 41.00
N SER A 96 42.98 1.23 40.46
CA SER A 96 41.90 0.94 39.52
C SER A 96 42.40 0.33 38.19
N LYS A 97 43.56 0.79 37.72
CA LYS A 97 44.13 0.26 36.48
C LYS A 97 44.52 -1.20 36.67
N MET A 98 45.00 -1.51 37.87
CA MET A 98 45.40 -2.86 38.19
C MET A 98 44.19 -3.77 38.35
N LEU A 99 43.16 -3.26 39.02
CA LEU A 99 41.95 -4.04 39.21
C LEU A 99 41.20 -4.22 37.89
N LYS A 100 41.46 -3.33 36.94
CA LYS A 100 40.83 -3.41 35.62
C LYS A 100 41.30 -4.68 34.90
N CYS A 101 42.51 -5.13 35.25
CA CYS A 101 43.10 -6.32 34.65
C CYS A 101 42.52 -7.64 35.13
N ALA A 102 41.90 -7.63 36.30
CA ALA A 102 41.28 -8.83 36.84
C ALA A 102 39.97 -9.08 36.12
N GLY A 103 39.57 -10.35 36.05
CA GLY A 103 38.32 -10.71 35.41
C GLY A 103 37.21 -10.61 36.44
N ASN A 104 35.98 -10.41 35.98
CA ASN A 104 34.82 -10.28 36.86
C ASN A 104 34.60 -11.47 37.79
N ASP A 105 34.97 -12.65 37.33
CA ASP A 105 34.81 -13.89 38.10
C ASP A 105 36.03 -14.24 38.96
N ASP A 106 37.12 -13.48 38.79
CA ASP A 106 38.35 -13.73 39.53
C ASP A 106 38.25 -13.52 41.04
N ILE A 107 39.05 -14.29 41.76
CA ILE A 107 39.13 -14.22 43.21
C ILE A 107 40.29 -13.27 43.49
N ILE A 108 39.98 -12.14 44.13
CA ILE A 108 40.99 -11.14 44.45
C ILE A 108 41.49 -11.23 45.89
N THR A 109 42.80 -11.21 46.05
CA THR A 109 43.44 -11.27 47.35
C THR A 109 44.39 -10.09 47.55
N ILE A 110 44.22 -9.39 48.67
CA ILE A 110 45.06 -8.24 48.99
C ILE A 110 46.10 -8.68 50.05
N LYS A 111 47.38 -8.48 49.74
CA LYS A 111 48.46 -8.85 50.64
C LYS A 111 49.33 -7.63 50.92
N ALA A 112 49.67 -7.42 52.18
CA ALA A 112 50.51 -6.28 52.54
C ALA A 112 51.38 -6.61 53.75
N ASP A 113 52.68 -6.42 53.60
CA ASP A 113 53.62 -6.67 54.69
C ASP A 113 53.68 -5.44 55.57
N ASP A 114 53.67 -5.66 56.88
CA ASP A 114 53.72 -4.55 57.83
C ASP A 114 54.99 -3.74 57.57
N GLY A 115 54.81 -2.47 57.22
CA GLY A 115 55.94 -1.59 56.93
C GLY A 115 56.64 -1.88 55.62
N SER A 116 55.93 -1.63 54.51
CA SER A 116 56.47 -1.86 53.16
C SER A 116 55.78 -0.88 52.22
N ASP A 117 56.52 -0.34 51.26
CA ASP A 117 55.96 0.62 50.31
C ASP A 117 55.19 -0.03 49.16
N THR A 118 54.76 -1.27 49.34
CA THR A 118 54.02 -1.98 48.31
C THR A 118 52.86 -2.83 48.81
N VAL A 119 51.83 -2.94 47.97
CA VAL A 119 50.69 -3.77 48.28
C VAL A 119 50.55 -4.75 47.13
N THR A 120 50.18 -5.99 47.45
CA THR A 120 50.04 -7.03 46.45
C THR A 120 48.61 -7.45 46.18
N PHE A 121 48.28 -7.49 44.89
CA PHE A 121 46.96 -7.88 44.41
C PHE A 121 47.14 -9.19 43.62
N MET A 122 46.43 -10.23 44.02
CA MET A 122 46.47 -11.52 43.34
C MET A 122 45.10 -11.79 42.70
N PHE A 123 45.10 -12.13 41.42
CA PHE A 123 43.87 -12.44 40.69
C PHE A 123 43.93 -13.91 40.27
N GLU A 124 43.00 -14.73 40.77
CA GLU A 124 42.97 -16.15 40.40
C GLU A 124 41.67 -16.57 39.74
N SER A 125 41.79 -17.22 38.59
CA SER A 125 40.62 -17.70 37.86
C SER A 125 40.02 -18.81 38.72
N PRO A 126 38.70 -19.03 38.62
CA PRO A 126 38.03 -20.08 39.40
C PRO A 126 38.64 -21.48 39.24
N THR A 127 39.23 -21.76 38.09
CA THR A 127 39.87 -23.06 37.83
C THR A 127 41.36 -23.05 38.17
N GLN A 128 41.87 -21.90 38.58
CA GLN A 128 43.29 -21.69 38.94
C GLN A 128 44.27 -21.78 37.76
N ASP A 129 43.74 -21.90 36.54
CA ASP A 129 44.58 -21.99 35.36
C ASP A 129 45.31 -20.69 35.06
N LYS A 130 44.86 -19.61 35.69
CA LYS A 130 45.44 -18.29 35.50
C LYS A 130 45.61 -17.57 36.83
N ILE A 131 46.86 -17.22 37.13
CA ILE A 131 47.21 -16.52 38.36
C ILE A 131 47.97 -15.25 38.00
N ALA A 132 47.48 -14.12 38.51
CA ALA A 132 48.10 -12.82 38.26
C ALA A 132 48.57 -12.22 39.59
N ASP A 133 49.72 -11.55 39.54
CA ASP A 133 50.30 -10.92 40.72
C ASP A 133 50.62 -9.47 40.37
N PHE A 134 49.92 -8.54 41.00
CA PHE A 134 50.15 -7.11 40.77
C PHE A 134 50.69 -6.47 42.04
N GLU A 135 51.92 -5.96 41.95
CA GLU A 135 52.57 -5.30 43.08
C GLU A 135 52.52 -3.80 42.83
N MET A 136 51.85 -3.07 43.71
CA MET A 136 51.75 -1.63 43.55
C MET A 136 52.48 -0.83 44.61
N LYS A 137 53.08 0.27 44.20
CA LYS A 137 53.79 1.15 45.12
C LYS A 137 52.76 1.97 45.91
N LEU A 138 52.90 1.99 47.22
CA LEU A 138 52.01 2.76 48.07
C LEU A 138 52.44 4.23 48.03
N MET A 139 51.78 5.05 48.85
CA MET A 139 52.12 6.47 48.91
C MET A 139 51.72 6.99 50.27
N ASP A 140 52.33 8.09 50.67
CA ASP A 140 52.04 8.70 51.95
C ASP A 140 50.96 9.73 51.81
N ILE A 141 49.87 9.52 52.55
CA ILE A 141 48.74 10.43 52.53
C ILE A 141 48.39 10.93 53.93
N ASP A 142 48.30 12.25 54.04
CA ASP A 142 47.94 12.91 55.29
C ASP A 142 46.42 12.90 55.35
N SER A 143 45.86 11.85 55.94
CA SER A 143 44.40 11.72 56.04
C SER A 143 43.82 12.87 56.86
N GLU A 144 42.63 13.31 56.45
CA GLU A 144 41.91 14.39 57.11
C GLU A 144 40.51 13.85 57.44
N HIS A 145 40.45 12.93 58.40
CA HIS A 145 39.18 12.31 58.79
C HIS A 145 38.23 13.18 59.61
N LEU A 146 36.95 13.08 59.27
CA LEU A 146 35.91 13.85 59.92
C LEU A 146 35.01 12.94 60.73
N GLY A 147 34.58 13.43 61.88
CA GLY A 147 33.70 12.68 62.74
C GLY A 147 32.29 12.98 62.33
N ILE A 148 31.58 11.97 61.85
CA ILE A 148 30.21 12.15 61.40
C ILE A 148 29.21 11.46 62.31
N PRO A 149 28.40 12.27 63.02
CA PRO A 149 27.39 11.71 63.93
C PRO A 149 26.33 10.94 63.14
N ASP A 150 25.86 9.84 63.73
CA ASP A 150 24.84 9.03 63.09
C ASP A 150 23.50 9.63 63.48
N ALA A 151 22.88 10.34 62.54
CA ALA A 151 21.61 11.01 62.80
C ALA A 151 20.40 10.45 62.09
N GLU A 152 19.24 10.95 62.50
CA GLU A 152 17.96 10.59 61.93
C GLU A 152 17.62 11.78 61.04
N TYR A 153 17.70 11.58 59.73
CA TYR A 153 17.42 12.66 58.81
C TYR A 153 15.92 12.93 58.69
N HIS A 154 15.57 14.18 58.43
CA HIS A 154 14.18 14.59 58.32
C HIS A 154 13.44 13.91 57.15
N SER A 155 14.16 13.66 56.07
CA SER A 155 13.59 13.03 54.89
C SER A 155 14.51 11.96 54.32
N ILE A 156 13.93 10.85 53.91
CA ILE A 156 14.72 9.76 53.34
C ILE A 156 14.05 9.24 52.08
N VAL A 157 14.80 9.20 50.99
CA VAL A 157 14.29 8.73 49.71
C VAL A 157 15.06 7.52 49.23
N ARG A 158 14.34 6.45 48.91
CA ARG A 158 14.94 5.22 48.40
C ARG A 158 14.34 5.03 47.02
N MET A 159 15.19 4.87 46.00
CA MET A 159 14.72 4.71 44.63
C MET A 159 15.68 3.90 43.79
N PRO A 160 15.25 3.49 42.57
CA PRO A 160 16.16 2.71 41.73
C PRO A 160 17.37 3.58 41.44
N SER A 161 18.55 2.98 41.53
CA SER A 161 19.81 3.66 41.31
C SER A 161 19.90 4.26 39.90
N GLY A 162 19.44 3.49 38.91
CA GLY A 162 19.46 3.93 37.53
C GLY A 162 18.59 5.16 37.33
N GLU A 163 17.48 5.22 38.05
CA GLU A 163 16.57 6.35 37.96
C GLU A 163 17.23 7.61 38.56
N PHE A 164 18.01 7.44 39.62
CA PHE A 164 18.70 8.57 40.25
C PHE A 164 19.78 9.09 39.31
N SER A 165 20.41 8.16 38.58
CA SER A 165 21.47 8.50 37.65
C SER A 165 20.95 9.34 36.47
N ARG A 166 19.78 8.98 35.96
CA ARG A 166 19.18 9.71 34.84
C ARG A 166 18.70 11.07 35.28
N ILE A 167 18.09 11.14 36.45
CA ILE A 167 17.59 12.41 36.95
C ILE A 167 18.74 13.41 37.00
N CYS A 168 19.83 13.03 37.66
CA CYS A 168 21.00 13.88 37.77
C CYS A 168 21.61 14.16 36.41
N LYS A 169 21.75 13.11 35.58
CA LYS A 169 22.32 13.27 34.24
C LYS A 169 21.47 14.17 33.34
N ASP A 170 20.16 13.95 33.35
CA ASP A 170 19.22 14.74 32.57
C ASP A 170 19.19 16.19 33.06
N LEU A 171 19.04 16.39 34.36
CA LEU A 171 19.00 17.75 34.87
C LEU A 171 20.26 18.56 34.62
N SER A 172 21.43 17.92 34.66
CA SER A 172 22.69 18.64 34.45
C SER A 172 22.86 19.12 33.02
N SER A 173 22.01 18.66 32.11
CA SER A 173 22.09 19.10 30.72
C SER A 173 21.25 20.36 30.61
N ILE A 174 20.62 20.74 31.72
CA ILE A 174 19.80 21.92 31.78
C ILE A 174 20.40 23.01 32.68
N GLY A 175 20.92 22.60 33.84
CA GLY A 175 21.51 23.56 34.77
C GLY A 175 22.66 22.96 35.55
N ASP A 176 23.22 23.72 36.50
CA ASP A 176 24.34 23.26 37.33
C ASP A 176 23.92 22.90 38.76
N THR A 177 22.80 23.45 39.18
CA THR A 177 22.31 23.25 40.54
C THR A 177 20.97 22.55 40.56
N VAL A 178 20.79 21.71 41.57
CA VAL A 178 19.52 21.00 41.74
C VAL A 178 18.96 21.23 43.12
N VAL A 179 17.69 21.60 43.15
CA VAL A 179 17.01 21.82 44.40
C VAL A 179 16.25 20.53 44.65
N ILE A 180 16.57 19.88 45.76
CA ILE A 180 15.92 18.64 46.15
C ILE A 180 15.00 18.99 47.30
N SER A 181 13.69 18.95 47.04
CA SER A 181 12.71 19.26 48.07
C SER A 181 11.75 18.12 48.32
N VAL A 182 11.59 17.78 49.59
CA VAL A 182 10.68 16.71 49.97
C VAL A 182 9.54 17.26 50.81
N THR A 183 8.31 17.02 50.37
CA THR A 183 7.10 17.43 51.09
C THR A 183 6.17 16.23 51.16
N LYS A 184 4.92 16.48 51.55
CA LYS A 184 3.95 15.38 51.62
C LYS A 184 3.47 15.02 50.22
N GLU A 185 3.83 15.83 49.23
CA GLU A 185 3.44 15.60 47.84
C GLU A 185 4.48 14.82 47.02
N GLY A 186 5.57 14.43 47.68
CA GLY A 186 6.61 13.65 47.03
C GLY A 186 7.97 14.31 47.08
N VAL A 187 8.89 13.82 46.27
CA VAL A 187 10.22 14.41 46.22
C VAL A 187 10.42 15.09 44.86
N LYS A 188 10.76 16.38 44.89
CA LYS A 188 10.98 17.14 43.68
C LYS A 188 12.45 17.52 43.41
N PHE A 189 12.88 17.27 42.18
CA PHE A 189 14.24 17.60 41.74
C PHE A 189 14.07 18.68 40.66
N SER A 190 14.63 19.85 40.89
CA SER A 190 14.49 20.92 39.92
C SER A 190 15.78 21.67 39.68
N THR A 191 15.92 22.14 38.46
CA THR A 191 17.09 22.87 38.04
C THR A 191 16.62 23.92 37.06
N ALA A 192 17.48 24.90 36.78
CA ALA A 192 17.15 25.96 35.85
C ALA A 192 18.42 26.45 35.21
N GLY A 193 18.37 26.72 33.92
CA GLY A 193 19.54 27.19 33.20
C GLY A 193 19.15 28.01 31.99
N ASP A 194 20.14 28.41 31.22
CA ASP A 194 19.91 29.23 30.02
C ASP A 194 18.76 28.76 29.13
N ILE A 195 18.70 27.48 28.80
CA ILE A 195 17.66 26.98 27.91
C ILE A 195 16.26 26.86 28.51
N GLY A 196 16.16 26.99 29.83
CA GLY A 196 14.87 26.92 30.49
C GLY A 196 14.93 26.28 31.86
N THR A 197 13.78 25.84 32.37
CA THR A 197 13.68 25.18 33.67
C THR A 197 13.18 23.73 33.55
N ALA A 198 13.41 22.95 34.61
CA ALA A 198 13.00 21.56 34.65
C ALA A 198 12.88 21.02 36.07
N ASN A 199 11.85 20.21 36.29
CA ASN A 199 11.66 19.61 37.60
C ASN A 199 11.02 18.23 37.46
N ILE A 200 11.51 17.29 38.27
CA ILE A 200 11.00 15.92 38.25
C ILE A 200 10.46 15.58 39.63
N VAL A 201 9.19 15.19 39.65
CA VAL A 201 8.51 14.83 40.89
C VAL A 201 8.29 13.33 40.96
N LEU A 202 8.73 12.72 42.07
CA LEU A 202 8.56 11.30 42.29
C LEU A 202 7.61 11.14 43.46
N ARG A 203 6.72 10.17 43.36
CA ARG A 203 5.73 9.87 44.39
C ARG A 203 5.66 8.35 44.56
N GLN A 204 5.32 7.88 45.75
CA GLN A 204 5.19 6.45 45.95
C GLN A 204 3.95 6.00 45.19
N ASN A 205 4.01 4.80 44.65
CA ASN A 205 2.88 4.23 43.92
C ASN A 205 1.95 3.56 44.96
N THR A 206 0.74 3.20 44.54
CA THR A 206 -0.20 2.54 45.45
C THR A 206 0.46 1.31 46.07
N THR A 207 1.32 0.65 45.31
CA THR A 207 2.07 -0.52 45.77
C THR A 207 3.41 -0.55 45.06
N VAL A 208 4.33 -1.35 45.57
CA VAL A 208 5.62 -1.55 44.93
C VAL A 208 5.45 -2.90 44.23
N ASP A 209 5.12 -2.87 42.96
CA ASP A 209 4.90 -4.10 42.19
C ASP A 209 5.94 -4.45 41.14
N LYS A 210 7.00 -3.65 41.09
CA LYS A 210 8.13 -3.83 40.16
C LYS A 210 9.22 -2.84 40.55
N PRO A 211 10.47 -3.06 40.08
CA PRO A 211 11.61 -2.19 40.39
C PRO A 211 11.38 -0.69 40.12
N GLU A 212 10.92 -0.37 38.91
CA GLU A 212 10.64 1.01 38.51
C GLU A 212 9.72 1.72 39.51
N ASP A 213 8.87 0.95 40.18
CA ASP A 213 7.91 1.46 41.16
C ASP A 213 8.43 1.40 42.59
N ALA A 214 9.68 0.95 42.76
CA ALA A 214 10.30 0.85 44.07
C ALA A 214 10.81 2.21 44.50
N ILE A 215 9.87 3.07 44.84
CA ILE A 215 10.13 4.42 45.28
C ILE A 215 9.53 4.53 46.67
N VAL A 216 10.40 4.64 47.67
CA VAL A 216 9.97 4.78 49.06
C VAL A 216 10.44 6.15 49.50
N ILE A 217 9.51 6.95 50.01
CA ILE A 217 9.81 8.30 50.45
C ILE A 217 9.33 8.52 51.89
N GLU A 218 10.28 8.61 52.82
CA GLU A 218 9.97 8.86 54.22
C GLU A 218 10.13 10.36 54.48
N MET A 219 9.10 10.99 55.03
CA MET A 219 9.16 12.42 55.28
C MET A 219 8.67 12.77 56.68
N ASN A 220 9.63 12.93 57.60
CA ASN A 220 9.31 13.29 58.99
C ASN A 220 9.08 14.80 59.05
N GLU A 221 9.91 15.55 58.32
CA GLU A 221 9.82 17.01 58.25
C GLU A 221 10.21 17.45 56.84
N PRO A 222 9.55 18.49 56.31
CA PRO A 222 9.88 18.97 54.96
C PRO A 222 11.32 19.45 54.91
N VAL A 223 11.95 19.26 53.75
CA VAL A 223 13.34 19.69 53.55
C VAL A 223 13.44 20.29 52.15
N SER A 224 14.48 21.08 51.93
CA SER A 224 14.69 21.70 50.63
C SER A 224 16.11 22.24 50.59
N LEU A 225 16.98 21.57 49.83
CA LEU A 225 18.37 21.99 49.72
C LEU A 225 18.86 22.04 48.28
N SER A 226 19.84 22.90 48.01
CA SER A 226 20.40 23.05 46.68
C SER A 226 21.77 22.39 46.64
N PHE A 227 22.03 21.66 45.55
CA PHE A 227 23.30 20.98 45.39
C PHE A 227 23.86 21.12 43.98
N ALA A 228 25.19 21.01 43.89
CA ALA A 228 25.89 21.07 42.62
C ALA A 228 25.74 19.69 41.96
N LEU A 229 25.12 19.65 40.79
CA LEU A 229 24.91 18.41 40.03
C LEU A 229 26.17 17.67 39.62
N ARG A 230 27.24 18.41 39.42
CA ARG A 230 28.53 17.86 39.03
C ARG A 230 28.99 16.81 40.05
N TYR A 231 28.69 17.03 41.34
CA TYR A 231 29.08 16.08 42.36
C TYR A 231 28.14 14.89 42.40
N MET A 232 26.84 15.15 42.22
CA MET A 232 25.86 14.07 42.17
C MET A 232 26.24 13.09 41.05
N ASN A 233 26.54 13.64 39.86
CA ASN A 233 26.92 12.84 38.71
C ASN A 233 28.17 12.01 38.97
N SER A 234 28.99 12.44 39.91
CA SER A 234 30.17 11.70 40.25
C SER A 234 29.75 10.53 41.16
N PHE A 235 28.87 10.80 42.12
CA PHE A 235 28.39 9.76 43.05
C PHE A 235 27.72 8.61 42.30
N THR A 236 27.10 8.92 41.17
CA THR A 236 26.40 7.93 40.35
C THR A 236 27.30 6.92 39.66
N LYS A 237 28.61 7.09 39.78
CA LYS A 237 29.55 6.14 39.21
C LYS A 237 29.46 4.84 40.01
N ALA A 238 28.84 4.91 41.20
CA ALA A 238 28.64 3.74 42.05
C ALA A 238 27.38 2.97 41.68
N THR A 239 26.64 3.46 40.69
CA THR A 239 25.40 2.83 40.25
C THR A 239 25.42 1.31 40.08
N PRO A 240 26.43 0.76 39.38
CA PRO A 240 26.48 -0.70 39.21
C PRO A 240 26.61 -1.53 40.48
N LEU A 241 26.96 -0.87 41.59
CA LEU A 241 27.10 -1.59 42.85
C LEU A 241 25.78 -2.08 43.42
N SER A 242 24.71 -1.33 43.19
CA SER A 242 23.41 -1.70 43.73
C SER A 242 22.29 -1.21 42.82
N GLU A 243 21.14 -1.88 42.91
CA GLU A 243 19.96 -1.53 42.14
C GLU A 243 19.19 -0.41 42.82
N THR A 244 19.54 -0.13 44.07
CA THR A 244 18.89 0.90 44.89
C THR A 244 19.86 1.97 45.40
N VAL A 245 19.33 3.15 45.69
CA VAL A 245 20.13 4.24 46.23
C VAL A 245 19.27 4.91 47.30
N THR A 246 19.90 5.32 48.39
CA THR A 246 19.17 5.96 49.49
C THR A 246 19.70 7.37 49.69
N ILE A 247 18.79 8.33 49.65
CA ILE A 247 19.13 9.74 49.79
C ILE A 247 18.57 10.25 51.09
N SER A 248 19.45 10.64 52.02
CA SER A 248 19.03 11.16 53.32
C SER A 248 19.26 12.67 53.39
N LEU A 249 18.20 13.39 53.74
CA LEU A 249 18.22 14.85 53.81
C LEU A 249 17.74 15.42 55.12
N SER A 250 18.34 16.55 55.48
CA SER A 250 18.02 17.32 56.68
C SER A 250 18.44 18.74 56.36
N SER A 251 17.69 19.71 56.87
CA SER A 251 17.96 21.13 56.64
C SER A 251 19.35 21.64 57.03
N GLU A 252 19.89 21.15 58.14
CA GLU A 252 21.20 21.60 58.62
C GLU A 252 22.35 20.60 58.43
N LEU A 253 22.30 19.82 57.36
CA LEU A 253 23.34 18.84 57.11
C LEU A 253 23.57 18.58 55.62
N PRO A 254 24.73 18.01 55.29
CA PRO A 254 25.04 17.68 53.90
C PRO A 254 24.15 16.48 53.57
N VAL A 255 23.82 16.30 52.29
CA VAL A 255 22.99 15.18 51.90
C VAL A 255 23.85 13.91 51.92
N VAL A 256 23.23 12.76 52.10
CA VAL A 256 23.96 11.50 52.11
C VAL A 256 23.34 10.63 51.04
N VAL A 257 24.16 10.18 50.10
CA VAL A 257 23.72 9.33 49.01
C VAL A 257 24.44 8.01 49.25
N GLU A 258 23.66 6.95 49.46
CA GLU A 258 24.25 5.66 49.78
C GLU A 258 23.93 4.50 48.85
N TYR A 259 24.97 3.73 48.57
CA TYR A 259 24.90 2.56 47.71
C TYR A 259 25.44 1.39 48.52
N LYS A 260 24.61 0.39 48.77
CA LYS A 260 25.02 -0.76 49.56
C LYS A 260 25.87 -1.69 48.72
N VAL A 261 27.01 -2.12 49.33
CA VAL A 261 27.92 -3.04 48.64
C VAL A 261 27.54 -4.42 48.99
N ALA A 262 26.96 -4.98 47.96
CA ALA A 262 26.46 -6.25 48.10
C ALA A 262 25.88 -6.21 49.44
N GLU A 263 26.17 -7.22 50.13
CA GLU A 263 25.60 -7.38 51.40
C GLU A 263 26.64 -7.24 52.47
N MET A 264 27.81 -6.74 52.14
CA MET A 264 28.88 -6.69 53.11
C MET A 264 29.34 -5.28 53.52
N GLY A 265 28.64 -4.25 53.06
CA GLY A 265 29.04 -2.91 53.42
C GLY A 265 28.35 -1.83 52.63
N TYR A 266 29.05 -0.76 52.33
CA TYR A 266 28.47 0.34 51.58
C TYR A 266 29.44 1.41 51.14
N ILE A 267 28.92 2.31 50.33
CA ILE A 267 29.66 3.49 49.91
C ILE A 267 28.67 4.61 50.19
N ARG A 268 29.10 5.57 50.99
CA ARG A 268 28.24 6.71 51.32
C ARG A 268 28.92 7.96 50.79
N TYR A 269 28.15 8.78 50.10
CA TYR A 269 28.65 10.02 49.57
C TYR A 269 27.96 11.16 50.32
N TYR A 270 28.73 12.16 50.73
CA TYR A 270 28.18 13.31 51.45
C TYR A 270 28.44 14.54 50.62
N LEU A 271 27.42 15.37 50.42
CA LEU A 271 27.61 16.57 49.63
C LEU A 271 27.13 17.82 50.38
N ALA A 272 28.05 18.77 50.57
CA ALA A 272 27.73 20.02 51.25
C ALA A 272 26.82 20.83 50.36
N PRO A 273 25.77 21.42 50.96
CA PRO A 273 24.79 22.25 50.25
C PRO A 273 25.22 23.65 49.86
N LYS A 274 24.45 24.28 48.97
CA LYS A 274 24.68 25.64 48.54
C LYS A 274 23.59 26.43 49.26
N ILE A 275 24.01 27.20 50.26
CA ILE A 275 23.08 27.99 51.07
C ILE A 275 23.14 29.49 50.77
N MET B 21 44.34 -12.00 -16.36
CA MET B 21 43.04 -12.12 -15.65
C MET B 21 43.15 -12.80 -14.28
N LEU B 22 42.75 -12.04 -13.25
CA LEU B 22 42.76 -12.53 -11.88
C LEU B 22 41.33 -12.42 -11.39
N GLU B 23 40.82 -13.49 -10.82
CA GLU B 23 39.46 -13.48 -10.30
C GLU B 23 39.36 -14.45 -9.15
N LEU B 24 39.23 -13.89 -7.95
CA LEU B 24 39.15 -14.71 -6.75
C LEU B 24 37.83 -14.48 -6.03
N ARG B 25 36.98 -15.50 -6.05
CA ARG B 25 35.67 -15.41 -5.39
C ARG B 25 35.70 -16.12 -4.03
N LEU B 26 35.48 -15.35 -2.97
CA LEU B 26 35.46 -15.89 -1.61
C LEU B 26 34.07 -15.71 -1.01
N VAL B 27 33.43 -16.82 -0.68
CA VAL B 27 32.07 -16.83 -0.13
C VAL B 27 31.92 -16.08 1.18
N GLN B 28 32.77 -16.41 2.15
CA GLN B 28 32.73 -15.74 3.45
C GLN B 28 33.62 -14.49 3.37
N GLY B 29 33.07 -13.43 2.78
CA GLY B 29 33.81 -12.19 2.62
C GLY B 29 34.28 -11.53 3.91
N SER B 30 33.67 -11.91 5.03
CA SER B 30 34.04 -11.36 6.32
C SER B 30 35.49 -11.68 6.64
N LEU B 31 35.99 -12.80 6.11
CA LEU B 31 37.38 -13.21 6.34
C LEU B 31 38.33 -12.18 5.75
N LEU B 32 38.07 -11.77 4.51
CA LEU B 32 38.91 -10.76 3.87
C LEU B 32 38.85 -9.47 4.66
N LYS B 33 37.66 -9.09 5.13
CA LYS B 33 37.49 -7.87 5.93
C LYS B 33 38.34 -7.93 7.20
N LYS B 34 38.26 -9.04 7.92
CA LYS B 34 39.03 -9.21 9.15
C LYS B 34 40.53 -9.23 8.91
N VAL B 35 40.95 -9.86 7.82
CA VAL B 35 42.36 -9.93 7.45
C VAL B 35 42.93 -8.52 7.22
N LEU B 36 42.21 -7.70 6.44
CA LEU B 36 42.65 -6.34 6.16
C LEU B 36 42.63 -5.48 7.42
N GLU B 37 41.59 -5.64 8.24
CA GLU B 37 41.51 -4.87 9.48
C GLU B 37 42.71 -5.19 10.36
N ALA B 38 43.16 -6.44 10.29
CA ALA B 38 44.29 -6.89 11.07
C ALA B 38 45.62 -6.29 10.60
N VAL B 39 46.03 -6.62 9.38
CA VAL B 39 47.29 -6.16 8.84
C VAL B 39 47.46 -4.66 8.62
N LYS B 40 46.38 -3.94 8.39
CA LYS B 40 46.45 -2.49 8.13
C LYS B 40 47.04 -1.60 9.22
N ASP B 41 46.84 -1.96 10.49
CA ASP B 41 47.38 -1.13 11.55
C ASP B 41 48.85 -1.37 11.83
N LEU B 42 49.39 -2.45 11.27
CA LEU B 42 50.80 -2.77 11.42
C LEU B 42 51.61 -2.32 10.20
N VAL B 43 50.99 -2.43 9.02
CA VAL B 43 51.63 -2.06 7.76
C VAL B 43 50.73 -1.14 6.93
N ASN B 44 51.26 -0.02 6.45
CA ASN B 44 50.47 0.92 5.65
C ASN B 44 50.10 0.42 4.26
N ASP B 45 51.08 -0.14 3.55
CA ASP B 45 50.85 -0.68 2.21
C ASP B 45 51.74 -1.89 1.99
N ALA B 46 51.29 -2.82 1.16
CA ALA B 46 52.08 -4.01 0.88
C ALA B 46 51.64 -4.71 -0.39
N ASN B 47 52.46 -5.66 -0.84
CA ASN B 47 52.14 -6.40 -2.05
C ASN B 47 51.37 -7.67 -1.74
N PHE B 48 50.28 -7.88 -2.47
CA PHE B 48 49.50 -9.09 -2.35
C PHE B 48 50.01 -9.94 -3.51
N ASP B 49 50.51 -11.13 -3.20
CA ASP B 49 51.05 -12.01 -4.25
C ASP B 49 50.08 -13.12 -4.56
N CYS B 50 49.76 -13.28 -5.84
CA CYS B 50 48.85 -14.31 -6.27
C CYS B 50 49.56 -15.36 -7.08
N SER B 51 49.33 -16.62 -6.73
CA SER B 51 49.93 -17.75 -7.43
C SER B 51 48.91 -18.88 -7.45
N THR B 52 49.19 -19.91 -8.23
CA THR B 52 48.32 -21.07 -8.34
C THR B 52 48.02 -21.66 -6.95
N THR B 53 48.95 -21.48 -6.02
CA THR B 53 48.82 -21.98 -4.64
C THR B 53 47.93 -21.12 -3.75
N GLY B 54 47.95 -19.80 -3.98
CA GLY B 54 47.13 -18.94 -3.15
C GLY B 54 47.39 -17.45 -3.17
N PHE B 55 46.60 -16.77 -2.34
CA PHE B 55 46.65 -15.32 -2.17
C PHE B 55 47.45 -15.05 -0.91
N SER B 56 48.66 -14.50 -1.06
CA SER B 56 49.50 -14.23 0.10
C SER B 56 50.04 -12.81 0.21
N LEU B 57 50.73 -12.56 1.31
CA LEU B 57 51.34 -11.26 1.55
C LEU B 57 52.43 -11.40 2.60
N GLN B 58 53.51 -10.67 2.40
CA GLN B 58 54.61 -10.66 3.38
C GLN B 58 55.16 -9.24 3.43
N ALA B 59 55.26 -8.68 4.62
CA ALA B 59 55.77 -7.33 4.78
C ALA B 59 56.21 -7.04 6.19
N MET B 60 57.16 -6.11 6.32
CA MET B 60 57.65 -5.68 7.63
C MET B 60 57.09 -4.29 7.88
N ASP B 61 57.03 -3.88 9.14
CA ASP B 61 56.55 -2.54 9.47
C ASP B 61 57.69 -1.60 9.08
N SER B 62 57.47 -0.30 9.16
CA SER B 62 58.50 0.67 8.78
C SER B 62 59.80 0.60 9.59
N SER B 63 59.73 0.02 10.78
CA SER B 63 60.91 -0.08 11.63
C SER B 63 61.67 -1.39 11.51
N HIS B 64 61.11 -2.34 10.75
CA HIS B 64 61.72 -3.65 10.54
C HIS B 64 61.75 -4.51 11.81
N VAL B 65 61.01 -4.07 12.82
CA VAL B 65 60.89 -4.78 14.09
C VAL B 65 59.91 -5.96 13.99
N ALA B 66 58.80 -5.73 13.27
CA ALA B 66 57.76 -6.74 13.08
C ALA B 66 57.57 -7.13 11.61
N LEU B 67 57.11 -8.36 11.41
CA LEU B 67 56.85 -8.86 10.06
C LEU B 67 55.52 -9.58 10.10
N VAL B 68 54.70 -9.35 9.08
CA VAL B 68 53.42 -10.00 8.98
C VAL B 68 53.44 -10.88 7.74
N SER B 69 52.93 -12.09 7.89
CA SER B 69 52.89 -13.07 6.81
C SER B 69 51.49 -13.68 6.77
N LEU B 70 50.81 -13.44 5.66
CA LEU B 70 49.44 -13.92 5.45
C LEU B 70 49.37 -14.90 4.28
N LEU B 71 48.45 -15.86 4.38
CA LEU B 71 48.24 -16.83 3.32
C LEU B 71 46.79 -17.31 3.29
N LEU B 72 46.14 -17.09 2.16
CA LEU B 72 44.77 -17.57 1.96
C LEU B 72 44.92 -18.58 0.83
N ARG B 73 44.93 -19.86 1.18
CA ARG B 73 45.11 -20.93 0.19
C ARG B 73 44.03 -20.96 -0.86
N SER B 74 44.44 -21.26 -2.09
CA SER B 74 43.53 -21.32 -3.23
C SER B 74 42.25 -22.13 -2.99
N GLU B 75 42.38 -23.22 -2.25
CA GLU B 75 41.26 -24.11 -1.94
C GLU B 75 40.13 -23.42 -1.20
N GLY B 76 40.46 -22.39 -0.43
CA GLY B 76 39.45 -21.67 0.31
C GLY B 76 38.48 -20.89 -0.54
N PHE B 77 38.96 -20.34 -1.65
CA PHE B 77 38.13 -19.57 -2.56
C PHE B 77 37.22 -20.48 -3.39
N GLU B 78 35.93 -20.14 -3.48
CA GLU B 78 34.99 -20.93 -4.27
C GLU B 78 35.43 -20.95 -5.73
N HIS B 79 36.00 -19.84 -6.18
CA HIS B 79 36.49 -19.74 -7.55
C HIS B 79 37.89 -19.14 -7.51
N TYR B 80 38.89 -19.94 -7.87
CA TYR B 80 40.27 -19.46 -7.89
C TYR B 80 40.84 -19.49 -9.31
N ARG B 81 40.88 -18.32 -9.93
CA ARG B 81 41.37 -18.19 -11.30
C ARG B 81 42.57 -17.25 -11.35
N CYS B 82 43.77 -17.82 -11.46
CA CYS B 82 44.99 -17.03 -11.54
C CYS B 82 45.89 -17.56 -12.66
N ASP B 83 46.03 -16.77 -13.73
CA ASP B 83 46.85 -17.15 -14.88
C ASP B 83 48.35 -17.24 -14.57
N ARG B 84 48.97 -16.10 -14.27
CA ARG B 84 50.39 -16.11 -13.95
C ARG B 84 50.63 -15.40 -12.60
N ASN B 85 51.84 -15.57 -12.07
CA ASN B 85 52.21 -14.96 -10.79
C ASN B 85 52.18 -13.45 -10.90
N LEU B 86 51.31 -12.84 -10.11
CA LEU B 86 51.19 -11.38 -10.13
C LEU B 86 51.19 -10.79 -8.73
N SER B 87 51.75 -9.60 -8.62
CA SER B 87 51.82 -8.89 -7.37
C SER B 87 51.05 -7.59 -7.48
N MET B 88 50.23 -7.31 -6.47
CA MET B 88 49.44 -6.09 -6.46
C MET B 88 49.84 -5.22 -5.28
N GLY B 89 50.41 -4.06 -5.58
CA GLY B 89 50.80 -3.14 -4.52
C GLY B 89 49.54 -2.47 -4.03
N MET B 90 49.26 -2.59 -2.74
CA MET B 90 48.06 -2.00 -2.20
C MET B 90 48.19 -1.16 -0.97
N ASN B 91 47.55 0.01 -1.01
CA ASN B 91 47.52 0.88 0.16
C ASN B 91 46.48 0.14 1.02
N LEU B 92 46.95 -0.46 2.12
CA LEU B 92 46.07 -1.23 3.00
C LEU B 92 44.91 -0.44 3.60
N GLY B 93 45.16 0.80 3.99
CA GLY B 93 44.11 1.62 4.55
C GLY B 93 42.96 1.79 3.56
N ASN B 94 43.30 2.07 2.29
CA ASN B 94 42.31 2.25 1.24
C ASN B 94 41.51 0.99 0.96
N MET B 95 42.20 -0.14 0.81
CA MET B 95 41.52 -1.40 0.54
C MET B 95 40.54 -1.69 1.69
N SER B 96 40.98 -1.44 2.92
CA SER B 96 40.13 -1.66 4.09
C SER B 96 38.92 -0.74 4.09
N LYS B 97 39.10 0.52 3.69
CA LYS B 97 37.97 1.46 3.63
C LYS B 97 36.92 0.91 2.69
N MET B 98 37.37 0.29 1.61
CA MET B 98 36.48 -0.28 0.63
C MET B 98 35.82 -1.57 1.13
N LEU B 99 36.59 -2.45 1.73
CA LEU B 99 36.03 -3.70 2.26
C LEU B 99 35.07 -3.42 3.41
N LYS B 100 35.25 -2.30 4.10
CA LYS B 100 34.36 -1.94 5.21
C LYS B 100 32.93 -1.76 4.72
N CYS B 101 32.80 -1.45 3.42
CA CYS B 101 31.51 -1.24 2.79
C CYS B 101 30.77 -2.51 2.39
N ALA B 102 31.43 -3.65 2.49
CA ALA B 102 30.81 -4.93 2.17
C ALA B 102 30.14 -5.48 3.42
N GLY B 103 29.05 -6.21 3.24
CA GLY B 103 28.36 -6.80 4.38
C GLY B 103 29.07 -8.07 4.80
N ASN B 104 28.96 -8.45 6.06
CA ASN B 104 29.62 -9.66 6.56
C ASN B 104 29.17 -10.97 5.90
N ASP B 105 27.94 -11.01 5.40
CA ASP B 105 27.42 -12.20 4.73
C ASP B 105 27.75 -12.17 3.24
N ASP B 106 28.26 -11.04 2.76
CA ASP B 106 28.58 -10.87 1.34
C ASP B 106 29.69 -11.73 0.75
N ILE B 107 29.56 -12.00 -0.54
CA ILE B 107 30.52 -12.78 -1.30
C ILE B 107 31.42 -11.76 -1.99
N ILE B 108 32.72 -11.82 -1.70
CA ILE B 108 33.69 -10.88 -2.25
C ILE B 108 34.58 -11.47 -3.34
N THR B 109 34.59 -10.79 -4.48
CA THR B 109 35.39 -11.19 -5.64
C THR B 109 36.44 -10.13 -5.95
N ILE B 110 37.69 -10.55 -6.07
CA ILE B 110 38.79 -9.65 -6.40
C ILE B 110 39.09 -9.81 -7.89
N LYS B 111 39.05 -8.72 -8.63
CA LYS B 111 39.30 -8.75 -10.07
C LYS B 111 40.45 -7.82 -10.46
N ALA B 112 41.29 -8.29 -11.38
CA ALA B 112 42.43 -7.50 -11.84
C ALA B 112 42.90 -7.95 -13.22
N ASP B 113 43.01 -6.99 -14.14
CA ASP B 113 43.47 -7.26 -15.50
C ASP B 113 44.97 -7.08 -15.54
N ASP B 114 45.66 -8.14 -15.95
CA ASP B 114 47.12 -8.18 -16.05
C ASP B 114 47.79 -6.85 -16.45
N GLY B 115 47.21 -6.19 -17.45
CA GLY B 115 47.74 -4.91 -17.90
C GLY B 115 46.91 -3.73 -17.41
N SER B 116 46.75 -3.61 -16.10
CA SER B 116 45.97 -2.51 -15.51
C SER B 116 46.53 -2.08 -14.16
N ASP B 117 46.47 -0.78 -13.89
CA ASP B 117 46.97 -0.23 -12.64
C ASP B 117 45.84 -0.10 -11.60
N THR B 118 44.73 -0.77 -11.86
CA THR B 118 43.58 -0.72 -10.96
C THR B 118 43.12 -2.13 -10.55
N VAL B 119 42.46 -2.20 -9.40
CA VAL B 119 41.95 -3.48 -8.92
C VAL B 119 40.48 -3.29 -8.57
N THR B 120 39.68 -4.34 -8.77
CA THR B 120 38.24 -4.28 -8.50
C THR B 120 37.76 -5.26 -7.42
N PHE B 121 36.93 -4.74 -6.51
CA PHE B 121 36.34 -5.52 -5.43
C PHE B 121 34.81 -5.53 -5.68
N MET B 122 34.23 -6.72 -5.80
CA MET B 122 32.80 -6.87 -6.00
C MET B 122 32.20 -7.43 -4.72
N PHE B 123 31.10 -6.84 -4.27
CA PHE B 123 30.42 -7.30 -3.06
C PHE B 123 29.02 -7.72 -3.49
N GLU B 124 28.72 -9.02 -3.39
CA GLU B 124 27.43 -9.53 -3.80
C GLU B 124 26.72 -10.19 -2.62
N SER B 125 25.45 -9.84 -2.44
CA SER B 125 24.67 -10.41 -1.35
C SER B 125 24.29 -11.84 -1.73
N PRO B 126 23.98 -12.68 -0.73
CA PRO B 126 23.61 -14.09 -0.96
C PRO B 126 22.43 -14.23 -1.94
N THR B 127 21.39 -13.41 -1.73
CA THR B 127 20.20 -13.43 -2.60
C THR B 127 20.45 -12.74 -3.94
N GLN B 128 21.55 -12.02 -4.03
CA GLN B 128 21.95 -11.27 -5.23
C GLN B 128 21.14 -9.99 -5.46
N ASP B 129 20.35 -9.59 -4.47
CA ASP B 129 19.55 -8.38 -4.61
C ASP B 129 20.43 -7.11 -4.59
N LYS B 130 21.71 -7.30 -4.28
CA LYS B 130 22.63 -6.16 -4.23
C LYS B 130 24.04 -6.52 -4.69
N ILE B 131 24.53 -5.74 -5.66
CA ILE B 131 25.86 -5.93 -6.22
C ILE B 131 26.61 -4.59 -6.15
N ALA B 132 27.79 -4.62 -5.57
CA ALA B 132 28.61 -3.43 -5.43
C ALA B 132 29.93 -3.63 -6.15
N ASP B 133 30.40 -2.56 -6.78
CA ASP B 133 31.64 -2.56 -7.53
C ASP B 133 32.54 -1.46 -6.96
N PHE B 134 33.67 -1.87 -6.38
CA PHE B 134 34.61 -0.92 -5.80
C PHE B 134 35.93 -1.00 -6.56
N GLU B 135 36.34 0.13 -7.15
CA GLU B 135 37.59 0.17 -7.90
C GLU B 135 38.63 1.06 -7.25
N MET B 136 39.81 0.49 -7.10
CA MET B 136 40.93 1.13 -6.45
C MET B 136 42.15 1.14 -7.35
N LYS B 137 42.95 2.19 -7.25
CA LYS B 137 44.18 2.24 -8.04
C LYS B 137 45.24 1.47 -7.28
N LEU B 138 46.05 0.70 -8.00
CA LEU B 138 47.14 -0.06 -7.40
C LEU B 138 48.37 0.85 -7.29
N MET B 139 49.37 0.43 -6.53
CA MET B 139 50.58 1.22 -6.38
C MET B 139 51.83 0.39 -6.58
N ASP B 140 52.99 1.05 -6.67
CA ASP B 140 54.26 0.35 -6.87
C ASP B 140 54.99 0.15 -5.55
N ILE B 141 55.25 -1.10 -5.22
CA ILE B 141 55.93 -1.42 -3.96
C ILE B 141 57.11 -2.38 -4.12
N ASP B 142 58.28 -1.91 -3.68
CA ASP B 142 59.50 -2.71 -3.71
C ASP B 142 59.53 -3.41 -2.37
N SER B 143 59.07 -4.65 -2.32
CA SER B 143 59.04 -5.36 -1.04
C SER B 143 60.32 -6.14 -0.77
N GLU B 144 60.70 -6.15 0.50
CA GLU B 144 61.87 -6.89 0.95
C GLU B 144 61.35 -8.16 1.60
N HIS B 145 61.14 -9.19 0.78
CA HIS B 145 60.64 -10.46 1.29
C HIS B 145 61.71 -11.28 1.97
N LEU B 146 61.54 -11.47 3.27
CA LEU B 146 62.47 -12.24 4.06
C LEU B 146 62.22 -13.74 3.96
N GLY B 147 63.29 -14.51 3.93
CA GLY B 147 63.17 -15.95 3.86
C GLY B 147 63.11 -16.46 5.28
N ILE B 148 61.95 -16.98 5.68
CA ILE B 148 61.78 -17.50 7.02
C ILE B 148 61.82 -19.01 7.01
N PRO B 149 62.88 -19.59 7.59
CA PRO B 149 63.02 -21.05 7.63
C PRO B 149 61.98 -21.65 8.59
N ASP B 150 61.48 -22.83 8.22
CA ASP B 150 60.53 -23.53 9.07
C ASP B 150 61.39 -23.93 10.27
N ALA B 151 60.82 -23.93 11.47
CA ALA B 151 61.61 -24.28 12.62
C ALA B 151 60.93 -25.08 13.71
N GLU B 152 61.77 -25.67 14.55
CA GLU B 152 61.33 -26.46 15.68
C GLU B 152 61.44 -25.51 16.86
N TYR B 153 60.32 -24.97 17.29
CA TYR B 153 60.31 -24.03 18.42
C TYR B 153 60.39 -24.73 19.78
N HIS B 154 61.23 -24.18 20.64
CA HIS B 154 61.43 -24.75 21.97
C HIS B 154 60.19 -24.71 22.85
N SER B 155 59.33 -23.72 22.64
CA SER B 155 58.11 -23.62 23.44
C SER B 155 56.96 -23.08 22.59
N ILE B 156 55.80 -23.71 22.72
CA ILE B 156 54.63 -23.30 21.98
C ILE B 156 53.44 -23.15 22.92
N VAL B 157 52.77 -22.02 22.84
CA VAL B 157 51.61 -21.78 23.68
C VAL B 157 50.36 -21.49 22.85
N ARG B 158 49.35 -22.35 23.01
CA ARG B 158 48.07 -22.20 22.31
C ARG B 158 47.07 -21.78 23.39
N MET B 159 46.45 -20.62 23.20
CA MET B 159 45.48 -20.12 24.19
C MET B 159 44.33 -19.38 23.51
N PRO B 160 43.26 -19.06 24.26
CA PRO B 160 42.13 -18.35 23.65
C PRO B 160 42.62 -16.97 23.20
N SER B 161 42.29 -16.58 21.97
CA SER B 161 42.71 -15.28 21.46
C SER B 161 42.30 -14.11 22.35
N GLY B 162 41.05 -14.14 22.83
CA GLY B 162 40.56 -13.09 23.71
C GLY B 162 41.38 -12.96 24.99
N GLU B 163 41.88 -14.09 25.49
CA GLU B 163 42.70 -14.09 26.69
C GLU B 163 44.06 -13.46 26.38
N PHE B 164 44.62 -13.75 25.21
CA PHE B 164 45.90 -13.18 24.81
C PHE B 164 45.77 -11.66 24.62
N SER B 165 44.64 -11.27 24.04
CA SER B 165 44.35 -9.86 23.79
C SER B 165 44.28 -9.09 25.11
N ARG B 166 43.59 -9.67 26.08
CA ARG B 166 43.45 -9.02 27.39
C ARG B 166 44.75 -9.01 28.17
N ILE B 167 45.61 -10.01 28.00
CA ILE B 167 46.88 -10.02 28.69
C ILE B 167 47.77 -8.86 28.21
N CYS B 168 47.94 -8.74 26.91
CA CYS B 168 48.74 -7.68 26.31
C CYS B 168 48.17 -6.29 26.64
N LYS B 169 46.86 -6.14 26.46
CA LYS B 169 46.20 -4.87 26.73
C LYS B 169 46.41 -4.46 28.19
N ASP B 170 46.19 -5.40 29.11
CA ASP B 170 46.36 -5.16 30.54
C ASP B 170 47.79 -4.81 30.94
N LEU B 171 48.74 -5.64 30.52
CA LEU B 171 50.16 -5.41 30.86
C LEU B 171 50.70 -4.11 30.26
N SER B 172 50.16 -3.69 29.12
CA SER B 172 50.64 -2.49 28.47
C SER B 172 50.16 -1.24 29.19
N SER B 173 49.18 -1.39 30.07
CA SER B 173 48.67 -0.27 30.85
C SER B 173 49.60 -0.08 32.03
N ILE B 174 50.50 -1.04 32.21
CA ILE B 174 51.47 -1.01 33.31
C ILE B 174 52.86 -0.68 32.79
N GLY B 175 53.26 -1.34 31.71
CA GLY B 175 54.58 -1.12 31.12
C GLY B 175 54.65 -1.23 29.60
N ASP B 176 55.86 -1.08 29.05
CA ASP B 176 56.06 -1.13 27.60
C ASP B 176 56.63 -2.44 27.07
N THR B 177 57.18 -3.24 27.98
CA THR B 177 57.83 -4.48 27.62
C THR B 177 57.27 -5.68 28.37
N VAL B 178 57.11 -6.78 27.67
CA VAL B 178 56.62 -7.99 28.30
C VAL B 178 57.66 -9.08 28.21
N VAL B 179 57.89 -9.75 29.34
CA VAL B 179 58.83 -10.85 29.39
C VAL B 179 57.96 -12.11 29.37
N ILE B 180 58.07 -12.87 28.29
CA ILE B 180 57.30 -14.11 28.14
C ILE B 180 58.26 -15.26 28.37
N SER B 181 58.07 -15.99 29.47
CA SER B 181 58.93 -17.11 29.79
C SER B 181 58.17 -18.39 30.06
N VAL B 182 58.60 -19.46 29.39
CA VAL B 182 57.98 -20.76 29.56
C VAL B 182 58.90 -21.74 30.30
N THR B 183 58.35 -22.39 31.33
CA THR B 183 59.09 -23.39 32.11
C THR B 183 58.13 -24.55 32.43
N LYS B 184 58.57 -25.46 33.29
CA LYS B 184 57.75 -26.60 33.70
C LYS B 184 56.54 -26.10 34.47
N GLU B 185 56.66 -24.90 35.06
CA GLU B 185 55.58 -24.30 35.84
C GLU B 185 54.57 -23.48 35.02
N GLY B 186 54.64 -23.60 33.70
CA GLY B 186 53.70 -22.89 32.84
C GLY B 186 54.30 -21.72 32.09
N VAL B 187 53.45 -20.82 31.61
CA VAL B 187 53.92 -19.64 30.90
C VAL B 187 53.60 -18.37 31.70
N LYS B 188 54.62 -17.52 31.87
CA LYS B 188 54.45 -16.27 32.58
C LYS B 188 54.67 -15.05 31.70
N PHE B 189 53.80 -14.06 31.84
CA PHE B 189 53.88 -12.81 31.11
C PHE B 189 54.07 -11.74 32.18
N SER B 190 55.22 -11.07 32.16
CA SER B 190 55.46 -10.04 33.15
C SER B 190 55.91 -8.74 32.53
N THR B 191 55.60 -7.65 33.23
CA THR B 191 55.97 -6.32 32.79
C THR B 191 56.20 -5.50 34.03
N ALA B 192 56.83 -4.34 33.89
CA ALA B 192 57.10 -3.48 35.04
C ALA B 192 57.09 -2.05 34.57
N GLY B 193 56.56 -1.17 35.41
CA GLY B 193 56.49 0.23 35.06
C GLY B 193 56.49 1.11 36.29
N ASP B 194 56.21 2.40 36.09
CA ASP B 194 56.22 3.37 37.18
C ASP B 194 55.22 3.08 38.29
N ILE B 195 54.00 2.64 37.95
CA ILE B 195 53.01 2.37 38.97
C ILE B 195 53.22 1.06 39.74
N GLY B 196 54.07 0.18 39.20
CA GLY B 196 54.35 -1.08 39.85
C GLY B 196 54.68 -2.18 38.85
N THR B 197 54.54 -3.44 39.27
CA THR B 197 54.84 -4.58 38.40
C THR B 197 53.65 -5.53 38.27
N ALA B 198 53.68 -6.37 37.25
CA ALA B 198 52.60 -7.31 37.02
C ALA B 198 53.09 -8.54 36.27
N ASN B 199 52.59 -9.70 36.67
CA ASN B 199 52.94 -10.92 35.99
C ASN B 199 51.72 -11.83 35.99
N ILE B 200 51.47 -12.44 34.83
CA ILE B 200 50.33 -13.33 34.67
C ILE B 200 50.83 -14.72 34.29
N VAL B 201 50.61 -15.67 35.19
CA VAL B 201 51.03 -17.06 35.00
C VAL B 201 49.86 -17.94 34.56
N LEU B 202 50.05 -18.63 33.43
CA LEU B 202 49.03 -19.53 32.91
C LEU B 202 49.54 -20.97 32.97
N ARG B 203 48.65 -21.88 33.34
CA ARG B 203 49.01 -23.30 33.46
C ARG B 203 47.86 -24.14 32.92
N GLN B 204 48.17 -25.35 32.43
CA GLN B 204 47.12 -26.23 31.93
C GLN B 204 46.37 -26.81 33.11
N ASN B 205 45.08 -27.10 32.93
CA ASN B 205 44.27 -27.71 33.99
C ASN B 205 44.42 -29.23 33.88
N THR B 206 43.83 -29.96 34.82
CA THR B 206 43.88 -31.42 34.79
C THR B 206 43.24 -31.90 33.50
N THR B 207 42.18 -31.20 33.08
CA THR B 207 41.46 -31.51 31.85
C THR B 207 41.18 -30.22 31.10
N VAL B 208 40.89 -30.37 29.82
CA VAL B 208 40.57 -29.27 28.93
C VAL B 208 39.09 -29.43 28.59
N ASP B 209 38.37 -28.31 28.47
CA ASP B 209 36.96 -28.39 28.12
C ASP B 209 36.86 -28.16 26.60
N LYS B 210 36.96 -26.89 26.20
CA LYS B 210 36.90 -26.51 24.79
C LYS B 210 38.01 -25.51 24.46
N PRO B 211 38.71 -25.70 23.34
CA PRO B 211 39.81 -24.84 22.87
C PRO B 211 39.54 -23.34 22.92
N GLU B 212 38.27 -22.95 22.78
CA GLU B 212 37.87 -21.54 22.83
C GLU B 212 38.14 -20.97 24.24
N ASP B 213 38.46 -21.85 25.18
CA ASP B 213 38.76 -21.49 26.56
C ASP B 213 39.93 -22.31 27.11
N ALA B 214 40.49 -23.16 26.25
CA ALA B 214 41.61 -24.04 26.60
C ALA B 214 43.00 -23.40 26.51
N ILE B 215 43.90 -23.93 27.32
CA ILE B 215 45.28 -23.45 27.33
C ILE B 215 46.23 -24.62 27.19
N VAL B 216 46.94 -24.68 26.06
CA VAL B 216 47.89 -25.76 25.84
C VAL B 216 49.28 -25.15 25.85
N ILE B 217 50.23 -25.82 26.49
CA ILE B 217 51.61 -25.34 26.59
C ILE B 217 52.66 -26.42 26.32
N GLU B 218 53.23 -26.42 25.13
CA GLU B 218 54.28 -27.37 24.76
C GLU B 218 55.61 -26.74 25.20
N MET B 219 56.51 -27.55 25.77
CA MET B 219 57.80 -27.02 26.24
C MET B 219 58.97 -28.01 26.18
N ASN B 220 59.78 -27.87 25.13
CA ASN B 220 60.95 -28.74 24.93
C ASN B 220 62.10 -28.17 25.75
N GLU B 221 62.33 -26.87 25.59
CA GLU B 221 63.39 -26.16 26.29
C GLU B 221 62.82 -24.86 26.83
N PRO B 222 63.24 -24.48 28.04
CA PRO B 222 62.77 -23.25 28.67
C PRO B 222 63.16 -22.02 27.83
N VAL B 223 62.21 -21.12 27.65
CA VAL B 223 62.49 -19.90 26.89
C VAL B 223 62.11 -18.68 27.74
N SER B 224 62.75 -17.56 27.43
CA SER B 224 62.50 -16.32 28.13
C SER B 224 63.01 -15.18 27.28
N LEU B 225 62.07 -14.46 26.68
CA LEU B 225 62.38 -13.34 25.82
C LEU B 225 61.57 -12.11 26.18
N SER B 226 62.08 -10.94 25.81
CA SER B 226 61.44 -9.66 26.09
C SER B 226 60.95 -9.04 24.78
N PHE B 227 59.74 -8.50 24.80
CA PHE B 227 59.16 -7.87 23.62
C PHE B 227 58.41 -6.59 23.94
N ALA B 228 58.24 -5.77 22.91
CA ALA B 228 57.52 -4.51 23.01
C ALA B 228 56.03 -4.80 22.82
N LEU B 229 55.27 -4.54 23.87
CA LEU B 229 53.81 -4.76 23.89
C LEU B 229 53.04 -3.98 22.83
N ARG B 230 53.61 -2.88 22.39
CA ARG B 230 52.99 -2.03 21.38
C ARG B 230 52.73 -2.89 20.15
N TYR B 231 53.69 -3.75 19.84
CA TYR B 231 53.59 -4.62 18.69
C TYR B 231 52.62 -5.76 18.93
N MET B 232 52.67 -6.33 20.13
CA MET B 232 51.77 -7.41 20.49
C MET B 232 50.31 -6.91 20.36
N ASN B 233 50.04 -5.73 20.91
CA ASN B 233 48.71 -5.13 20.85
C ASN B 233 48.26 -4.89 19.40
N SER B 234 49.21 -4.75 18.50
CA SER B 234 48.87 -4.54 17.10
C SER B 234 48.46 -5.89 16.49
N PHE B 235 49.23 -6.94 16.80
CA PHE B 235 48.92 -8.29 16.31
C PHE B 235 47.49 -8.71 16.69
N THR B 236 47.10 -8.41 17.94
CA THR B 236 45.79 -8.77 18.45
C THR B 236 44.58 -8.22 17.68
N LYS B 237 44.82 -7.34 16.73
CA LYS B 237 43.76 -6.82 15.90
C LYS B 237 43.20 -7.99 15.07
N ALA B 238 44.00 -9.04 14.96
CA ALA B 238 43.60 -10.25 14.24
C ALA B 238 42.68 -11.16 15.08
N THR B 239 42.49 -10.80 16.36
CA THR B 239 41.65 -11.56 17.29
C THR B 239 40.32 -12.07 16.73
N PRO B 240 39.52 -11.19 16.10
CA PRO B 240 38.24 -11.70 15.57
C PRO B 240 38.32 -12.80 14.51
N LEU B 241 39.53 -13.06 14.00
CA LEU B 241 39.73 -14.11 12.99
C LEU B 241 39.66 -15.52 13.55
N SER B 242 39.98 -15.68 14.83
CA SER B 242 39.96 -16.99 15.45
C SER B 242 39.69 -16.93 16.95
N GLU B 243 39.31 -18.08 17.50
CA GLU B 243 39.03 -18.18 18.93
C GLU B 243 40.32 -18.58 19.63
N THR B 244 41.31 -18.96 18.83
CA THR B 244 42.60 -19.39 19.36
C THR B 244 43.82 -18.71 18.74
N VAL B 245 44.86 -18.56 19.53
CA VAL B 245 46.11 -17.98 19.08
C VAL B 245 47.26 -18.90 19.51
N THR B 246 48.25 -19.01 18.65
CA THR B 246 49.42 -19.84 18.94
C THR B 246 50.68 -18.99 18.97
N ILE B 247 51.44 -19.13 20.04
CA ILE B 247 52.68 -18.37 20.22
C ILE B 247 53.86 -19.33 20.25
N SER B 248 54.80 -19.14 19.33
CA SER B 248 55.99 -20.01 19.24
C SER B 248 57.26 -19.28 19.64
N LEU B 249 58.00 -19.86 20.58
CA LEU B 249 59.18 -19.22 21.11
C LEU B 249 60.45 -20.07 21.10
N SER B 250 61.56 -19.39 20.79
CA SER B 250 62.90 -19.99 20.74
C SER B 250 63.85 -18.89 21.20
N SER B 251 64.80 -19.27 22.05
CA SER B 251 65.76 -18.31 22.59
C SER B 251 66.56 -17.53 21.55
N GLU B 252 66.80 -18.13 20.39
CA GLU B 252 67.56 -17.45 19.35
C GLU B 252 66.76 -17.01 18.12
N LEU B 253 65.51 -16.61 18.33
CA LEU B 253 64.67 -16.19 17.20
C LEU B 253 63.51 -15.27 17.58
N PRO B 254 62.92 -14.60 16.59
CA PRO B 254 61.77 -13.72 16.85
C PRO B 254 60.60 -14.62 17.23
N VAL B 255 59.66 -14.07 18.00
CA VAL B 255 58.48 -14.84 18.38
C VAL B 255 57.50 -14.84 17.21
N VAL B 256 56.70 -15.89 17.13
CA VAL B 256 55.69 -16.00 16.08
C VAL B 256 54.32 -16.09 16.75
N VAL B 257 53.42 -15.20 16.34
CA VAL B 257 52.07 -15.19 16.89
C VAL B 257 51.17 -15.51 15.72
N GLU B 258 50.48 -16.64 15.81
CA GLU B 258 49.62 -17.08 14.70
C GLU B 258 48.13 -17.22 14.95
N TYR B 259 47.37 -16.76 13.98
CA TYR B 259 45.91 -16.85 14.01
C TYR B 259 45.49 -17.56 12.73
N LYS B 260 44.71 -18.63 12.87
CA LYS B 260 44.21 -19.39 11.71
C LYS B 260 43.05 -18.62 11.10
N VAL B 261 42.95 -18.67 9.77
CA VAL B 261 41.86 -18.00 9.03
C VAL B 261 40.91 -19.09 8.59
N ALA B 262 39.76 -19.09 9.21
CA ALA B 262 39.00 -20.23 8.91
C ALA B 262 39.90 -21.40 9.10
N GLU B 263 39.83 -22.12 8.04
CA GLU B 263 40.42 -23.37 7.80
C GLU B 263 41.09 -23.35 6.47
N MET B 264 41.38 -22.12 5.98
CA MET B 264 41.96 -21.96 4.66
C MET B 264 43.28 -21.21 4.62
N GLY B 265 43.88 -20.96 5.77
CA GLY B 265 45.15 -20.23 5.80
C GLY B 265 45.51 -19.64 7.14
N TYR B 266 46.20 -18.50 7.14
CA TYR B 266 46.62 -17.90 8.41
C TYR B 266 47.30 -16.55 8.31
N ILE B 267 47.48 -15.93 9.48
CA ILE B 267 48.20 -14.68 9.58
C ILE B 267 49.22 -14.96 10.66
N ARG B 268 50.49 -14.84 10.31
CA ARG B 268 51.59 -15.07 11.24
C ARG B 268 52.30 -13.75 11.48
N TYR B 269 52.38 -13.36 12.74
CA TYR B 269 53.05 -12.13 13.11
C TYR B 269 54.40 -12.51 13.70
N TYR B 270 55.45 -11.81 13.29
CA TYR B 270 56.80 -12.07 13.82
C TYR B 270 57.28 -10.83 14.54
N LEU B 271 57.88 -11.02 15.70
CA LEU B 271 58.36 -9.88 16.46
C LEU B 271 59.77 -10.08 17.02
N ALA B 272 60.70 -9.27 16.52
CA ALA B 272 62.08 -9.32 16.97
C ALA B 272 62.11 -8.96 18.45
N PRO B 273 62.91 -9.69 19.24
CA PRO B 273 63.03 -9.46 20.68
C PRO B 273 63.97 -8.33 21.10
N LYS B 274 63.91 -8.01 22.38
CA LYS B 274 64.76 -6.99 22.98
C LYS B 274 65.78 -7.74 23.81
N ILE B 275 67.04 -7.66 23.42
CA ILE B 275 68.12 -8.35 24.13
C ILE B 275 69.13 -7.37 24.72
N MET C 21 -4.92 28.24 24.41
CA MET C 21 -4.23 27.09 25.06
C MET C 21 -4.04 25.93 24.08
N LEU C 22 -2.90 25.26 24.19
CA LEU C 22 -2.57 24.13 23.35
C LEU C 22 -2.15 22.98 24.25
N GLU C 23 -2.77 21.82 24.07
CA GLU C 23 -2.43 20.65 24.87
C GLU C 23 -2.46 19.39 24.00
N LEU C 24 -1.28 18.87 23.69
CA LEU C 24 -1.15 17.69 22.85
C LEU C 24 -0.57 16.55 23.65
N ARG C 25 -1.35 15.50 23.85
CA ARG C 25 -0.90 14.33 24.61
C ARG C 25 -0.56 13.16 23.68
N LEU C 26 0.71 12.76 23.67
CA LEU C 26 1.17 11.65 22.82
C LEU C 26 1.62 10.48 23.68
N VAL C 27 0.90 9.37 23.59
CA VAL C 27 1.21 8.18 24.37
C VAL C 27 2.61 7.61 24.14
N GLN C 28 3.03 7.51 22.88
CA GLN C 28 4.37 7.01 22.57
C GLN C 28 5.37 8.17 22.45
N GLY C 29 5.86 8.64 23.59
CA GLY C 29 6.82 9.73 23.61
C GLY C 29 8.11 9.52 22.85
N SER C 30 8.48 8.26 22.61
CA SER C 30 9.71 7.97 21.89
C SER C 30 9.68 8.53 20.46
N LEU C 31 8.49 8.63 19.87
CA LEU C 31 8.32 9.15 18.51
C LEU C 31 8.80 10.60 18.41
N LEU C 32 8.32 11.44 19.34
CA LEU C 32 8.67 12.84 19.37
C LEU C 32 10.18 12.99 19.55
N LYS C 33 10.77 12.13 20.38
CA LYS C 33 12.21 12.16 20.62
C LYS C 33 12.96 11.86 19.31
N LYS C 34 12.53 10.81 18.62
CA LYS C 34 13.17 10.40 17.37
C LYS C 34 12.92 11.41 16.24
N VAL C 35 11.79 12.10 16.31
CA VAL C 35 11.45 13.10 15.31
C VAL C 35 12.38 14.32 15.45
N LEU C 36 12.58 14.77 16.68
CA LEU C 36 13.45 15.91 16.95
C LEU C 36 14.92 15.60 16.75
N GLU C 37 15.32 14.36 17.01
CA GLU C 37 16.72 13.98 16.82
C GLU C 37 17.03 13.98 15.34
N ALA C 38 15.99 13.80 14.54
CA ALA C 38 16.15 13.79 13.09
C ALA C 38 16.38 15.21 12.58
N VAL C 39 15.31 16.00 12.60
CA VAL C 39 15.35 17.37 12.13
C VAL C 39 16.42 18.30 12.72
N LYS C 40 16.83 18.07 13.96
CA LYS C 40 17.81 18.95 14.59
C LYS C 40 19.20 19.08 13.94
N ASP C 41 19.68 18.05 13.25
CA ASP C 41 21.00 18.13 12.64
C ASP C 41 21.00 18.84 11.28
N LEU C 42 19.82 19.03 10.72
CA LEU C 42 19.65 19.70 9.43
C LEU C 42 19.20 21.15 9.61
N VAL C 43 18.35 21.36 10.62
CA VAL C 43 17.80 22.68 10.92
C VAL C 43 17.96 23.07 12.39
N ASN C 44 18.53 24.25 12.63
CA ASN C 44 18.73 24.75 13.99
C ASN C 44 17.44 25.31 14.60
N ASP C 45 16.74 26.16 13.85
CA ASP C 45 15.49 26.77 14.33
C ASP C 45 14.35 26.67 13.34
N ALA C 46 13.16 26.41 13.86
CA ALA C 46 12.01 26.30 12.98
C ALA C 46 10.72 26.42 13.76
N ASN C 47 9.64 26.72 13.04
CA ASN C 47 8.32 26.85 13.63
C ASN C 47 7.59 25.54 13.59
N PHE C 48 6.86 25.25 14.67
CA PHE C 48 6.02 24.07 14.77
C PHE C 48 4.62 24.64 14.61
N ASP C 49 3.90 24.18 13.60
CA ASP C 49 2.56 24.67 13.34
C ASP C 49 1.53 23.69 13.87
N CYS C 50 0.62 24.20 14.68
CA CYS C 50 -0.44 23.38 15.25
C CYS C 50 -1.76 23.84 14.69
N SER C 51 -2.50 22.90 14.13
CA SER C 51 -3.81 23.20 13.57
C SER C 51 -4.75 22.05 13.91
N THR C 52 -5.98 22.15 13.46
CA THR C 52 -6.98 21.10 13.68
C THR C 52 -6.44 19.83 13.02
N THR C 53 -5.72 20.00 11.92
CA THR C 53 -5.12 18.90 11.16
C THR C 53 -4.08 18.17 11.99
N GLY C 54 -3.14 18.93 12.54
CA GLY C 54 -2.09 18.33 13.35
C GLY C 54 -0.86 19.18 13.60
N PHE C 55 0.13 18.52 14.20
CA PHE C 55 1.43 19.09 14.55
C PHE C 55 2.35 18.95 13.34
N SER C 56 2.72 20.08 12.73
CA SER C 56 3.58 20.04 11.55
C SER C 56 4.78 20.99 11.60
N LEU C 57 5.64 20.89 10.60
CA LEU C 57 6.84 21.73 10.49
C LEU C 57 7.37 21.71 9.08
N GLN C 58 7.82 22.86 8.60
CA GLN C 58 8.42 22.93 7.28
C GLN C 58 9.57 23.93 7.36
N ALA C 59 10.75 23.52 6.92
CA ALA C 59 11.89 24.41 6.96
C ALA C 59 13.00 23.90 6.07
N MET C 60 13.82 24.85 5.61
CA MET C 60 14.96 24.53 4.77
C MET C 60 16.21 24.71 5.62
N ASP C 61 17.32 24.12 5.20
CA ASP C 61 18.58 24.27 5.93
C ASP C 61 19.08 25.70 5.65
N SER C 62 20.23 26.07 6.21
CA SER C 62 20.74 27.42 6.02
C SER C 62 21.05 27.80 4.56
N SER C 63 21.48 26.83 3.78
CA SER C 63 21.84 27.03 2.37
C SER C 63 20.65 27.03 1.40
N HIS C 64 19.52 26.50 1.86
CA HIS C 64 18.32 26.37 1.05
C HIS C 64 18.47 25.23 0.04
N VAL C 65 19.45 24.37 0.28
CA VAL C 65 19.69 23.22 -0.56
C VAL C 65 18.71 22.08 -0.22
N ALA C 66 18.43 21.90 1.07
CA ALA C 66 17.52 20.85 1.54
C ALA C 66 16.30 21.43 2.26
N LEU C 67 15.23 20.65 2.30
CA LEU C 67 14.01 21.08 2.98
C LEU C 67 13.42 19.90 3.74
N VAL C 68 12.85 20.16 4.92
CA VAL C 68 12.23 19.12 5.72
C VAL C 68 10.75 19.43 6.00
N SER C 69 9.90 18.47 5.70
CA SER C 69 8.47 18.59 5.93
C SER C 69 8.05 17.49 6.92
N LEU C 70 7.49 17.91 8.04
CA LEU C 70 7.06 17.01 9.11
C LEU C 70 5.57 17.11 9.40
N LEU C 71 4.94 15.96 9.66
CA LEU C 71 3.53 15.92 10.01
C LEU C 71 3.20 14.83 11.02
N LEU C 72 2.58 15.25 12.11
CA LEU C 72 2.13 14.31 13.13
C LEU C 72 0.64 14.59 13.19
N ARG C 73 -0.13 13.79 12.46
CA ARG C 73 -1.58 13.96 12.39
C ARG C 73 -2.24 13.88 13.77
N SER C 74 -3.27 14.70 13.94
CA SER C 74 -4.02 14.79 15.19
C SER C 74 -4.52 13.43 15.69
N GLU C 75 -4.84 12.55 14.76
CA GLU C 75 -5.35 11.22 15.10
C GLU C 75 -4.38 10.44 15.98
N GLY C 76 -3.07 10.66 15.77
CA GLY C 76 -2.05 9.95 16.53
C GLY C 76 -1.98 10.30 18.01
N PHE C 77 -2.41 11.50 18.35
CA PHE C 77 -2.40 11.94 19.73
C PHE C 77 -3.62 11.40 20.49
N GLU C 78 -3.38 10.87 21.68
CA GLU C 78 -4.44 10.31 22.52
C GLU C 78 -5.36 11.46 22.96
N HIS C 79 -4.84 12.68 22.90
CA HIS C 79 -5.59 13.87 23.27
C HIS C 79 -5.06 15.02 22.41
N TYR C 80 -5.94 15.61 21.61
CA TYR C 80 -5.55 16.72 20.76
C TYR C 80 -6.43 17.93 20.98
N ARG C 81 -5.86 18.95 21.61
CA ARG C 81 -6.56 20.19 21.92
C ARG C 81 -5.85 21.36 21.26
N CYS C 82 -6.53 22.01 20.33
CA CYS C 82 -5.98 23.17 19.63
C CYS C 82 -7.11 24.13 19.28
N ASP C 83 -7.33 25.09 20.18
CA ASP C 83 -8.39 26.09 20.02
C ASP C 83 -8.27 26.97 18.78
N ARG C 84 -7.03 27.34 18.43
CA ARG C 84 -6.77 28.17 17.25
C ARG C 84 -5.39 27.86 16.64
N ASN C 85 -5.27 28.10 15.33
CA ASN C 85 -4.03 27.85 14.62
C ASN C 85 -2.92 28.73 15.18
N LEU C 86 -1.81 28.09 15.55
CA LEU C 86 -0.69 28.82 16.13
C LEU C 86 0.65 28.23 15.72
N SER C 87 1.72 29.02 15.90
CA SER C 87 3.06 28.59 15.55
C SER C 87 4.01 28.83 16.71
N MET C 88 4.88 27.85 16.97
CA MET C 88 5.84 27.97 18.05
C MET C 88 7.25 27.95 17.50
N GLY C 89 7.94 29.08 17.60
CA GLY C 89 9.30 29.16 17.12
C GLY C 89 10.21 28.45 18.11
N MET C 90 11.03 27.53 17.63
CA MET C 90 11.89 26.80 18.55
C MET C 90 13.28 26.44 18.11
N ASN C 91 14.19 26.43 19.09
CA ASN C 91 15.57 26.03 18.92
C ASN C 91 15.42 24.51 19.01
N LEU C 92 15.56 23.82 17.88
CA LEU C 92 15.39 22.38 17.84
C LEU C 92 16.33 21.59 18.74
N GLY C 93 17.59 22.02 18.81
CA GLY C 93 18.57 21.36 19.66
C GLY C 93 18.12 21.40 21.11
N ASN C 94 17.70 22.59 21.57
CA ASN C 94 17.23 22.79 22.94
C ASN C 94 16.02 21.90 23.26
N MET C 95 15.05 21.85 22.34
CA MET C 95 13.87 21.02 22.54
C MET C 95 14.31 19.55 22.59
N SER C 96 15.27 19.18 21.76
CA SER C 96 15.78 17.82 21.73
C SER C 96 16.50 17.45 23.05
N LYS C 97 17.26 18.40 23.61
CA LYS C 97 17.95 18.16 24.87
C LYS C 97 16.92 17.87 25.94
N MET C 98 15.80 18.57 25.88
CA MET C 98 14.74 18.37 26.84
C MET C 98 14.03 17.05 26.65
N LEU C 99 13.72 16.71 25.41
CA LEU C 99 13.03 15.45 25.14
C LEU C 99 13.90 14.21 25.41
N LYS C 100 15.22 14.41 25.42
CA LYS C 100 16.17 13.32 25.67
C LYS C 100 16.01 12.84 27.13
N CYS C 101 15.44 13.73 27.95
CA CYS C 101 15.21 13.48 29.38
C CYS C 101 13.99 12.64 29.69
N ALA C 102 13.12 12.46 28.72
CA ALA C 102 11.93 11.66 28.93
C ALA C 102 12.27 10.21 28.64
N GLY C 103 11.68 9.29 29.40
CA GLY C 103 11.93 7.88 29.16
C GLY C 103 11.13 7.46 27.94
N ASN C 104 11.66 6.54 27.14
CA ASN C 104 10.97 6.08 25.94
C ASN C 104 9.55 5.59 26.23
N ASP C 105 9.32 5.18 27.47
CA ASP C 105 8.02 4.69 27.93
C ASP C 105 7.07 5.81 28.34
N ASP C 106 7.62 7.00 28.53
CA ASP C 106 6.82 8.15 28.95
C ASP C 106 5.76 8.66 28.00
N ILE C 107 4.74 9.27 28.61
CA ILE C 107 3.64 9.88 27.90
C ILE C 107 3.99 11.36 27.87
N ILE C 108 4.30 11.86 26.67
CA ILE C 108 4.66 13.28 26.52
C ILE C 108 3.45 14.14 26.19
N THR C 109 3.41 15.31 26.81
CA THR C 109 2.33 16.27 26.61
C THR C 109 2.93 17.64 26.34
N ILE C 110 2.53 18.25 25.22
CA ILE C 110 2.98 19.58 24.86
C ILE C 110 1.87 20.56 25.27
N LYS C 111 2.19 21.49 26.16
CA LYS C 111 1.24 22.48 26.64
C LYS C 111 1.72 23.89 26.34
N ALA C 112 0.82 24.73 25.82
CA ALA C 112 1.19 26.11 25.49
C ALA C 112 0.01 27.07 25.60
N ASP C 113 0.19 28.12 26.39
CA ASP C 113 -0.83 29.15 26.58
C ASP C 113 -0.42 30.29 25.65
N ASP C 114 -1.26 30.54 24.65
CA ASP C 114 -0.99 31.58 23.64
C ASP C 114 -0.55 32.95 24.19
N GLY C 115 -0.84 33.20 25.47
CA GLY C 115 -0.45 34.45 26.10
C GLY C 115 0.98 34.53 26.65
N SER C 116 1.75 33.45 26.53
CA SER C 116 3.13 33.44 27.01
C SER C 116 4.10 32.98 25.92
N ASP C 117 5.37 33.34 26.08
CA ASP C 117 6.40 32.95 25.13
C ASP C 117 7.20 31.75 25.64
N THR C 118 6.48 30.77 26.18
CA THR C 118 7.06 29.55 26.70
C THR C 118 6.19 28.36 26.32
N VAL C 119 6.83 27.20 26.23
CA VAL C 119 6.12 25.97 25.91
C VAL C 119 6.48 24.99 27.03
N THR C 120 5.53 24.12 27.39
CA THR C 120 5.77 23.15 28.46
C THR C 120 5.69 21.69 27.99
N PHE C 121 6.74 20.93 28.32
CA PHE C 121 6.82 19.51 28.00
C PHE C 121 6.66 18.70 29.29
N MET C 122 5.57 17.95 29.40
CA MET C 122 5.33 17.13 30.57
C MET C 122 5.72 15.69 30.21
N PHE C 123 6.43 15.02 31.11
CA PHE C 123 6.85 13.63 30.91
C PHE C 123 6.28 12.78 32.06
N GLU C 124 5.31 11.92 31.77
CA GLU C 124 4.69 11.08 32.79
C GLU C 124 4.92 9.59 32.57
N SER C 125 5.22 8.89 33.65
CA SER C 125 5.43 7.46 33.60
C SER C 125 4.04 6.84 33.55
N PRO C 126 3.92 5.61 33.02
CA PRO C 126 2.62 4.92 32.92
C PRO C 126 1.90 4.84 34.27
N THR C 127 2.68 4.58 35.32
CA THR C 127 2.15 4.45 36.68
C THR C 127 1.87 5.80 37.34
N GLN C 128 2.40 6.88 36.76
CA GLN C 128 2.25 8.24 37.27
C GLN C 128 3.04 8.52 38.56
N ASP C 129 4.01 7.66 38.84
CA ASP C 129 4.83 7.85 40.03
C ASP C 129 5.94 8.86 39.78
N LYS C 130 6.11 9.25 38.52
CA LYS C 130 7.11 10.22 38.11
C LYS C 130 6.56 11.19 37.06
N ILE C 131 6.54 12.46 37.43
CA ILE C 131 6.04 13.51 36.55
C ILE C 131 7.10 14.60 36.41
N ALA C 132 7.53 14.81 35.17
CA ALA C 132 8.54 15.82 34.86
C ALA C 132 7.91 17.01 34.16
N ASP C 133 8.44 18.18 34.45
CA ASP C 133 7.96 19.43 33.91
C ASP C 133 9.17 20.19 33.33
N PHE C 134 9.18 20.36 32.01
CA PHE C 134 10.27 21.07 31.33
C PHE C 134 9.77 22.31 30.59
N GLU C 135 10.01 23.50 31.14
CA GLU C 135 9.63 24.77 30.51
C GLU C 135 10.75 25.27 29.60
N MET C 136 10.38 25.81 28.44
CA MET C 136 11.36 26.32 27.48
C MET C 136 10.86 27.61 26.84
N LYS C 137 11.76 28.54 26.59
CA LYS C 137 11.37 29.79 25.96
C LYS C 137 11.24 29.64 24.46
N LEU C 138 10.22 30.26 23.88
CA LEU C 138 10.01 30.23 22.44
C LEU C 138 10.85 31.37 21.82
N MET C 139 10.67 31.60 20.53
CA MET C 139 11.39 32.68 19.85
C MET C 139 10.65 33.03 18.56
N ASP C 140 10.77 34.28 18.13
CA ASP C 140 10.12 34.73 16.91
C ASP C 140 10.93 34.21 15.74
N ILE C 141 10.30 33.43 14.89
CA ILE C 141 10.99 32.90 13.73
C ILE C 141 10.19 33.27 12.50
N ASP C 142 10.89 33.82 11.52
CA ASP C 142 10.33 34.25 10.25
C ASP C 142 10.95 33.35 9.19
N SER C 143 10.42 32.14 9.04
CA SER C 143 10.96 31.19 8.07
C SER C 143 10.17 31.20 6.76
N GLU C 144 10.85 30.84 5.68
CA GLU C 144 10.25 30.80 4.37
C GLU C 144 9.60 29.44 4.11
N HIS C 145 8.30 29.42 3.82
CA HIS C 145 7.57 28.19 3.54
C HIS C 145 7.31 28.04 2.04
N LEU C 146 7.69 26.88 1.49
CA LEU C 146 7.51 26.62 0.07
C LEU C 146 6.26 25.83 -0.25
N GLY C 147 5.70 26.08 -1.43
CA GLY C 147 4.51 25.37 -1.87
C GLY C 147 5.00 24.17 -2.65
N ILE C 148 4.74 22.98 -2.13
CA ILE C 148 5.15 21.75 -2.78
C ILE C 148 3.97 20.99 -3.34
N PRO C 149 3.84 20.99 -4.67
CA PRO C 149 2.72 20.29 -5.30
C PRO C 149 2.97 18.78 -5.31
N ASP C 150 1.90 18.01 -5.24
CA ASP C 150 2.00 16.56 -5.30
C ASP C 150 2.39 16.26 -6.74
N ALA C 151 3.00 15.12 -6.96
CA ALA C 151 3.41 14.72 -8.30
C ALA C 151 3.75 13.24 -8.27
N GLU C 152 3.50 12.54 -9.38
CA GLU C 152 3.86 11.14 -9.45
C GLU C 152 5.28 11.18 -9.98
N TYR C 153 6.22 10.72 -9.17
CA TYR C 153 7.61 10.73 -9.58
C TYR C 153 7.89 9.61 -10.57
N HIS C 154 8.88 9.82 -11.44
CA HIS C 154 9.24 8.83 -12.45
C HIS C 154 9.74 7.50 -11.88
N SER C 155 10.41 7.57 -10.72
CA SER C 155 10.94 6.37 -10.10
C SER C 155 10.80 6.43 -8.60
N ILE C 156 10.27 5.36 -8.03
CA ILE C 156 10.12 5.28 -6.59
C ILE C 156 10.88 4.07 -6.09
N VAL C 157 11.74 4.28 -5.10
CA VAL C 157 12.53 3.22 -4.53
C VAL C 157 12.23 3.05 -3.05
N ARG C 158 11.82 1.84 -2.69
CA ARG C 158 11.50 1.51 -1.30
C ARG C 158 12.52 0.47 -0.87
N MET C 159 13.25 0.74 0.20
CA MET C 159 14.26 -0.20 0.69
C MET C 159 14.36 -0.11 2.20
N PRO C 160 15.05 -1.07 2.82
CA PRO C 160 15.19 -1.03 4.27
C PRO C 160 15.95 0.24 4.67
N SER C 161 15.42 0.98 5.64
CA SER C 161 16.03 2.21 6.08
C SER C 161 17.50 2.02 6.47
N GLY C 162 17.79 0.93 7.17
CA GLY C 162 19.16 0.65 7.58
C GLY C 162 20.11 0.50 6.41
N GLU C 163 19.60 -0.08 5.33
CA GLU C 163 20.40 -0.27 4.12
C GLU C 163 20.68 1.07 3.42
N PHE C 164 19.70 1.98 3.40
CA PHE C 164 19.87 3.28 2.76
C PHE C 164 20.94 4.05 3.52
N SER C 165 20.90 3.94 4.84
CA SER C 165 21.86 4.59 5.73
C SER C 165 23.25 4.02 5.48
N ARG C 166 23.29 2.73 5.19
CA ARG C 166 24.53 1.99 4.93
C ARG C 166 25.17 2.48 3.63
N ILE C 167 24.37 2.57 2.59
CA ILE C 167 24.83 3.02 1.29
C ILE C 167 25.40 4.44 1.36
N CYS C 168 24.65 5.36 1.97
CA CYS C 168 25.08 6.75 2.08
C CYS C 168 26.34 6.89 2.92
N LYS C 169 26.41 6.18 4.04
CA LYS C 169 27.58 6.22 4.91
C LYS C 169 28.81 5.66 4.18
N ASP C 170 28.65 4.49 3.57
CA ASP C 170 29.73 3.85 2.82
C ASP C 170 30.24 4.72 1.68
N LEU C 171 29.33 5.12 0.80
CA LEU C 171 29.72 5.94 -0.35
C LEU C 171 30.34 7.27 0.04
N SER C 172 29.97 7.83 1.19
CA SER C 172 30.52 9.10 1.60
C SER C 172 31.96 8.93 2.09
N SER C 173 32.38 7.69 2.29
CA SER C 173 33.75 7.43 2.74
C SER C 173 34.65 7.40 1.50
N ILE C 174 34.01 7.38 0.34
CA ILE C 174 34.70 7.35 -0.94
C ILE C 174 34.67 8.69 -1.67
N GLY C 175 33.49 9.31 -1.73
CA GLY C 175 33.33 10.58 -2.40
C GLY C 175 32.36 11.51 -1.71
N ASP C 176 31.96 12.59 -2.38
CA ASP C 176 31.04 13.56 -1.78
C ASP C 176 29.71 13.64 -2.54
N THR C 177 29.71 13.12 -3.76
CA THR C 177 28.53 13.19 -4.60
C THR C 177 28.05 11.80 -4.98
N VAL C 178 26.73 11.60 -4.96
CA VAL C 178 26.18 10.31 -5.33
C VAL C 178 25.26 10.43 -6.52
N VAL C 179 25.51 9.60 -7.53
CA VAL C 179 24.69 9.58 -8.71
C VAL C 179 23.68 8.44 -8.48
N ILE C 180 22.42 8.81 -8.37
CA ILE C 180 21.36 7.84 -8.15
C ILE C 180 20.59 7.72 -9.44
N SER C 181 20.76 6.61 -10.14
CA SER C 181 20.04 6.39 -11.39
C SER C 181 19.19 5.12 -11.35
N VAL C 182 17.95 5.27 -11.81
CA VAL C 182 17.02 4.15 -11.83
C VAL C 182 16.68 3.79 -13.27
N THR C 183 16.92 2.52 -13.63
CA THR C 183 16.60 2.01 -14.95
C THR C 183 15.88 0.68 -14.78
N LYS C 184 15.68 -0.03 -15.88
CA LYS C 184 15.02 -1.33 -15.85
C LYS C 184 15.87 -2.36 -15.11
N GLU C 185 17.17 -2.10 -15.00
CA GLU C 185 18.08 -3.01 -14.31
C GLU C 185 18.25 -2.72 -12.82
N GLY C 186 17.40 -1.86 -12.26
CA GLY C 186 17.48 -1.54 -10.84
C GLY C 186 17.95 -0.15 -10.50
N VAL C 187 18.29 0.08 -9.24
CA VAL C 187 18.78 1.37 -8.80
C VAL C 187 20.29 1.36 -8.49
N LYS C 188 21.02 2.24 -9.15
CA LYS C 188 22.46 2.34 -8.95
C LYS C 188 22.84 3.59 -8.16
N PHE C 189 23.74 3.40 -7.20
CA PHE C 189 24.24 4.47 -6.35
C PHE C 189 25.74 4.48 -6.60
N SER C 190 26.26 5.53 -7.23
CA SER C 190 27.69 5.58 -7.48
C SER C 190 28.35 6.88 -7.10
N THR C 191 29.63 6.77 -6.75
CA THR C 191 30.41 7.92 -6.35
C THR C 191 31.89 7.71 -6.70
N ALA C 192 32.64 8.81 -6.77
CA ALA C 192 34.04 8.77 -7.11
C ALA C 192 34.80 9.75 -6.24
N GLY C 193 36.04 9.40 -5.90
CA GLY C 193 36.85 10.26 -5.07
C GLY C 193 38.32 9.99 -5.24
N ASP C 194 39.13 10.59 -4.38
CA ASP C 194 40.58 10.42 -4.44
C ASP C 194 41.05 8.97 -4.40
N ILE C 195 40.37 8.11 -3.64
CA ILE C 195 40.81 6.73 -3.57
C ILE C 195 40.24 5.77 -4.61
N GLY C 196 39.26 6.23 -5.39
CA GLY C 196 38.68 5.37 -6.41
C GLY C 196 37.19 5.58 -6.65
N THR C 197 36.56 4.59 -7.26
CA THR C 197 35.13 4.68 -7.54
C THR C 197 34.35 3.57 -6.86
N ALA C 198 33.05 3.78 -6.69
CA ALA C 198 32.19 2.82 -6.06
C ALA C 198 30.75 2.99 -6.50
N ASN C 199 30.10 1.88 -6.82
CA ASN C 199 28.70 1.90 -7.20
C ASN C 199 28.01 0.74 -6.52
N ILE C 200 26.73 0.92 -6.21
CA ILE C 200 25.94 -0.11 -5.55
C ILE C 200 24.60 -0.27 -6.28
N VAL C 201 24.37 -1.47 -6.80
CA VAL C 201 23.16 -1.78 -7.54
C VAL C 201 22.21 -2.69 -6.75
N LEU C 202 20.99 -2.22 -6.56
CA LEU C 202 19.98 -2.96 -5.85
C LEU C 202 18.92 -3.32 -6.85
N ARG C 203 18.45 -4.56 -6.78
CA ARG C 203 17.40 -5.05 -7.67
C ARG C 203 16.38 -5.75 -6.79
N GLN C 204 15.15 -5.86 -7.26
CA GLN C 204 14.13 -6.57 -6.51
C GLN C 204 14.49 -8.05 -6.54
N ASN C 205 14.15 -8.76 -5.47
CA ASN C 205 14.40 -10.19 -5.40
C ASN C 205 13.20 -10.91 -6.06
N THR C 206 13.36 -12.22 -6.27
CA THR C 206 12.30 -13.03 -6.87
C THR C 206 11.03 -12.87 -6.04
N THR C 207 11.21 -12.79 -4.72
CA THR C 207 10.12 -12.58 -3.78
C THR C 207 10.71 -11.80 -2.60
N VAL C 208 9.84 -11.18 -1.81
CA VAL C 208 10.27 -10.47 -0.61
C VAL C 208 10.04 -11.51 0.49
N ASP C 209 11.07 -12.31 0.75
CA ASP C 209 10.95 -13.36 1.76
C ASP C 209 11.56 -13.02 3.12
N LYS C 210 12.09 -11.81 3.22
CA LYS C 210 12.70 -11.32 4.46
C LYS C 210 12.86 -9.80 4.37
N PRO C 211 12.97 -9.12 5.52
CA PRO C 211 13.14 -7.65 5.57
C PRO C 211 14.25 -7.12 4.67
N GLU C 212 15.40 -7.80 4.69
CA GLU C 212 16.56 -7.43 3.87
C GLU C 212 16.15 -7.35 2.39
N ASP C 213 15.40 -8.36 1.95
CA ASP C 213 14.96 -8.46 0.56
C ASP C 213 13.75 -7.59 0.22
N ALA C 214 13.34 -6.74 1.17
CA ALA C 214 12.21 -5.85 0.97
C ALA C 214 12.62 -4.62 0.19
N ILE C 215 13.04 -4.85 -1.06
CA ILE C 215 13.46 -3.79 -1.95
C ILE C 215 12.45 -3.75 -3.09
N VAL C 216 11.68 -2.67 -3.15
CA VAL C 216 10.69 -2.48 -4.20
C VAL C 216 11.16 -1.30 -5.04
N ILE C 217 11.24 -1.49 -6.35
CA ILE C 217 11.69 -0.44 -7.25
C ILE C 217 10.70 -0.14 -8.36
N GLU C 218 9.90 0.91 -8.20
CA GLU C 218 8.94 1.32 -9.22
C GLU C 218 9.68 2.25 -10.18
N MET C 219 9.51 2.04 -11.49
CA MET C 219 10.19 2.85 -12.48
C MET C 219 9.36 3.07 -13.74
N ASN C 220 8.64 4.19 -13.79
CA ASN C 220 7.81 4.54 -14.93
C ASN C 220 8.69 5.03 -16.07
N GLU C 221 9.63 5.91 -15.73
CA GLU C 221 10.58 6.48 -16.70
C GLU C 221 11.96 6.58 -16.04
N PRO C 222 13.02 6.22 -16.77
CA PRO C 222 14.40 6.29 -16.25
C PRO C 222 14.78 7.65 -15.67
N VAL C 223 15.47 7.62 -14.54
CA VAL C 223 15.91 8.84 -13.88
C VAL C 223 17.38 8.71 -13.50
N SER C 224 18.06 9.84 -13.42
CA SER C 224 19.46 9.89 -13.07
C SER C 224 19.79 11.29 -12.58
N LEU C 225 20.11 11.39 -11.30
CA LEU C 225 20.43 12.67 -10.68
C LEU C 225 21.64 12.53 -9.77
N SER C 226 22.29 13.65 -9.47
CA SER C 226 23.46 13.66 -8.61
C SER C 226 23.17 14.51 -7.37
N PHE C 227 23.55 13.99 -6.20
CA PHE C 227 23.29 14.71 -4.95
C PHE C 227 24.48 14.72 -4.03
N ALA C 228 24.49 15.69 -3.11
CA ALA C 228 25.54 15.81 -2.12
C ALA C 228 25.23 14.82 -0.98
N LEU C 229 26.12 13.86 -0.78
CA LEU C 229 25.97 12.82 0.26
C LEU C 229 25.91 13.37 1.68
N ARG C 230 26.54 14.51 1.88
CA ARG C 230 26.54 15.15 3.19
C ARG C 230 25.10 15.42 3.64
N TYR C 231 24.21 15.70 2.69
CA TYR C 231 22.82 15.97 3.00
C TYR C 231 22.03 14.68 3.17
N MET C 232 22.32 13.70 2.30
CA MET C 232 21.64 12.41 2.37
C MET C 232 21.88 11.82 3.75
N ASN C 233 23.14 11.88 4.19
CA ASN C 233 23.55 11.36 5.48
C ASN C 233 22.88 12.06 6.65
N SER C 234 22.42 13.27 6.42
CA SER C 234 21.73 14.02 7.46
C SER C 234 20.29 13.49 7.56
N PHE C 235 19.72 13.11 6.42
CA PHE C 235 18.36 12.57 6.38
C PHE C 235 18.27 11.23 7.12
N THR C 236 19.37 10.48 7.11
CA THR C 236 19.43 9.16 7.73
C THR C 236 19.34 9.18 9.26
N LYS C 237 19.37 10.37 9.82
CA LYS C 237 19.23 10.51 11.26
C LYS C 237 17.81 10.09 11.65
N ALA C 238 16.92 10.05 10.65
CA ALA C 238 15.53 9.66 10.86
C ALA C 238 15.35 8.14 10.84
N THR C 239 16.41 7.40 10.49
CA THR C 239 16.40 5.94 10.41
C THR C 239 15.60 5.20 11.48
N PRO C 240 15.85 5.46 12.78
CA PRO C 240 15.09 4.76 13.83
C PRO C 240 13.57 4.97 13.85
N LEU C 241 13.06 5.91 13.05
CA LEU C 241 11.62 6.14 13.00
C LEU C 241 10.85 5.04 12.27
N SER C 242 11.49 4.40 11.30
CA SER C 242 10.85 3.34 10.53
C SER C 242 11.88 2.39 9.95
N GLU C 243 11.44 1.17 9.66
CA GLU C 243 12.31 0.14 9.09
C GLU C 243 12.47 0.35 7.58
N THR C 244 11.60 1.18 7.01
CA THR C 244 11.59 1.44 5.58
C THR C 244 11.76 2.92 5.21
N VAL C 245 12.40 3.18 4.08
CA VAL C 245 12.59 4.52 3.57
C VAL C 245 12.14 4.47 2.13
N THR C 246 11.45 5.52 1.70
CA THR C 246 10.95 5.60 0.33
C THR C 246 11.64 6.76 -0.40
N ILE C 247 12.26 6.45 -1.54
CA ILE C 247 12.97 7.45 -2.33
C ILE C 247 12.26 7.72 -3.65
N SER C 248 11.81 8.96 -3.84
CA SER C 248 11.11 9.37 -5.06
C SER C 248 11.96 10.29 -5.94
N LEU C 249 12.01 9.97 -7.23
CA LEU C 249 12.82 10.74 -8.17
C LEU C 249 12.16 11.09 -9.51
N SER C 250 12.43 12.31 -9.97
CA SER C 250 11.96 12.84 -11.24
C SER C 250 13.15 13.61 -11.81
N SER C 251 13.32 13.55 -13.12
CA SER C 251 14.44 14.20 -13.79
C SER C 251 14.59 15.71 -13.61
N GLU C 252 13.50 16.41 -13.29
CA GLU C 252 13.58 17.85 -13.12
C GLU C 252 13.09 18.34 -11.77
N LEU C 253 13.32 17.56 -10.73
CA LEU C 253 12.86 17.93 -9.40
C LEU C 253 13.77 17.43 -8.28
N PRO C 254 13.65 18.03 -7.09
CA PRO C 254 14.49 17.59 -5.96
C PRO C 254 13.98 16.20 -5.57
N VAL C 255 14.89 15.36 -5.09
CA VAL C 255 14.54 14.02 -4.67
C VAL C 255 13.73 14.08 -3.38
N VAL C 256 13.02 13.01 -3.06
CA VAL C 256 12.25 12.98 -1.83
C VAL C 256 12.63 11.72 -1.07
N VAL C 257 12.98 11.89 0.20
CA VAL C 257 13.36 10.78 1.06
C VAL C 257 12.36 10.83 2.21
N GLU C 258 11.50 9.82 2.32
CA GLU C 258 10.48 9.80 3.37
C GLU C 258 10.52 8.62 4.34
N TYR C 259 10.26 8.93 5.60
CA TYR C 259 10.22 7.96 6.70
C TYR C 259 8.87 8.18 7.39
N LYS C 260 8.07 7.13 7.45
CA LYS C 260 6.77 7.21 8.10
C LYS C 260 6.96 7.22 9.61
N VAL C 261 6.14 7.98 10.30
CA VAL C 261 6.18 8.10 11.75
C VAL C 261 5.12 7.23 12.29
N ALA C 262 5.61 6.09 12.77
CA ALA C 262 4.66 5.13 13.17
C ALA C 262 3.67 5.17 12.04
N GLU C 263 2.47 5.28 12.47
CA GLU C 263 1.31 5.22 11.64
C GLU C 263 0.52 6.52 11.69
N MET C 264 1.11 7.56 12.26
CA MET C 264 0.41 8.82 12.44
C MET C 264 0.95 10.03 11.66
N GLY C 265 1.81 9.80 10.69
CA GLY C 265 2.37 10.93 9.96
C GLY C 265 3.65 10.60 9.23
N TYR C 266 4.58 11.55 9.17
CA TYR C 266 5.83 11.33 8.45
C TYR C 266 6.84 12.48 8.51
N ILE C 267 8.04 12.20 8.02
CA ILE C 267 9.09 13.20 7.88
C ILE C 267 9.50 13.04 6.43
N ARG C 268 9.48 14.14 5.68
CA ARG C 268 9.87 14.13 4.27
C ARG C 268 11.06 15.06 4.05
N TYR C 269 12.12 14.53 3.47
CA TYR C 269 13.28 15.33 3.19
C TYR C 269 13.35 15.60 1.70
N TYR C 270 13.63 16.85 1.33
CA TYR C 270 13.76 17.25 -0.07
C TYR C 270 15.19 17.73 -0.28
N LEU C 271 15.80 17.29 -1.37
CA LEU C 271 17.17 17.69 -1.64
C LEU C 271 17.37 18.12 -3.09
N ALA C 272 17.70 19.39 -3.28
CA ALA C 272 17.94 19.92 -4.62
C ALA C 272 19.11 19.19 -5.24
N PRO C 273 19.05 18.92 -6.55
CA PRO C 273 20.11 18.22 -7.27
C PRO C 273 21.28 19.09 -7.71
N LYS C 274 22.31 18.43 -8.22
CA LYS C 274 23.50 19.08 -8.74
C LYS C 274 23.40 18.92 -10.25
N ILE C 275 23.17 20.02 -10.95
CA ILE C 275 23.03 19.98 -12.39
C ILE C 275 24.14 20.78 -13.10
N MET D 21 17.24 -35.33 -28.57
CA MET D 21 16.24 -34.33 -28.10
C MET D 21 15.70 -33.45 -29.25
N LEU D 22 14.58 -32.78 -28.99
CA LEU D 22 13.94 -31.90 -29.94
C LEU D 22 13.53 -30.61 -29.23
N GLU D 23 14.13 -29.49 -29.63
CA GLU D 23 13.81 -28.21 -29.03
C GLU D 23 13.63 -27.14 -30.10
N LEU D 24 12.40 -26.65 -30.22
CA LEU D 24 12.08 -25.64 -31.21
C LEU D 24 11.54 -24.38 -30.53
N ARG D 25 12.29 -23.29 -30.65
CA ARG D 25 11.88 -22.02 -30.05
C ARG D 25 11.36 -21.06 -31.13
N LEU D 26 10.10 -20.66 -30.97
CA LEU D 26 9.46 -19.75 -31.90
C LEU D 26 9.16 -18.47 -31.13
N VAL D 27 9.81 -17.37 -31.51
CA VAL D 27 9.59 -16.09 -30.83
C VAL D 27 8.13 -15.65 -30.91
N GLN D 28 7.59 -15.55 -32.12
CA GLN D 28 6.19 -15.15 -32.29
C GLN D 28 5.27 -16.37 -32.11
N GLY D 29 5.00 -16.69 -30.84
CA GLY D 29 4.15 -17.83 -30.53
C GLY D 29 2.73 -17.76 -31.09
N SER D 30 2.20 -16.54 -31.24
CA SER D 30 0.86 -16.37 -31.78
C SER D 30 0.68 -17.09 -33.11
N LEU D 31 1.74 -17.22 -33.90
CA LEU D 31 1.65 -17.93 -35.17
C LEU D 31 1.32 -19.42 -34.94
N LEU D 32 1.97 -20.03 -33.96
CA LEU D 32 1.71 -21.42 -33.67
C LEU D 32 0.26 -21.61 -33.25
N LYS D 33 -0.29 -20.62 -32.54
CA LYS D 33 -1.67 -20.64 -32.09
C LYS D 33 -2.63 -20.60 -33.27
N LYS D 34 -2.35 -19.68 -34.20
CA LYS D 34 -3.18 -19.51 -35.39
C LYS D 34 -3.14 -20.70 -36.35
N VAL D 35 -1.99 -21.37 -36.40
CA VAL D 35 -1.86 -22.54 -37.25
C VAL D 35 -2.73 -23.66 -36.70
N LEU D 36 -2.61 -23.93 -35.40
CA LEU D 36 -3.40 -24.99 -34.76
C LEU D 36 -4.90 -24.73 -34.80
N GLU D 37 -5.28 -23.47 -34.67
CA GLU D 37 -6.69 -23.06 -34.71
C GLU D 37 -7.25 -23.36 -36.09
N ALA D 38 -6.39 -23.23 -37.11
CA ALA D 38 -6.77 -23.45 -38.49
C ALA D 38 -6.87 -24.89 -38.98
N VAL D 39 -6.12 -25.79 -38.36
CA VAL D 39 -6.16 -27.19 -38.80
C VAL D 39 -6.95 -28.11 -37.87
N LYS D 40 -7.22 -27.66 -36.65
CA LYS D 40 -7.94 -28.48 -35.68
C LYS D 40 -9.39 -28.81 -36.03
N ASP D 41 -10.08 -27.92 -36.74
CA ASP D 41 -11.47 -28.19 -37.10
C ASP D 41 -11.60 -29.07 -38.34
N LEU D 42 -10.51 -29.20 -39.09
CA LEU D 42 -10.52 -30.02 -40.30
C LEU D 42 -10.09 -31.44 -39.94
N VAL D 43 -8.97 -31.56 -39.23
CA VAL D 43 -8.42 -32.85 -38.80
C VAL D 43 -8.38 -32.89 -37.27
N ASN D 44 -8.73 -34.05 -36.68
CA ASN D 44 -8.71 -34.19 -35.23
C ASN D 44 -7.36 -34.62 -34.67
N ASP D 45 -6.74 -35.59 -35.31
CA ASP D 45 -5.45 -36.09 -34.86
C ASP D 45 -4.50 -36.12 -36.03
N ALA D 46 -3.24 -35.79 -35.80
CA ALA D 46 -2.25 -35.81 -36.86
C ALA D 46 -0.82 -35.89 -36.36
N ASN D 47 0.09 -36.24 -37.26
CA ASN D 47 1.50 -36.36 -36.91
C ASN D 47 2.27 -35.11 -37.33
N PHE D 48 3.04 -34.56 -36.41
CA PHE D 48 3.88 -33.40 -36.71
C PHE D 48 5.24 -34.00 -36.99
N ASP D 49 5.76 -33.77 -38.19
CA ASP D 49 7.05 -34.31 -38.56
C ASP D 49 8.11 -33.24 -38.44
N CYS D 50 9.20 -33.62 -37.79
CA CYS D 50 10.31 -32.70 -37.59
C CYS D 50 11.52 -33.23 -38.33
N SER D 51 12.13 -32.36 -39.12
CA SER D 51 13.32 -32.70 -39.88
C SER D 51 14.19 -31.47 -39.79
N THR D 52 15.34 -31.50 -40.45
CA THR D 52 16.23 -30.34 -40.44
C THR D 52 15.57 -29.20 -41.23
N THR D 53 14.74 -29.57 -42.20
CA THR D 53 14.02 -28.61 -43.05
C THR D 53 13.03 -27.79 -42.21
N GLY D 54 12.26 -28.49 -41.38
CA GLY D 54 11.29 -27.81 -40.54
C GLY D 54 10.28 -28.70 -39.85
N PHE D 55 9.31 -28.02 -39.23
CA PHE D 55 8.21 -28.64 -38.50
C PHE D 55 7.04 -28.69 -39.50
N SER D 56 6.61 -29.90 -39.87
CA SER D 56 5.54 -30.03 -40.85
C SER D 56 4.43 -31.00 -40.48
N LEU D 57 3.46 -31.14 -41.38
CA LEU D 57 2.31 -32.01 -41.19
C LEU D 57 1.52 -32.16 -42.48
N GLN D 58 1.02 -33.37 -42.72
CA GLN D 58 0.15 -33.64 -43.85
C GLN D 58 -0.92 -34.58 -43.33
N ALA D 59 -2.18 -34.25 -43.61
CA ALA D 59 -3.29 -35.09 -43.16
C ALA D 59 -4.58 -34.80 -43.89
N MET D 60 -5.38 -35.84 -44.06
CA MET D 60 -6.67 -35.75 -44.70
C MET D 60 -7.73 -35.77 -43.61
N ASP D 61 -8.94 -35.32 -43.95
CA ASP D 61 -10.03 -35.35 -42.98
C ASP D 61 -10.57 -36.78 -43.00
N SER D 62 -11.44 -37.11 -42.06
CA SER D 62 -11.99 -38.46 -41.95
C SER D 62 -12.62 -38.98 -43.24
N SER D 63 -13.26 -38.10 -43.99
CA SER D 63 -13.90 -38.47 -45.25
C SER D 63 -12.96 -38.61 -46.44
N HIS D 64 -11.71 -38.18 -46.28
CA HIS D 64 -10.70 -38.22 -47.35
C HIS D 64 -11.06 -37.24 -48.48
N VAL D 65 -11.93 -36.29 -48.19
CA VAL D 65 -12.37 -35.31 -49.18
C VAL D 65 -11.43 -34.10 -49.24
N ALA D 66 -10.72 -33.85 -48.15
CA ALA D 66 -9.79 -32.73 -48.07
C ALA D 66 -8.48 -33.12 -47.45
N LEU D 67 -7.44 -32.36 -47.78
CA LEU D 67 -6.13 -32.63 -47.25
C LEU D 67 -5.50 -31.30 -46.86
N VAL D 68 -4.65 -31.33 -45.85
CA VAL D 68 -3.97 -30.13 -45.39
C VAL D 68 -2.46 -30.39 -45.26
N SER D 69 -1.68 -29.58 -45.96
CA SER D 69 -0.23 -29.66 -45.93
C SER D 69 0.31 -28.40 -45.28
N LEU D 70 0.94 -28.59 -44.12
CA LEU D 70 1.51 -27.49 -43.36
C LEU D 70 3.04 -27.58 -43.31
N LEU D 71 3.71 -26.43 -43.33
CA LEU D 71 5.16 -26.38 -43.26
C LEU D 71 5.67 -25.11 -42.59
N LEU D 72 6.48 -25.31 -41.55
CA LEU D 72 7.09 -24.20 -40.83
C LEU D 72 8.60 -24.45 -40.93
N ARG D 73 9.23 -23.76 -41.88
CA ARG D 73 10.65 -23.91 -42.12
C ARG D 73 11.49 -23.55 -40.90
N SER D 74 12.57 -24.28 -40.69
CA SER D 74 13.46 -24.04 -39.55
C SER D 74 14.01 -22.63 -39.51
N GLU D 75 14.13 -22.00 -40.68
CA GLU D 75 14.64 -20.64 -40.81
C GLU D 75 13.78 -19.65 -40.01
N GLY D 76 12.52 -20.03 -39.78
CA GLY D 76 11.60 -19.19 -39.05
C GLY D 76 11.74 -19.32 -37.54
N PHE D 77 12.35 -20.40 -37.09
CA PHE D 77 12.55 -20.64 -35.67
C PHE D 77 13.82 -19.94 -35.15
N GLU D 78 13.68 -19.27 -34.02
CA GLU D 78 14.79 -18.57 -33.39
C GLU D 78 15.84 -19.61 -33.00
N HIS D 79 15.37 -20.75 -32.51
CA HIS D 79 16.22 -21.86 -32.11
C HIS D 79 15.56 -23.12 -32.72
N TYR D 80 16.38 -23.99 -33.28
CA TYR D 80 15.87 -25.21 -33.91
C TYR D 80 16.83 -26.39 -33.82
N ARG D 81 16.59 -27.26 -32.85
CA ARG D 81 17.40 -28.45 -32.64
C ARG D 81 16.61 -29.71 -33.02
N CYS D 82 17.11 -30.42 -34.03
CA CYS D 82 16.47 -31.64 -34.49
C CYS D 82 17.45 -32.47 -35.30
N ASP D 83 18.12 -33.40 -34.62
CA ASP D 83 19.09 -34.28 -35.28
C ASP D 83 18.34 -35.39 -36.03
N ARG D 84 17.67 -36.28 -35.28
CA ARG D 84 16.90 -37.36 -35.90
C ARG D 84 15.51 -36.88 -36.31
N ASN D 85 15.05 -37.33 -37.47
CA ASN D 85 13.74 -36.98 -37.97
C ASN D 85 12.70 -37.80 -37.22
N LEU D 86 11.74 -37.13 -36.57
CA LEU D 86 10.71 -37.85 -35.82
C LEU D 86 9.28 -37.35 -36.00
N SER D 87 8.33 -38.18 -35.58
CA SER D 87 6.91 -37.89 -35.68
C SER D 87 6.27 -37.82 -34.30
N MET D 88 5.42 -36.81 -34.11
CA MET D 88 4.71 -36.63 -32.86
C MET D 88 3.22 -36.60 -33.17
N GLY D 89 2.55 -37.72 -32.90
CA GLY D 89 1.13 -37.81 -33.14
C GLY D 89 0.40 -37.07 -32.05
N MET D 90 -0.49 -36.15 -32.43
CA MET D 90 -1.22 -35.36 -31.44
C MET D 90 -2.69 -35.15 -31.72
N ASN D 91 -3.42 -34.89 -30.65
CA ASN D 91 -4.83 -34.57 -30.73
C ASN D 91 -4.73 -33.06 -30.90
N LEU D 92 -5.02 -32.58 -32.11
CA LEU D 92 -4.92 -31.17 -32.41
C LEU D 92 -5.74 -30.28 -31.49
N GLY D 93 -6.92 -30.76 -31.09
CA GLY D 93 -7.75 -29.99 -30.19
C GLY D 93 -7.03 -29.71 -28.88
N ASN D 94 -6.41 -30.74 -28.31
CA ASN D 94 -5.67 -30.61 -27.05
C ASN D 94 -4.46 -29.69 -27.19
N MET D 95 -3.79 -29.79 -28.32
CA MET D 95 -2.62 -28.94 -28.58
C MET D 95 -3.10 -27.49 -28.64
N SER D 96 -4.27 -27.29 -29.23
CA SER D 96 -4.86 -25.96 -29.33
C SER D 96 -5.26 -25.43 -27.96
N LYS D 97 -5.91 -26.27 -27.15
CA LYS D 97 -6.34 -25.89 -25.82
C LYS D 97 -5.15 -25.35 -25.04
N MET D 98 -4.04 -26.09 -25.05
CA MET D 98 -2.84 -25.68 -24.35
C MET D 98 -2.23 -24.41 -24.95
N LEU D 99 -2.17 -24.31 -26.27
CA LEU D 99 -1.61 -23.14 -26.93
C LEU D 99 -2.45 -21.89 -26.66
N LYS D 100 -3.75 -22.09 -26.50
CA LYS D 100 -4.69 -20.99 -26.22
C LYS D 100 -4.34 -20.31 -24.90
N CYS D 101 -3.58 -21.01 -24.05
CA CYS D 101 -3.17 -20.49 -22.75
C CYS D 101 -1.89 -19.68 -22.81
N ALA D 102 -1.32 -19.54 -24.01
CA ALA D 102 -0.11 -18.76 -24.17
C ALA D 102 -0.49 -17.33 -24.48
N GLY D 103 0.32 -16.38 -24.01
CA GLY D 103 0.05 -14.99 -24.30
C GLY D 103 0.55 -14.76 -25.71
N ASN D 104 -0.17 -13.95 -26.49
CA ASN D 104 0.23 -13.69 -27.87
C ASN D 104 1.70 -13.26 -28.02
N ASP D 105 2.18 -12.49 -27.04
CA ASP D 105 3.57 -12.02 -27.04
C ASP D 105 4.60 -13.05 -26.57
N ASP D 106 4.14 -14.10 -25.89
CA ASP D 106 5.00 -15.15 -25.35
C ASP D 106 5.88 -15.91 -26.33
N ILE D 107 7.04 -16.30 -25.84
CA ILE D 107 7.98 -17.09 -26.63
C ILE D 107 7.59 -18.54 -26.35
N ILE D 108 7.31 -19.28 -27.42
CA ILE D 108 6.93 -20.67 -27.27
C ILE D 108 8.06 -21.61 -27.65
N THR D 109 8.33 -22.57 -26.77
CA THR D 109 9.37 -23.56 -26.99
C THR D 109 8.75 -24.95 -26.98
N ILE D 110 8.96 -25.68 -28.07
CA ILE D 110 8.46 -27.04 -28.18
C ILE D 110 9.61 -27.99 -27.81
N LYS D 111 9.44 -28.73 -26.70
CA LYS D 111 10.43 -29.69 -26.21
C LYS D 111 9.89 -31.11 -26.33
N ALA D 112 10.76 -32.06 -26.63
CA ALA D 112 10.35 -33.45 -26.77
C ALA D 112 11.51 -34.44 -26.75
N ASP D 113 11.59 -35.24 -25.69
CA ASP D 113 12.63 -36.26 -25.58
C ASP D 113 12.25 -37.33 -26.61
N ASP D 114 13.12 -37.55 -27.57
CA ASP D 114 12.88 -38.52 -28.65
C ASP D 114 12.49 -39.91 -28.14
N GLY D 115 12.87 -40.22 -26.90
CA GLY D 115 12.54 -41.50 -26.31
C GLY D 115 11.50 -41.35 -25.22
N SER D 116 10.40 -40.64 -25.53
CA SER D 116 9.33 -40.43 -24.56
C SER D 116 7.95 -40.31 -25.21
N ASP D 117 6.92 -40.37 -24.38
CA ASP D 117 5.54 -40.29 -24.84
C ASP D 117 4.88 -38.93 -24.56
N THR D 118 5.70 -37.91 -24.32
CA THR D 118 5.17 -36.57 -24.02
C THR D 118 5.89 -35.46 -24.76
N VAL D 119 5.19 -34.33 -24.87
CA VAL D 119 5.71 -33.15 -25.52
C VAL D 119 5.48 -31.95 -24.61
N THR D 120 6.54 -31.17 -24.38
CA THR D 120 6.46 -30.00 -23.52
C THR D 120 6.37 -28.69 -24.29
N PHE D 121 5.44 -27.85 -23.87
CA PHE D 121 5.23 -26.54 -24.45
C PHE D 121 5.53 -25.50 -23.39
N MET D 122 6.60 -24.74 -23.59
CA MET D 122 6.98 -23.71 -22.63
C MET D 122 6.49 -22.36 -23.16
N PHE D 123 5.81 -21.62 -22.29
CA PHE D 123 5.32 -20.30 -22.67
C PHE D 123 6.08 -19.35 -21.76
N GLU D 124 6.85 -18.46 -22.36
CA GLU D 124 7.63 -17.52 -21.58
C GLU D 124 7.43 -16.08 -22.01
N SER D 125 7.13 -15.23 -21.04
CA SER D 125 6.93 -13.81 -21.29
C SER D 125 8.28 -13.19 -21.59
N PRO D 126 8.31 -12.14 -22.45
CA PRO D 126 9.53 -11.44 -22.85
C PRO D 126 10.38 -11.01 -21.66
N THR D 127 9.69 -10.66 -20.58
CA THR D 127 10.31 -10.23 -19.33
C THR D 127 10.76 -11.39 -18.45
N GLN D 128 10.25 -12.58 -18.75
CA GLN D 128 10.55 -13.80 -17.99
C GLN D 128 9.91 -13.84 -16.60
N ASP D 129 9.07 -12.85 -16.32
CA ASP D 129 8.38 -12.76 -15.03
C ASP D 129 7.35 -13.89 -14.95
N LYS D 130 7.01 -14.49 -16.09
CA LYS D 130 6.05 -15.58 -16.16
C LYS D 130 6.50 -16.71 -17.09
N ILE D 131 6.58 -17.91 -16.53
CA ILE D 131 6.97 -19.08 -17.29
C ILE D 131 5.93 -20.20 -17.12
N ALA D 132 5.41 -20.69 -18.24
CA ALA D 132 4.41 -21.75 -18.23
C ALA D 132 4.96 -23.05 -18.80
N ASP D 133 4.61 -24.16 -18.16
CA ASP D 133 5.06 -25.47 -18.57
C ASP D 133 3.87 -26.38 -18.84
N PHE D 134 3.54 -26.57 -20.11
CA PHE D 134 2.41 -27.44 -20.49
C PHE D 134 2.88 -28.77 -21.09
N GLU D 135 2.60 -29.86 -20.38
CA GLU D 135 2.99 -31.20 -20.81
C GLU D 135 1.78 -31.93 -21.37
N MET D 136 1.90 -32.39 -22.60
CA MET D 136 0.80 -33.10 -23.26
C MET D 136 1.25 -34.49 -23.68
N LYS D 137 0.36 -35.45 -23.51
CA LYS D 137 0.62 -36.85 -23.85
C LYS D 137 0.53 -37.07 -25.35
N LEU D 138 1.55 -37.70 -25.93
CA LEU D 138 1.54 -38.02 -27.35
C LEU D 138 0.70 -39.27 -27.58
N MET D 139 0.31 -39.52 -28.82
CA MET D 139 -0.47 -40.71 -29.15
C MET D 139 0.12 -41.35 -30.39
N ASP D 140 -0.24 -42.60 -30.63
CA ASP D 140 0.25 -43.33 -31.79
C ASP D 140 -0.74 -43.12 -32.93
N ILE D 141 -0.26 -42.63 -34.07
CA ILE D 141 -1.12 -42.39 -35.21
C ILE D 141 -0.55 -42.96 -36.50
N ASP D 142 -1.38 -43.69 -37.23
CA ASP D 142 -0.97 -44.27 -38.51
C ASP D 142 -1.78 -43.52 -39.58
N SER D 143 -1.13 -42.55 -40.23
CA SER D 143 -1.79 -41.75 -41.26
C SER D 143 -1.31 -42.04 -42.66
N GLU D 144 -2.18 -41.78 -43.63
CA GLU D 144 -1.88 -41.99 -45.03
C GLU D 144 -1.35 -40.66 -45.61
N HIS D 145 -0.08 -40.66 -45.97
CA HIS D 145 0.54 -39.47 -46.56
C HIS D 145 0.49 -39.63 -48.07
N LEU D 146 -0.08 -38.64 -48.76
CA LEU D 146 -0.20 -38.69 -50.21
C LEU D 146 0.93 -37.98 -50.94
N GLY D 147 1.26 -38.48 -52.13
CA GLY D 147 2.30 -37.86 -52.92
C GLY D 147 1.67 -36.81 -53.80
N ILE D 148 2.02 -35.55 -53.57
CA ILE D 148 1.46 -34.45 -54.35
C ILE D 148 2.47 -33.75 -55.24
N PRO D 149 2.37 -33.99 -56.56
CA PRO D 149 3.29 -33.39 -57.54
C PRO D 149 3.17 -31.86 -57.59
N ASP D 150 4.31 -31.21 -57.82
CA ASP D 150 4.41 -29.76 -57.91
C ASP D 150 4.03 -29.30 -59.32
N ALA D 151 2.73 -29.33 -59.62
CA ALA D 151 2.20 -28.95 -60.92
C ALA D 151 2.00 -27.45 -61.12
N GLU D 152 1.83 -27.06 -62.38
CA GLU D 152 1.59 -25.67 -62.76
C GLU D 152 0.09 -25.64 -63.07
N TYR D 153 -0.68 -24.93 -62.26
CA TYR D 153 -2.12 -24.86 -62.46
C TYR D 153 -2.57 -23.97 -63.62
N HIS D 154 -3.75 -24.26 -64.15
CA HIS D 154 -4.31 -23.52 -65.26
C HIS D 154 -4.84 -22.13 -64.88
N SER D 155 -5.34 -22.00 -63.66
CA SER D 155 -5.84 -20.72 -63.18
C SER D 155 -5.43 -20.53 -61.74
N ILE D 156 -4.99 -19.32 -61.42
CA ILE D 156 -4.55 -18.99 -60.08
C ILE D 156 -5.17 -17.66 -59.66
N VAL D 157 -5.82 -17.66 -58.51
CA VAL D 157 -6.46 -16.45 -58.01
C VAL D 157 -5.87 -16.04 -56.68
N ARG D 158 -5.26 -14.88 -56.66
CA ARG D 158 -4.67 -14.33 -55.44
C ARG D 158 -5.63 -13.23 -55.03
N MET D 159 -6.23 -13.39 -53.86
CA MET D 159 -7.20 -12.40 -53.42
C MET D 159 -7.10 -12.16 -51.92
N PRO D 160 -7.84 -11.18 -51.40
CA PRO D 160 -7.82 -10.88 -49.96
C PRO D 160 -8.47 -12.04 -49.20
N SER D 161 -7.80 -12.48 -48.14
CA SER D 161 -8.30 -13.59 -47.35
C SER D 161 -9.68 -13.30 -46.77
N GLY D 162 -9.89 -12.06 -46.31
CA GLY D 162 -11.16 -11.66 -45.75
C GLY D 162 -12.28 -11.74 -46.76
N GLU D 163 -12.04 -11.27 -47.98
CA GLU D 163 -13.06 -11.32 -49.04
C GLU D 163 -13.42 -12.77 -49.38
N PHE D 164 -12.42 -13.65 -49.47
CA PHE D 164 -12.68 -15.05 -49.79
C PHE D 164 -13.48 -15.69 -48.65
N SER D 165 -13.20 -15.25 -47.43
CA SER D 165 -13.89 -15.77 -46.26
C SER D 165 -15.36 -15.38 -46.31
N ARG D 166 -15.64 -14.14 -46.70
CA ARG D 166 -17.02 -13.64 -46.80
C ARG D 166 -17.78 -14.33 -47.91
N ILE D 167 -17.12 -14.55 -49.04
CA ILE D 167 -17.74 -15.19 -50.19
C ILE D 167 -18.21 -16.61 -49.85
N CYS D 168 -17.37 -17.37 -49.16
CA CYS D 168 -17.72 -18.72 -48.77
C CYS D 168 -18.88 -18.73 -47.76
N LYS D 169 -18.79 -17.86 -46.75
CA LYS D 169 -19.82 -17.74 -45.73
C LYS D 169 -21.17 -17.32 -46.34
N ASP D 170 -21.12 -16.31 -47.20
CA ASP D 170 -22.31 -15.79 -47.87
C ASP D 170 -22.98 -16.83 -48.76
N LEU D 171 -22.20 -17.45 -49.62
CA LEU D 171 -22.75 -18.46 -50.51
C LEU D 171 -23.33 -19.65 -49.76
N SER D 172 -22.63 -20.14 -48.74
CA SER D 172 -23.13 -21.27 -47.97
C SER D 172 -24.45 -21.00 -47.25
N SER D 173 -24.89 -19.74 -47.21
CA SER D 173 -26.17 -19.41 -46.58
C SER D 173 -27.27 -19.52 -47.64
N ILE D 174 -26.84 -19.71 -48.88
CA ILE D 174 -27.73 -19.84 -50.03
C ILE D 174 -27.78 -21.30 -50.50
N GLY D 175 -26.64 -21.98 -50.47
CA GLY D 175 -26.56 -23.36 -50.93
C GLY D 175 -25.33 -24.10 -50.43
N ASP D 176 -25.23 -25.37 -50.81
CA ASP D 176 -24.13 -26.23 -50.38
C ASP D 176 -22.91 -26.31 -51.27
N THR D 177 -23.12 -26.09 -52.57
CA THR D 177 -22.06 -26.22 -53.56
C THR D 177 -21.67 -24.91 -54.22
N VAL D 178 -20.36 -24.69 -54.34
CA VAL D 178 -19.89 -23.49 -55.03
C VAL D 178 -19.18 -23.88 -56.32
N VAL D 179 -19.63 -23.29 -57.42
CA VAL D 179 -19.01 -23.52 -58.71
C VAL D 179 -18.02 -22.36 -58.92
N ILE D 180 -16.73 -22.69 -58.92
CA ILE D 180 -15.69 -21.68 -59.13
C ILE D 180 -15.25 -21.77 -60.59
N SER D 181 -15.34 -20.67 -61.34
CA SER D 181 -14.90 -20.71 -62.73
C SER D 181 -14.20 -19.43 -63.11
N VAL D 182 -13.05 -19.61 -63.76
CA VAL D 182 -12.22 -18.52 -64.20
C VAL D 182 -12.17 -18.43 -65.72
N THR D 183 -12.37 -17.24 -66.23
CA THR D 183 -12.32 -16.97 -67.68
C THR D 183 -11.52 -15.67 -67.78
N LYS D 184 -11.42 -15.11 -68.98
CA LYS D 184 -10.68 -13.86 -69.11
C LYS D 184 -11.49 -12.69 -68.57
N GLU D 185 -12.75 -12.97 -68.24
CA GLU D 185 -13.67 -11.97 -67.68
C GLU D 185 -13.57 -11.92 -66.15
N GLY D 186 -12.81 -12.85 -65.57
CA GLY D 186 -12.66 -12.86 -64.13
C GLY D 186 -12.96 -14.18 -63.44
N VAL D 187 -13.02 -14.15 -62.12
CA VAL D 187 -13.33 -15.35 -61.36
C VAL D 187 -14.75 -15.26 -60.82
N LYS D 188 -15.56 -16.27 -61.13
CA LYS D 188 -16.93 -16.29 -60.67
C LYS D 188 -17.20 -17.40 -59.67
N PHE D 189 -17.88 -17.03 -58.58
CA PHE D 189 -18.26 -17.95 -57.53
C PHE D 189 -19.79 -18.07 -57.59
N SER D 190 -20.28 -19.26 -57.92
CA SER D 190 -21.72 -19.52 -58.05
C SER D 190 -22.30 -20.59 -57.13
N THR D 191 -23.56 -20.40 -56.78
CA THR D 191 -24.27 -21.35 -55.96
C THR D 191 -25.78 -21.28 -56.25
N ALA D 192 -26.50 -22.29 -55.78
CA ALA D 192 -27.93 -22.37 -55.95
C ALA D 192 -28.48 -23.22 -54.82
N GLY D 193 -29.65 -22.84 -54.32
CA GLY D 193 -30.30 -23.57 -53.25
C GLY D 193 -31.78 -23.32 -53.26
N ASP D 194 -32.44 -23.68 -52.16
CA ASP D 194 -33.88 -23.51 -52.04
C ASP D 194 -34.37 -22.07 -52.19
N ILE D 195 -33.75 -21.12 -51.49
CA ILE D 195 -34.21 -19.74 -51.61
C ILE D 195 -33.82 -19.02 -52.89
N GLY D 196 -32.95 -19.63 -53.68
CA GLY D 196 -32.55 -19.01 -54.93
C GLY D 196 -31.13 -19.24 -55.41
N THR D 197 -30.72 -18.45 -56.40
CA THR D 197 -29.38 -18.54 -56.96
C THR D 197 -28.53 -17.33 -56.61
N ALA D 198 -27.21 -17.50 -56.63
CA ALA D 198 -26.29 -16.41 -56.31
C ALA D 198 -24.91 -16.61 -56.93
N ASN D 199 -24.38 -15.56 -57.55
CA ASN D 199 -23.05 -15.63 -58.12
C ASN D 199 -22.31 -14.33 -57.85
N ILE D 200 -21.01 -14.46 -57.61
CA ILE D 200 -20.15 -13.33 -57.29
C ILE D 200 -18.94 -13.31 -58.23
N VAL D 201 -18.87 -12.28 -59.08
CA VAL D 201 -17.77 -12.12 -60.02
C VAL D 201 -16.72 -11.12 -59.54
N LEU D 202 -15.47 -11.56 -59.53
CA LEU D 202 -14.36 -10.70 -59.14
C LEU D 202 -13.46 -10.51 -60.35
N ARG D 203 -13.08 -9.26 -60.60
CA ARG D 203 -12.20 -8.88 -61.71
C ARG D 203 -11.01 -8.13 -61.11
N GLN D 204 -9.95 -7.94 -61.89
CA GLN D 204 -8.80 -7.20 -61.39
C GLN D 204 -9.18 -5.75 -61.50
N ASN D 205 -8.69 -4.94 -60.55
CA ASN D 205 -8.97 -3.51 -60.58
C ASN D 205 -7.95 -2.87 -61.54
N THR D 206 -8.11 -1.58 -61.80
CA THR D 206 -7.22 -0.83 -62.67
C THR D 206 -5.79 -0.94 -62.13
N THR D 207 -5.65 -0.86 -60.81
CA THR D 207 -4.38 -0.98 -60.11
C THR D 207 -4.66 -1.58 -58.74
N VAL D 208 -3.61 -2.06 -58.07
CA VAL D 208 -3.76 -2.58 -56.72
C VAL D 208 -3.40 -1.35 -55.87
N ASP D 209 -4.41 -0.53 -55.60
CA ASP D 209 -4.22 0.71 -54.83
C ASP D 209 -4.55 0.64 -53.35
N LYS D 210 -4.94 -0.55 -52.89
CA LYS D 210 -5.29 -0.77 -51.48
C LYS D 210 -5.55 -2.27 -51.29
N PRO D 211 -5.42 -2.77 -50.04
CA PRO D 211 -5.63 -4.18 -49.71
C PRO D 211 -6.88 -4.81 -50.29
N GLU D 212 -8.00 -4.10 -50.16
CA GLU D 212 -9.30 -4.57 -50.67
C GLU D 212 -9.28 -4.86 -52.18
N ASP D 213 -8.39 -4.19 -52.90
CA ASP D 213 -8.30 -4.36 -54.35
C ASP D 213 -7.10 -5.19 -54.78
N ALA D 214 -6.43 -5.85 -53.83
CA ALA D 214 -5.27 -6.66 -54.16
C ALA D 214 -5.69 -8.02 -54.73
N ILE D 215 -6.35 -7.99 -55.88
CA ILE D 215 -6.77 -9.22 -56.52
C ILE D 215 -6.00 -9.37 -57.83
N VAL D 216 -5.41 -10.55 -58.01
CA VAL D 216 -4.64 -10.87 -59.19
C VAL D 216 -5.15 -12.21 -59.69
N ILE D 217 -5.63 -12.22 -60.93
CA ILE D 217 -6.19 -13.42 -61.51
C ILE D 217 -5.37 -13.85 -62.72
N GLU D 218 -4.66 -14.96 -62.57
CA GLU D 218 -3.84 -15.48 -63.65
C GLU D 218 -4.54 -16.68 -64.25
N MET D 219 -4.88 -16.56 -65.52
CA MET D 219 -5.57 -17.62 -66.24
C MET D 219 -4.79 -18.07 -67.47
N ASN D 220 -4.34 -19.32 -67.47
CA ASN D 220 -3.61 -19.88 -68.59
C ASN D 220 -4.66 -20.56 -69.46
N GLU D 221 -5.55 -21.31 -68.81
CA GLU D 221 -6.63 -22.02 -69.49
C GLU D 221 -7.89 -21.95 -68.63
N PRO D 222 -9.06 -21.69 -69.24
CA PRO D 222 -10.34 -21.60 -68.53
C PRO D 222 -10.58 -22.82 -67.64
N VAL D 223 -11.05 -22.57 -66.42
CA VAL D 223 -11.32 -23.65 -65.49
C VAL D 223 -12.64 -23.46 -64.76
N SER D 224 -13.40 -24.55 -64.65
CA SER D 224 -14.69 -24.54 -63.96
C SER D 224 -14.82 -25.80 -63.12
N LEU D 225 -14.95 -25.64 -61.81
CA LEU D 225 -15.08 -26.77 -60.90
C LEU D 225 -16.09 -26.53 -59.80
N SER D 226 -16.63 -27.62 -59.25
CA SER D 226 -17.62 -27.55 -58.18
C SER D 226 -17.08 -28.08 -56.86
N PHE D 227 -17.28 -27.30 -55.80
CA PHE D 227 -16.79 -27.71 -54.48
C PHE D 227 -17.84 -27.57 -53.40
N ALA D 228 -17.61 -28.27 -52.30
CA ALA D 228 -18.47 -28.26 -51.13
C ALA D 228 -18.08 -27.09 -50.25
N LEU D 229 -18.97 -26.11 -50.16
CA LEU D 229 -18.75 -24.91 -49.35
C LEU D 229 -18.31 -25.18 -47.91
N ARG D 230 -18.89 -26.21 -47.29
CA ARG D 230 -18.58 -26.57 -45.91
C ARG D 230 -17.08 -26.78 -45.68
N TYR D 231 -16.39 -27.34 -46.66
CA TYR D 231 -14.95 -27.55 -46.54
C TYR D 231 -14.19 -26.22 -46.73
N MET D 232 -14.62 -25.43 -47.71
CA MET D 232 -13.99 -24.12 -47.96
C MET D 232 -14.10 -23.27 -46.69
N ASN D 233 -15.26 -23.34 -46.02
CA ASN D 233 -15.48 -22.57 -44.79
C ASN D 233 -14.57 -23.07 -43.69
N SER D 234 -14.10 -24.30 -43.81
CA SER D 234 -13.20 -24.82 -42.80
C SER D 234 -11.82 -24.28 -43.10
N PHE D 235 -11.52 -24.13 -44.38
CA PHE D 235 -10.23 -23.61 -44.82
C PHE D 235 -10.04 -22.16 -44.34
N THR D 236 -11.12 -21.38 -44.39
CA THR D 236 -11.09 -19.98 -43.99
C THR D 236 -10.76 -19.70 -42.53
N LYS D 237 -10.61 -20.74 -41.71
CA LYS D 237 -10.24 -20.54 -40.32
C LYS D 237 -8.75 -20.15 -40.27
N ALA D 238 -8.08 -20.21 -41.42
CA ALA D 238 -6.67 -19.88 -41.54
C ALA D 238 -6.50 -18.39 -41.88
N THR D 239 -7.63 -17.73 -42.14
CA THR D 239 -7.67 -16.31 -42.48
C THR D 239 -6.74 -15.38 -41.67
N PRO D 240 -6.76 -15.48 -40.33
CA PRO D 240 -5.89 -14.61 -39.54
C PRO D 240 -4.38 -14.81 -39.75
N LEU D 241 -4.01 -15.85 -40.49
CA LEU D 241 -2.61 -16.12 -40.78
C LEU D 241 -2.03 -15.21 -41.85
N SER D 242 -2.85 -14.83 -42.82
CA SER D 242 -2.42 -13.97 -43.91
C SER D 242 -3.54 -13.08 -44.44
N GLU D 243 -3.15 -11.92 -44.95
CA GLU D 243 -4.10 -10.98 -45.51
C GLU D 243 -4.45 -11.39 -46.94
N THR D 244 -3.68 -12.32 -47.49
CA THR D 244 -3.88 -12.82 -48.85
C THR D 244 -4.10 -14.33 -48.91
N VAL D 245 -4.93 -14.77 -49.85
CA VAL D 245 -5.16 -16.20 -50.03
C VAL D 245 -4.90 -16.51 -51.49
N THR D 246 -4.43 -17.71 -51.77
CA THR D 246 -4.13 -18.11 -53.14
C THR D 246 -4.86 -19.40 -53.52
N ILE D 247 -5.69 -19.30 -54.56
CA ILE D 247 -6.49 -20.41 -55.05
C ILE D 247 -5.94 -20.91 -56.39
N SER D 248 -5.54 -22.17 -56.42
CA SER D 248 -5.00 -22.77 -57.65
C SER D 248 -5.99 -23.78 -58.22
N LEU D 249 -6.37 -23.58 -59.48
CA LEU D 249 -7.34 -24.44 -60.16
C LEU D 249 -6.84 -25.11 -61.43
N SER D 250 -7.34 -26.31 -61.68
CA SER D 250 -7.05 -27.12 -62.86
C SER D 250 -8.19 -28.12 -63.02
N SER D 251 -8.62 -28.27 -64.27
CA SER D 251 -9.73 -29.13 -64.67
C SER D 251 -9.86 -30.53 -64.06
N GLU D 252 -8.73 -31.23 -63.90
CA GLU D 252 -8.78 -32.60 -63.36
C GLU D 252 -7.89 -32.78 -62.13
N LEU D 253 -7.98 -31.83 -61.21
CA LEU D 253 -7.20 -31.87 -60.00
C LEU D 253 -7.97 -31.17 -58.90
N PRO D 254 -7.65 -31.48 -57.63
CA PRO D 254 -8.33 -30.83 -56.52
C PRO D 254 -7.83 -29.38 -56.50
N VAL D 255 -8.66 -28.46 -56.01
CA VAL D 255 -8.26 -27.07 -55.91
C VAL D 255 -7.28 -26.94 -54.75
N VAL D 256 -6.40 -25.96 -54.81
CA VAL D 256 -5.45 -25.72 -53.73
C VAL D 256 -5.71 -24.32 -53.18
N VAL D 257 -5.96 -24.20 -51.88
CA VAL D 257 -6.20 -22.93 -51.21
C VAL D 257 -5.05 -22.73 -50.21
N GLU D 258 -4.19 -21.74 -50.48
CA GLU D 258 -3.03 -21.49 -49.64
C GLU D 258 -2.95 -20.16 -48.89
N TYR D 259 -2.38 -20.25 -47.68
CA TYR D 259 -2.15 -19.12 -46.79
C TYR D 259 -0.70 -19.20 -46.29
N LYS D 260 0.13 -18.27 -46.76
CA LYS D 260 1.54 -18.22 -46.36
C LYS D 260 1.61 -17.87 -44.87
N VAL D 261 2.50 -18.59 -44.14
CA VAL D 261 2.64 -18.36 -42.71
C VAL D 261 3.78 -17.43 -42.50
N ALA D 262 3.35 -16.22 -42.29
CA ALA D 262 4.34 -15.23 -42.15
C ALA D 262 5.34 -15.54 -43.24
N GLU D 263 6.56 -15.42 -42.85
CA GLU D 263 7.66 -15.62 -43.74
C GLU D 263 8.21 -17.04 -43.71
N MET D 264 7.96 -17.71 -42.58
CA MET D 264 8.56 -19.04 -42.34
C MET D 264 7.87 -20.27 -42.94
N GLY D 265 6.83 -20.11 -43.75
CA GLY D 265 6.20 -21.28 -44.30
C GLY D 265 4.80 -21.09 -44.87
N TYR D 266 3.90 -22.04 -44.58
CA TYR D 266 2.55 -21.97 -45.12
C TYR D 266 1.60 -23.08 -44.67
N ILE D 267 0.34 -22.94 -45.09
CA ILE D 267 -0.70 -23.93 -44.87
C ILE D 267 -1.39 -24.06 -46.21
N ARG D 268 -1.43 -25.27 -46.75
CA ARG D 268 -2.08 -25.53 -48.03
C ARG D 268 -3.21 -26.51 -47.85
N TYR D 269 -4.40 -26.09 -48.27
CA TYR D 269 -5.59 -26.92 -48.20
C TYR D 269 -5.94 -27.45 -49.58
N TYR D 270 -6.10 -28.76 -49.71
CA TYR D 270 -6.48 -29.36 -50.99
C TYR D 270 -7.88 -29.91 -50.82
N LEU D 271 -8.74 -29.68 -51.80
CA LEU D 271 -10.11 -30.16 -51.73
C LEU D 271 -10.49 -30.84 -53.04
N ALA D 272 -11.04 -32.05 -52.93
CA ALA D 272 -11.46 -32.82 -54.11
C ALA D 272 -12.78 -32.28 -54.64
N PRO D 273 -12.90 -32.18 -55.97
CA PRO D 273 -14.11 -31.67 -56.64
C PRO D 273 -15.31 -32.60 -56.67
N LYS D 274 -16.41 -32.06 -57.16
CA LYS D 274 -17.65 -32.78 -57.32
C LYS D 274 -17.86 -32.92 -58.82
N ILE D 275 -17.80 -34.15 -59.32
CA ILE D 275 -18.00 -34.42 -60.74
C ILE D 275 -19.47 -34.71 -61.07
N MET E 21 -35.50 4.79 8.10
CA MET E 21 -34.99 5.52 6.91
C MET E 21 -33.51 5.22 6.63
N LEU E 22 -33.18 5.09 5.35
CA LEU E 22 -31.83 4.83 4.89
C LEU E 22 -31.67 5.46 3.51
N GLU E 23 -30.69 6.36 3.36
CA GLU E 23 -30.46 6.98 2.07
C GLU E 23 -28.97 7.04 1.78
N LEU E 24 -28.56 6.29 0.77
CA LEU E 24 -27.15 6.23 0.38
C LEU E 24 -26.98 6.67 -1.07
N ARG E 25 -26.16 7.71 -1.26
CA ARG E 25 -25.90 8.22 -2.60
C ARG E 25 -24.47 7.98 -3.03
N LEU E 26 -24.32 7.21 -4.11
CA LEU E 26 -23.02 6.88 -4.67
C LEU E 26 -22.90 7.53 -6.05
N VAL E 27 -21.98 8.49 -6.19
CA VAL E 27 -21.82 9.18 -7.47
C VAL E 27 -21.40 8.23 -8.59
N GLN E 28 -20.36 7.42 -8.33
CA GLN E 28 -19.87 6.47 -9.32
C GLN E 28 -20.73 5.21 -9.17
N GLY E 29 -21.94 5.28 -9.70
CA GLY E 29 -22.87 4.17 -9.62
C GLY E 29 -22.38 2.86 -10.19
N SER E 30 -21.58 2.93 -11.25
CA SER E 30 -21.06 1.71 -11.88
C SER E 30 -20.35 0.78 -10.88
N LEU E 31 -19.83 1.33 -9.79
CA LEU E 31 -19.15 0.53 -8.78
C LEU E 31 -20.13 -0.45 -8.14
N LEU E 32 -21.34 0.02 -7.87
CA LEU E 32 -22.37 -0.82 -7.30
C LEU E 32 -22.80 -1.88 -8.30
N LYS E 33 -22.73 -1.56 -9.59
CA LYS E 33 -23.10 -2.52 -10.63
C LYS E 33 -22.09 -3.65 -10.71
N LYS E 34 -20.81 -3.28 -10.61
CA LYS E 34 -19.70 -4.23 -10.65
C LYS E 34 -19.70 -5.14 -9.43
N VAL E 35 -19.97 -4.55 -8.26
CA VAL E 35 -20.02 -5.30 -7.01
C VAL E 35 -21.08 -6.42 -7.11
N LEU E 36 -22.29 -6.05 -7.51
CA LEU E 36 -23.38 -7.00 -7.67
C LEU E 36 -23.13 -8.05 -8.74
N GLU E 37 -22.57 -7.62 -9.88
CA GLU E 37 -22.25 -8.55 -10.96
C GLU E 37 -21.33 -9.65 -10.45
N ALA E 38 -20.38 -9.25 -9.61
CA ALA E 38 -19.41 -10.15 -9.03
C ALA E 38 -19.91 -11.05 -7.91
N VAL E 39 -20.82 -10.56 -7.08
CA VAL E 39 -21.32 -11.39 -5.98
C VAL E 39 -22.45 -12.33 -6.37
N LYS E 40 -23.25 -11.95 -7.36
CA LYS E 40 -24.39 -12.77 -7.78
C LYS E 40 -24.10 -14.14 -8.40
N ASP E 41 -22.93 -14.32 -8.99
CA ASP E 41 -22.65 -15.63 -9.57
C ASP E 41 -22.16 -16.63 -8.53
N LEU E 42 -21.81 -16.12 -7.35
CA LEU E 42 -21.35 -16.95 -6.25
C LEU E 42 -22.50 -17.25 -5.29
N VAL E 43 -23.22 -16.20 -4.93
CA VAL E 43 -24.33 -16.28 -4.00
C VAL E 43 -25.62 -15.77 -4.69
N ASN E 44 -26.75 -16.39 -4.39
CA ASN E 44 -28.04 -16.01 -4.98
C ASN E 44 -28.79 -14.94 -4.16
N ASP E 45 -28.92 -15.17 -2.85
CA ASP E 45 -29.58 -14.23 -1.94
C ASP E 45 -28.57 -13.84 -0.87
N ALA E 46 -28.65 -12.62 -0.38
CA ALA E 46 -27.74 -12.18 0.67
C ALA E 46 -28.24 -10.95 1.40
N ASN E 47 -27.91 -10.86 2.68
CA ASN E 47 -28.31 -9.72 3.49
C ASN E 47 -27.28 -8.60 3.36
N PHE E 48 -27.76 -7.39 3.11
CA PHE E 48 -26.91 -6.21 3.04
C PHE E 48 -27.09 -5.52 4.38
N ASP E 49 -26.02 -5.42 5.15
CA ASP E 49 -26.07 -4.78 6.46
C ASP E 49 -25.58 -3.36 6.34
N CYS E 50 -26.33 -2.42 6.91
CA CYS E 50 -25.95 -1.01 6.87
C CYS E 50 -25.66 -0.55 8.28
N SER E 51 -24.57 0.18 8.44
CA SER E 51 -24.16 0.71 9.73
C SER E 51 -23.72 2.14 9.51
N THR E 52 -23.04 2.70 10.51
CA THR E 52 -22.51 4.05 10.43
C THR E 52 -21.15 3.89 9.75
N THR E 53 -20.61 2.68 9.82
CA THR E 53 -19.31 2.35 9.22
C THR E 53 -19.45 2.18 7.71
N GLY E 54 -20.49 1.46 7.28
CA GLY E 54 -20.70 1.26 5.87
C GLY E 54 -21.79 0.28 5.44
N PHE E 55 -21.81 0.06 4.13
CA PHE E 55 -22.75 -0.84 3.45
C PHE E 55 -21.97 -2.13 3.20
N SER E 56 -22.21 -3.14 4.05
CA SER E 56 -21.51 -4.42 3.95
C SER E 56 -22.35 -5.65 3.64
N LEU E 57 -21.69 -6.80 3.54
CA LEU E 57 -22.33 -8.08 3.25
C LEU E 57 -21.39 -9.25 3.44
N GLN E 58 -21.90 -10.33 4.02
CA GLN E 58 -21.12 -11.54 4.19
C GLN E 58 -22.05 -12.71 3.92
N ALA E 59 -21.60 -13.66 3.09
CA ALA E 59 -22.40 -14.81 2.75
C ALA E 59 -21.57 -15.95 2.18
N MET E 60 -22.13 -17.16 2.25
CA MET E 60 -21.47 -18.34 1.74
C MET E 60 -22.32 -18.92 0.64
N ASP E 61 -21.69 -19.65 -0.27
CA ASP E 61 -22.45 -20.29 -1.35
C ASP E 61 -23.24 -21.42 -0.69
N SER E 62 -24.16 -22.01 -1.44
CA SER E 62 -24.98 -23.08 -0.90
C SER E 62 -24.15 -24.23 -0.30
N SER E 63 -23.04 -24.56 -0.95
CA SER E 63 -22.19 -25.64 -0.48
C SER E 63 -21.32 -25.31 0.73
N HIS E 64 -21.24 -24.04 1.10
CA HIS E 64 -20.41 -23.60 2.23
C HIS E 64 -18.91 -23.78 1.97
N VAL E 65 -18.53 -23.91 0.70
CA VAL E 65 -17.14 -24.08 0.32
C VAL E 65 -16.42 -22.73 0.12
N ALA E 66 -17.19 -21.68 -0.19
CA ALA E 66 -16.63 -20.36 -0.42
C ALA E 66 -17.40 -19.30 0.33
N LEU E 67 -16.79 -18.13 0.49
CA LEU E 67 -17.45 -17.04 1.20
C LEU E 67 -17.03 -15.71 0.61
N VAL E 68 -17.97 -14.77 0.61
CA VAL E 68 -17.71 -13.43 0.10
C VAL E 68 -18.01 -12.41 1.16
N SER E 69 -17.09 -11.48 1.34
CA SER E 69 -17.21 -10.42 2.33
C SER E 69 -17.00 -9.08 1.61
N LEU E 70 -18.04 -8.26 1.59
CA LEU E 70 -17.99 -6.96 0.93
C LEU E 70 -18.16 -5.81 1.93
N LEU E 71 -17.49 -4.70 1.68
CA LEU E 71 -17.59 -3.54 2.53
C LEU E 71 -17.45 -2.27 1.71
N LEU E 72 -18.44 -1.40 1.81
CA LEU E 72 -18.36 -0.13 1.11
C LEU E 72 -18.43 0.91 2.23
N ARG E 73 -17.27 1.45 2.56
CA ARG E 73 -17.17 2.44 3.63
C ARG E 73 -18.04 3.65 3.39
N SER E 74 -18.60 4.19 4.47
CA SER E 74 -19.48 5.35 4.38
C SER E 74 -18.81 6.56 3.73
N GLU E 75 -17.50 6.67 3.92
CA GLU E 75 -16.73 7.78 3.36
C GLU E 75 -16.76 7.82 1.84
N GLY E 76 -17.02 6.66 1.23
CA GLY E 76 -17.08 6.59 -0.22
C GLY E 76 -18.34 7.18 -0.81
N PHE E 77 -19.40 7.21 -0.02
CA PHE E 77 -20.69 7.76 -0.44
C PHE E 77 -20.75 9.27 -0.26
N GLU E 78 -21.16 9.97 -1.33
CA GLU E 78 -21.28 11.43 -1.31
C GLU E 78 -22.26 11.84 -0.20
N HIS E 79 -23.29 11.02 -0.03
CA HIS E 79 -24.30 11.25 0.99
C HIS E 79 -24.51 9.93 1.70
N TYR E 80 -24.37 9.93 3.03
CA TYR E 80 -24.55 8.71 3.79
C TYR E 80 -25.39 8.93 5.05
N ARG E 81 -26.58 8.33 5.05
CA ARG E 81 -27.51 8.45 6.15
C ARG E 81 -28.06 7.08 6.56
N CYS E 82 -27.67 6.62 7.73
CA CYS E 82 -28.12 5.35 8.27
C CYS E 82 -28.50 5.58 9.73
N ASP E 83 -29.80 5.78 9.97
CA ASP E 83 -30.33 6.06 11.30
C ASP E 83 -30.00 4.96 12.31
N ARG E 84 -30.34 3.72 11.96
CA ARG E 84 -30.08 2.56 12.82
C ARG E 84 -29.61 1.36 12.01
N ASN E 85 -29.00 0.40 12.68
CA ASN E 85 -28.51 -0.80 12.03
C ASN E 85 -29.67 -1.55 11.39
N LEU E 86 -29.68 -1.59 10.06
CA LEU E 86 -30.73 -2.30 9.35
C LEU E 86 -30.14 -3.35 8.44
N SER E 87 -30.89 -4.41 8.22
CA SER E 87 -30.46 -5.51 7.37
C SER E 87 -31.44 -5.62 6.20
N MET E 88 -30.91 -5.82 5.00
CA MET E 88 -31.75 -5.96 3.82
C MET E 88 -31.47 -7.23 3.05
N GLY E 89 -32.43 -8.15 3.08
CA GLY E 89 -32.29 -9.40 2.37
C GLY E 89 -32.72 -9.15 0.94
N MET E 90 -31.86 -9.51 0.00
CA MET E 90 -32.15 -9.29 -1.41
C MET E 90 -31.77 -10.44 -2.31
N ASN E 91 -32.61 -10.70 -3.30
CA ASN E 91 -32.32 -11.72 -4.30
C ASN E 91 -31.32 -10.97 -5.18
N LEU E 92 -30.05 -11.35 -5.11
CA LEU E 92 -29.00 -10.66 -5.87
C LEU E 92 -29.22 -10.63 -7.37
N GLY E 93 -29.84 -11.68 -7.92
CA GLY E 93 -30.11 -11.72 -9.34
C GLY E 93 -31.12 -10.66 -9.73
N ASN E 94 -32.05 -10.36 -8.82
CA ASN E 94 -33.07 -9.34 -9.08
C ASN E 94 -32.47 -7.94 -8.90
N MET E 95 -31.59 -7.78 -7.93
CA MET E 95 -30.96 -6.49 -7.68
C MET E 95 -30.06 -6.16 -8.86
N SER E 96 -29.39 -7.19 -9.38
CA SER E 96 -28.49 -7.05 -10.52
C SER E 96 -29.26 -6.68 -11.78
N LYS E 97 -30.41 -7.32 -11.99
CA LYS E 97 -31.24 -7.03 -13.15
C LYS E 97 -31.60 -5.57 -13.15
N MET E 98 -31.99 -5.06 -11.98
CA MET E 98 -32.36 -3.66 -11.84
C MET E 98 -31.18 -2.69 -12.03
N LEU E 99 -30.03 -3.04 -11.48
CA LEU E 99 -28.84 -2.19 -11.61
C LEU E 99 -28.30 -2.18 -13.02
N LYS E 100 -28.63 -3.24 -13.78
CA LYS E 100 -28.20 -3.39 -15.17
C LYS E 100 -28.80 -2.28 -16.02
N CYS E 101 -29.93 -1.75 -15.54
CA CYS E 101 -30.67 -0.67 -16.20
C CYS E 101 -30.14 0.72 -15.88
N ALA E 102 -29.08 0.79 -15.08
CA ALA E 102 -28.49 2.06 -14.73
C ALA E 102 -27.33 2.30 -15.68
N GLY E 103 -27.11 3.56 -16.05
CA GLY E 103 -26.01 3.89 -16.94
C GLY E 103 -24.73 3.94 -16.12
N ASN E 104 -23.62 3.55 -16.71
CA ASN E 104 -22.33 3.55 -16.00
C ASN E 104 -21.94 4.90 -15.39
N ASP E 105 -22.46 5.99 -15.94
CA ASP E 105 -22.17 7.32 -15.44
C ASP E 105 -23.20 7.84 -14.42
N ASP E 106 -24.28 7.09 -14.23
CA ASP E 106 -25.34 7.48 -13.29
C ASP E 106 -25.01 7.52 -11.80
N ILE E 107 -25.67 8.45 -11.11
CA ILE E 107 -25.57 8.63 -9.66
C ILE E 107 -26.61 7.65 -9.11
N ILE E 108 -26.19 6.71 -8.28
CA ILE E 108 -27.12 5.72 -7.73
C ILE E 108 -27.46 5.99 -6.28
N THR E 109 -28.74 5.95 -5.96
CA THR E 109 -29.20 6.18 -4.60
C THR E 109 -30.04 5.01 -4.10
N ILE E 110 -29.68 4.52 -2.91
CA ILE E 110 -30.38 3.42 -2.26
C ILE E 110 -31.25 3.99 -1.14
N LYS E 111 -32.55 3.78 -1.25
CA LYS E 111 -33.50 4.27 -0.25
C LYS E 111 -34.23 3.10 0.41
N ALA E 112 -34.57 3.24 1.68
CA ALA E 112 -35.28 2.18 2.40
C ALA E 112 -35.81 2.60 3.76
N ASP E 113 -37.05 2.23 4.04
CA ASP E 113 -37.66 2.51 5.34
C ASP E 113 -37.30 1.35 6.25
N ASP E 114 -37.36 1.57 7.56
CA ASP E 114 -37.04 0.52 8.52
C ASP E 114 -38.11 -0.57 8.51
N GLY E 115 -39.38 -0.13 8.55
CA GLY E 115 -40.50 -1.06 8.57
C GLY E 115 -41.01 -1.52 7.22
N SER E 116 -40.44 -1.00 6.14
CA SER E 116 -40.85 -1.35 4.77
C SER E 116 -40.38 -2.74 4.30
N ASP E 117 -40.98 -3.21 3.22
CA ASP E 117 -40.67 -4.51 2.65
C ASP E 117 -40.04 -4.37 1.26
N THR E 118 -39.77 -3.13 0.86
CA THR E 118 -39.18 -2.85 -0.44
C THR E 118 -38.02 -1.88 -0.33
N VAL E 119 -37.15 -1.92 -1.33
CA VAL E 119 -36.00 -1.04 -1.38
C VAL E 119 -35.99 -0.29 -2.72
N THR E 120 -35.80 1.01 -2.65
CA THR E 120 -35.81 1.86 -3.83
C THR E 120 -34.42 2.23 -4.30
N PHE E 121 -34.20 2.04 -5.61
CA PHE E 121 -32.94 2.38 -6.26
C PHE E 121 -33.25 3.50 -7.25
N MET E 122 -32.59 4.64 -7.06
CA MET E 122 -32.76 5.79 -7.94
C MET E 122 -31.52 5.89 -8.82
N PHE E 123 -31.72 6.06 -10.11
CA PHE E 123 -30.59 6.22 -11.04
C PHE E 123 -30.79 7.57 -11.71
N GLU E 124 -29.87 8.49 -11.48
CA GLU E 124 -29.96 9.81 -12.08
C GLU E 124 -28.73 10.14 -12.92
N SER E 125 -28.96 10.62 -14.13
CA SER E 125 -27.86 10.99 -15.03
C SER E 125 -27.20 12.26 -14.51
N PRO E 126 -25.91 12.46 -14.79
CA PRO E 126 -25.18 13.65 -14.32
C PRO E 126 -25.88 14.96 -14.70
N THR E 127 -26.38 15.01 -15.93
CA THR E 127 -27.09 16.19 -16.43
C THR E 127 -28.48 16.36 -15.81
N GLN E 128 -28.95 15.30 -15.14
CA GLN E 128 -30.27 15.28 -14.47
C GLN E 128 -31.45 15.12 -15.42
N ASP E 129 -31.18 14.96 -16.72
CA ASP E 129 -32.25 14.82 -17.70
C ASP E 129 -32.95 13.44 -17.70
N LYS E 130 -32.41 12.51 -16.91
CA LYS E 130 -33.00 11.18 -16.81
C LYS E 130 -32.97 10.68 -15.37
N ILE E 131 -34.15 10.36 -14.86
CA ILE E 131 -34.30 9.89 -13.51
C ILE E 131 -35.12 8.60 -13.51
N ALA E 132 -34.54 7.53 -12.95
CA ALA E 132 -35.21 6.25 -12.88
C ALA E 132 -35.44 5.83 -11.43
N ASP E 133 -36.59 5.22 -11.20
CA ASP E 133 -37.00 4.75 -9.88
C ASP E 133 -37.28 3.24 -9.99
N PHE E 134 -36.42 2.43 -9.37
CA PHE E 134 -36.60 0.97 -9.38
C PHE E 134 -36.93 0.44 -7.97
N GLU E 135 -38.16 -0.05 -7.81
CA GLU E 135 -38.64 -0.58 -6.53
C GLU E 135 -38.57 -2.11 -6.52
N MET E 136 -37.70 -2.65 -5.67
CA MET E 136 -37.55 -4.08 -5.59
C MET E 136 -38.09 -4.61 -4.27
N LYS E 137 -38.73 -5.76 -4.34
CA LYS E 137 -39.29 -6.41 -3.14
C LYS E 137 -38.16 -7.11 -2.39
N LEU E 138 -38.06 -6.86 -1.09
CA LEU E 138 -37.03 -7.51 -0.28
C LEU E 138 -37.42 -8.97 -0.02
N MET E 139 -36.57 -9.69 0.70
CA MET E 139 -36.85 -11.08 1.05
C MET E 139 -36.30 -11.36 2.44
N ASP E 140 -36.67 -12.52 3.00
CA ASP E 140 -36.20 -12.88 4.35
C ASP E 140 -35.11 -13.94 4.27
N ILE E 141 -33.96 -13.61 4.83
CA ILE E 141 -32.80 -14.50 4.82
C ILE E 141 -32.17 -14.78 6.19
N ASP E 142 -31.98 -16.07 6.48
CA ASP E 142 -31.36 -16.52 7.74
C ASP E 142 -29.87 -16.71 7.45
N SER E 143 -29.07 -15.65 7.56
CA SER E 143 -27.65 -15.75 7.27
C SER E 143 -26.78 -16.30 8.39
N GLU E 144 -25.81 -17.14 7.99
CA GLU E 144 -24.88 -17.74 8.92
C GLU E 144 -23.55 -16.98 8.81
N HIS E 145 -23.45 -15.83 9.50
CA HIS E 145 -22.22 -15.03 9.47
C HIS E 145 -21.11 -15.67 10.28
N LEU E 146 -19.93 -15.75 9.69
CA LEU E 146 -18.79 -16.36 10.35
C LEU E 146 -17.83 -15.33 10.93
N GLY E 147 -17.17 -15.72 12.01
CA GLY E 147 -16.20 -14.86 12.66
C GLY E 147 -14.87 -15.04 11.96
N ILE E 148 -14.39 -13.98 11.32
CA ILE E 148 -13.13 -14.06 10.62
C ILE E 148 -12.05 -13.20 11.27
N PRO E 149 -11.02 -13.86 11.83
CA PRO E 149 -9.90 -13.20 12.50
C PRO E 149 -8.99 -12.51 11.50
N ASP E 150 -8.48 -11.34 11.87
CA ASP E 150 -7.58 -10.57 11.01
C ASP E 150 -6.18 -11.16 11.17
N ALA E 151 -5.99 -12.32 10.53
CA ALA E 151 -4.74 -13.06 10.57
C ALA E 151 -3.61 -12.39 9.80
N GLU E 152 -2.42 -12.98 9.91
CA GLU E 152 -1.23 -12.49 9.23
C GLU E 152 -0.71 -13.69 8.44
N TYR E 153 -1.12 -13.74 7.18
CA TYR E 153 -0.78 -14.83 6.27
C TYR E 153 0.71 -15.01 6.00
N HIS E 154 1.07 -16.23 5.66
CA HIS E 154 2.46 -16.59 5.40
C HIS E 154 2.93 -16.18 4.00
N SER E 155 1.99 -16.05 3.08
CA SER E 155 2.33 -15.65 1.71
C SER E 155 1.25 -14.77 1.13
N ILE E 156 1.68 -13.67 0.53
CA ILE E 156 0.76 -12.72 -0.08
C ILE E 156 1.19 -12.44 -1.52
N VAL E 157 0.28 -12.65 -2.46
CA VAL E 157 0.58 -12.42 -3.87
C VAL E 157 -0.30 -11.33 -4.44
N ARG E 158 0.33 -10.25 -4.89
CA ARG E 158 -0.38 -9.14 -5.49
C ARG E 158 0.04 -9.17 -6.94
N MET E 159 -0.93 -9.20 -7.84
CA MET E 159 -0.66 -9.28 -9.26
C MET E 159 -1.81 -8.64 -10.04
N PRO E 160 -1.63 -8.46 -11.36
CA PRO E 160 -2.72 -7.87 -12.13
C PRO E 160 -3.92 -8.80 -12.12
N SER E 161 -5.10 -8.25 -11.86
CA SER E 161 -6.32 -9.04 -11.82
C SER E 161 -6.59 -9.77 -13.14
N GLY E 162 -6.19 -9.16 -14.25
CA GLY E 162 -6.39 -9.75 -15.57
C GLY E 162 -5.56 -11.01 -15.76
N GLU E 163 -4.30 -10.96 -15.33
CA GLU E 163 -3.41 -12.11 -15.42
C GLU E 163 -3.92 -13.27 -14.56
N PHE E 164 -4.41 -12.97 -13.36
CA PHE E 164 -4.96 -14.00 -12.47
C PHE E 164 -6.18 -14.62 -13.13
N SER E 165 -7.02 -13.77 -13.72
CA SER E 165 -8.21 -14.21 -14.38
C SER E 165 -7.86 -15.20 -15.50
N ARG E 166 -6.87 -14.87 -16.33
CA ARG E 166 -6.47 -15.75 -17.43
C ARG E 166 -5.94 -17.08 -16.90
N ILE E 167 -5.04 -17.00 -15.92
CA ILE E 167 -4.44 -18.17 -15.28
C ILE E 167 -5.51 -19.14 -14.81
N CYS E 168 -6.52 -18.63 -14.14
CA CYS E 168 -7.58 -19.51 -13.66
C CYS E 168 -8.36 -20.13 -14.82
N LYS E 169 -8.70 -19.31 -15.80
CA LYS E 169 -9.45 -19.74 -16.99
C LYS E 169 -8.66 -20.76 -17.80
N ASP E 170 -7.36 -20.51 -17.92
CA ASP E 170 -6.47 -21.39 -18.65
C ASP E 170 -6.34 -22.75 -17.99
N LEU E 171 -6.11 -22.76 -16.68
CA LEU E 171 -5.97 -24.01 -15.94
C LEU E 171 -7.27 -24.82 -15.88
N SER E 172 -8.40 -24.15 -15.72
CA SER E 172 -9.67 -24.88 -15.66
C SER E 172 -10.00 -25.59 -16.97
N SER E 173 -9.24 -25.29 -18.02
CA SER E 173 -9.47 -25.94 -19.31
C SER E 173 -8.61 -27.20 -19.37
N ILE E 174 -7.77 -27.39 -18.35
CA ILE E 174 -6.88 -28.54 -18.25
C ILE E 174 -7.36 -29.46 -17.11
N GLY E 175 -7.73 -28.88 -15.98
CA GLY E 175 -8.18 -29.64 -14.83
C GLY E 175 -9.16 -28.91 -13.92
N ASP E 176 -9.50 -29.55 -12.79
CA ASP E 176 -10.46 -28.97 -11.85
C ASP E 176 -9.82 -28.35 -10.61
N THR E 177 -8.63 -28.83 -10.29
CA THR E 177 -7.92 -28.37 -9.11
C THR E 177 -6.62 -27.67 -9.43
N VAL E 178 -6.40 -26.52 -8.78
CA VAL E 178 -5.18 -25.77 -8.96
C VAL E 178 -4.41 -25.83 -7.65
N VAL E 179 -3.13 -26.17 -7.73
CA VAL E 179 -2.26 -26.22 -6.58
C VAL E 179 -1.48 -24.91 -6.58
N ILE E 180 -1.74 -24.05 -5.61
CA ILE E 180 -1.02 -22.79 -5.51
C ILE E 180 0.08 -22.94 -4.46
N SER E 181 1.33 -22.83 -4.88
CA SER E 181 2.45 -22.92 -3.93
C SER E 181 3.37 -21.71 -4.03
N VAL E 182 3.81 -21.21 -2.88
CA VAL E 182 4.70 -20.07 -2.85
C VAL E 182 6.01 -20.46 -2.16
N THR E 183 7.11 -20.33 -2.90
CA THR E 183 8.45 -20.63 -2.40
C THR E 183 9.30 -19.40 -2.71
N LYS E 184 10.59 -19.47 -2.42
CA LYS E 184 11.48 -18.35 -2.69
C LYS E 184 11.69 -18.23 -4.19
N GLU E 185 11.25 -19.24 -4.94
CA GLU E 185 11.37 -19.25 -6.40
C GLU E 185 10.19 -18.51 -7.04
N GLY E 186 9.21 -18.13 -6.23
CA GLY E 186 8.06 -17.42 -6.75
C GLY E 186 6.74 -18.08 -6.41
N VAL E 187 5.71 -17.79 -7.19
CA VAL E 187 4.41 -18.41 -6.96
C VAL E 187 4.06 -19.33 -8.13
N LYS E 188 3.70 -20.58 -7.81
CA LYS E 188 3.34 -21.52 -8.88
C LYS E 188 1.88 -21.98 -8.83
N PHE E 189 1.24 -22.00 -10.01
CA PHE E 189 -0.14 -22.43 -10.17
C PHE E 189 -0.06 -23.73 -10.99
N SER E 190 -0.40 -24.86 -10.37
CA SER E 190 -0.35 -26.17 -11.03
C SER E 190 -1.68 -26.87 -11.11
N THR E 191 -1.89 -27.58 -12.21
CA THR E 191 -3.10 -28.35 -12.43
C THR E 191 -2.74 -29.59 -13.27
N ALA E 192 -3.63 -30.57 -13.30
CA ALA E 192 -3.40 -31.78 -14.07
C ALA E 192 -4.75 -32.32 -14.48
N GLY E 193 -4.86 -32.71 -15.73
CA GLY E 193 -6.11 -33.25 -16.22
C GLY E 193 -5.90 -34.39 -17.17
N ASP E 194 -6.97 -34.75 -17.87
CA ASP E 194 -6.95 -35.85 -18.83
C ASP E 194 -6.00 -35.60 -20.00
N ILE E 195 -5.97 -34.35 -20.49
CA ILE E 195 -5.10 -34.03 -21.62
C ILE E 195 -3.64 -33.78 -21.24
N GLY E 196 -3.36 -33.71 -19.94
CA GLY E 196 -1.99 -33.50 -19.49
C GLY E 196 -1.84 -32.59 -18.27
N THR E 197 -0.62 -32.14 -18.01
CA THR E 197 -0.35 -31.26 -16.88
C THR E 197 0.01 -29.85 -17.32
N ALA E 198 -0.16 -28.89 -16.42
CA ALA E 198 0.18 -27.50 -16.70
C ALA E 198 0.50 -26.75 -15.43
N ASN E 199 1.59 -25.99 -15.48
CA ASN E 199 1.98 -25.16 -14.35
C ASN E 199 2.47 -23.80 -14.87
N ILE E 200 2.14 -22.75 -14.13
CA ILE E 200 2.51 -21.39 -14.48
C ILE E 200 3.19 -20.75 -13.27
N VAL E 201 4.44 -20.36 -13.47
CA VAL E 201 5.24 -19.73 -12.40
C VAL E 201 5.42 -18.23 -12.60
N LEU E 202 5.17 -17.46 -11.54
CA LEU E 202 5.34 -16.01 -11.60
C LEU E 202 6.40 -15.59 -10.59
N ARG E 203 7.33 -14.75 -11.03
CA ARG E 203 8.41 -14.23 -10.16
C ARG E 203 8.40 -12.72 -10.30
N GLN E 204 8.85 -12.00 -9.28
CA GLN E 204 8.90 -10.53 -9.37
C GLN E 204 9.96 -10.15 -10.39
N ASN E 205 9.70 -9.08 -11.13
CA ASN E 205 10.66 -8.58 -12.11
C ASN E 205 11.75 -7.79 -11.37
N THR E 206 12.81 -7.39 -12.08
CA THR E 206 13.88 -6.61 -11.44
C THR E 206 13.30 -5.32 -10.89
N THR E 207 12.33 -4.76 -11.60
CA THR E 207 11.64 -3.54 -11.20
C THR E 207 10.20 -3.66 -11.69
N VAL E 208 9.34 -2.79 -11.18
CA VAL E 208 7.95 -2.76 -11.63
C VAL E 208 7.92 -1.59 -12.61
N ASP E 209 8.21 -1.90 -13.86
CA ASP E 209 8.28 -0.91 -14.93
C ASP E 209 6.96 -0.68 -15.67
N LYS E 210 5.97 -1.51 -15.40
CA LYS E 210 4.67 -1.41 -16.05
C LYS E 210 3.65 -2.31 -15.34
N PRO E 211 2.35 -2.23 -15.73
CA PRO E 211 1.29 -3.04 -15.11
C PRO E 211 1.53 -4.55 -15.17
N GLU E 212 1.87 -5.06 -16.35
CA GLU E 212 2.15 -6.50 -16.55
C GLU E 212 3.14 -7.05 -15.51
N ASP E 213 4.08 -6.20 -15.11
CA ASP E 213 5.12 -6.56 -14.15
C ASP E 213 4.77 -6.24 -12.69
N ALA E 214 3.56 -5.74 -12.45
CA ALA E 214 3.12 -5.40 -11.10
C ALA E 214 2.81 -6.65 -10.29
N ILE E 215 3.83 -7.49 -10.14
CA ILE E 215 3.75 -8.74 -9.42
C ILE E 215 4.59 -8.63 -8.15
N VAL E 216 3.92 -8.56 -7.01
CA VAL E 216 4.60 -8.47 -5.73
C VAL E 216 4.29 -9.76 -4.96
N ILE E 217 5.35 -10.44 -4.51
CA ILE E 217 5.20 -11.69 -3.78
C ILE E 217 5.89 -11.68 -2.43
N GLU E 218 5.10 -11.66 -1.36
CA GLU E 218 5.65 -11.71 -0.01
C GLU E 218 5.62 -13.16 0.44
N MET E 219 6.69 -13.60 1.09
CA MET E 219 6.78 -14.98 1.54
C MET E 219 7.48 -15.12 2.90
N ASN E 220 6.69 -15.26 3.97
CA ASN E 220 7.22 -15.42 5.32
C ASN E 220 7.53 -16.90 5.55
N GLU E 221 6.64 -17.76 5.07
CA GLU E 221 6.78 -19.21 5.19
C GLU E 221 6.17 -19.87 3.96
N PRO E 222 6.86 -20.87 3.39
CA PRO E 222 6.36 -21.58 2.21
C PRO E 222 4.95 -22.11 2.40
N VAL E 223 4.12 -21.97 1.38
CA VAL E 223 2.73 -22.44 1.43
C VAL E 223 2.39 -23.19 0.15
N SER E 224 1.57 -24.24 0.28
CA SER E 224 1.15 -25.05 -0.85
C SER E 224 -0.23 -25.62 -0.53
N LEU E 225 -1.23 -25.18 -1.29
CA LEU E 225 -2.61 -25.62 -1.07
C LEU E 225 -3.31 -25.94 -2.39
N SER E 226 -4.36 -26.76 -2.31
CA SER E 226 -5.14 -27.15 -3.48
C SER E 226 -6.51 -26.51 -3.41
N PHE E 227 -6.96 -25.96 -4.52
CA PHE E 227 -8.28 -25.31 -4.58
C PHE E 227 -9.07 -25.70 -5.79
N ALA E 228 -10.39 -25.56 -5.69
CA ALA E 228 -11.30 -25.87 -6.78
C ALA E 228 -11.34 -24.68 -7.76
N LEU E 229 -10.80 -24.88 -8.95
CA LEU E 229 -10.77 -23.83 -9.97
C LEU E 229 -12.13 -23.23 -10.30
N ARG E 230 -13.18 -24.05 -10.24
CA ARG E 230 -14.53 -23.60 -10.54
C ARG E 230 -14.92 -22.39 -9.68
N TYR E 231 -14.46 -22.37 -8.43
CA TYR E 231 -14.74 -21.27 -7.52
C TYR E 231 -13.86 -20.06 -7.78
N MET E 232 -12.59 -20.30 -8.11
CA MET E 232 -11.68 -19.20 -8.44
C MET E 232 -12.23 -18.44 -9.66
N ASN E 233 -12.73 -19.18 -10.64
CA ASN E 233 -13.29 -18.58 -11.86
C ASN E 233 -14.53 -17.78 -11.54
N SER E 234 -15.11 -18.01 -10.38
CA SER E 234 -16.29 -17.27 -9.98
C SER E 234 -15.83 -15.94 -9.40
N PHE E 235 -14.73 -15.99 -8.65
CA PHE E 235 -14.14 -14.82 -8.01
C PHE E 235 -13.64 -13.82 -9.06
N THR E 236 -13.13 -14.34 -10.17
CA THR E 236 -12.60 -13.49 -11.24
C THR E 236 -13.62 -12.59 -11.90
N LYS E 237 -14.90 -12.85 -11.65
CA LYS E 237 -15.98 -12.04 -12.22
C LYS E 237 -15.93 -10.64 -11.59
N ALA E 238 -15.02 -10.44 -10.63
CA ALA E 238 -14.85 -9.16 -9.97
C ALA E 238 -13.70 -8.36 -10.57
N THR E 239 -13.05 -8.95 -11.57
CA THR E 239 -11.91 -8.34 -12.28
C THR E 239 -12.11 -6.87 -12.67
N PRO E 240 -13.27 -6.51 -13.26
CA PRO E 240 -13.50 -5.12 -13.64
C PRO E 240 -13.44 -4.06 -12.53
N LEU E 241 -13.48 -4.50 -11.28
CA LEU E 241 -13.42 -3.59 -10.13
C LEU E 241 -12.05 -3.02 -9.84
N SER E 242 -11.02 -3.78 -10.14
CA SER E 242 -9.64 -3.35 -9.89
C SER E 242 -8.63 -3.90 -10.89
N GLU E 243 -7.49 -3.21 -10.99
CA GLU E 243 -6.42 -3.62 -11.90
C GLU E 243 -5.57 -4.66 -11.18
N THR E 244 -5.71 -4.70 -9.86
CA THR E 244 -4.96 -5.61 -9.02
C THR E 244 -5.81 -6.53 -8.14
N VAL E 245 -5.25 -7.69 -7.84
CA VAL E 245 -5.89 -8.68 -6.98
C VAL E 245 -4.81 -9.13 -6.00
N THR E 246 -5.21 -9.40 -4.77
CA THR E 246 -4.28 -9.85 -3.73
C THR E 246 -4.69 -11.23 -3.22
N ILE E 247 -3.76 -12.16 -3.24
CA ILE E 247 -4.04 -13.53 -2.80
C ILE E 247 -3.25 -13.81 -1.52
N SER E 248 -3.98 -14.02 -0.42
CA SER E 248 -3.36 -14.29 0.87
C SER E 248 -3.47 -15.77 1.21
N LEU E 249 -2.31 -16.39 1.44
CA LEU E 249 -2.21 -17.81 1.73
C LEU E 249 -1.58 -18.18 3.06
N SER E 250 -2.11 -19.24 3.66
CA SER E 250 -1.62 -19.79 4.93
C SER E 250 -1.98 -21.27 5.00
N SER E 251 -0.96 -22.08 5.28
CA SER E 251 -1.04 -23.53 5.38
C SER E 251 -2.33 -24.17 5.92
N GLU E 252 -2.90 -23.61 6.99
CA GLU E 252 -4.10 -24.20 7.58
C GLU E 252 -5.30 -23.25 7.65
N LEU E 253 -5.57 -22.58 6.53
CA LEU E 253 -6.69 -21.64 6.45
C LEU E 253 -7.15 -21.51 5.01
N PRO E 254 -8.39 -20.99 4.82
CA PRO E 254 -8.93 -20.81 3.48
C PRO E 254 -8.13 -19.69 2.80
N VAL E 255 -8.04 -19.73 1.47
CA VAL E 255 -7.33 -18.69 0.75
C VAL E 255 -8.21 -17.44 0.68
N VAL E 256 -7.57 -16.27 0.70
CA VAL E 256 -8.29 -14.99 0.61
C VAL E 256 -7.90 -14.31 -0.70
N VAL E 257 -8.90 -14.02 -1.53
CA VAL E 257 -8.70 -13.37 -2.82
C VAL E 257 -9.43 -12.05 -2.73
N GLU E 258 -8.69 -10.94 -2.77
CA GLU E 258 -9.28 -9.61 -2.63
C GLU E 258 -9.13 -8.61 -3.78
N TYR E 259 -10.20 -7.86 -4.02
CA TYR E 259 -10.26 -6.82 -5.04
C TYR E 259 -10.73 -5.54 -4.34
N LYS E 260 -9.87 -4.53 -4.27
CA LYS E 260 -10.24 -3.26 -3.63
C LYS E 260 -11.25 -2.52 -4.51
N VAL E 261 -12.32 -2.02 -3.87
CA VAL E 261 -13.34 -1.28 -4.58
C VAL E 261 -12.98 0.18 -4.58
N ALA E 262 -12.42 0.59 -5.66
CA ALA E 262 -12.01 1.94 -5.75
C ALA E 262 -11.23 2.22 -4.53
N GLU E 263 -11.62 3.23 -3.91
CA GLU E 263 -10.85 3.63 -2.80
C GLU E 263 -11.75 3.66 -1.61
N MET E 264 -12.82 2.88 -1.64
CA MET E 264 -13.80 2.97 -0.56
C MET E 264 -14.14 1.64 0.11
N GLY E 265 -13.42 0.58 -0.22
CA GLY E 265 -13.72 -0.71 0.38
C GLY E 265 -13.13 -1.86 -0.41
N TYR E 266 -13.81 -3.00 -0.39
CA TYR E 266 -13.31 -4.18 -1.07
C TYR E 266 -14.34 -5.30 -1.18
N ILE E 267 -13.87 -6.41 -1.74
CA ILE E 267 -14.64 -7.63 -1.86
C ILE E 267 -13.60 -8.70 -1.56
N ARG E 268 -13.78 -9.40 -0.46
CA ARG E 268 -12.88 -10.47 -0.08
C ARG E 268 -13.55 -11.82 -0.27
N TYR E 269 -12.95 -12.65 -1.12
CA TYR E 269 -13.46 -14.00 -1.37
C TYR E 269 -12.62 -15.00 -0.57
N TYR E 270 -13.27 -15.98 0.05
CA TYR E 270 -12.57 -17.01 0.81
C TYR E 270 -12.89 -18.38 0.23
N LEU E 271 -11.87 -19.17 -0.07
CA LEU E 271 -12.09 -20.50 -0.61
C LEU E 271 -11.44 -21.55 0.28
N ALA E 272 -12.25 -22.48 0.78
CA ALA E 272 -11.76 -23.54 1.64
C ALA E 272 -10.88 -24.51 0.84
N PRO E 273 -9.75 -24.92 1.41
CA PRO E 273 -8.82 -25.85 0.75
C PRO E 273 -9.31 -27.27 0.52
N LYS E 274 -8.61 -27.98 -0.36
CA LYS E 274 -8.90 -29.35 -0.70
C LYS E 274 -7.81 -30.19 -0.02
N ILE E 275 -8.19 -30.89 1.04
CA ILE E 275 -7.28 -31.72 1.84
C ILE E 275 -7.14 -33.17 1.37
N MET F 21 -40.68 -3.16 -66.75
CA MET F 21 -39.33 -3.45 -66.19
C MET F 21 -39.04 -2.51 -65.01
N LEU F 22 -38.50 -3.07 -63.92
CA LEU F 22 -38.16 -2.30 -62.74
C LEU F 22 -36.65 -2.32 -62.54
N GLU F 23 -36.08 -1.17 -62.20
CA GLU F 23 -34.65 -1.05 -61.96
C GLU F 23 -34.37 0.13 -61.02
N LEU F 24 -34.14 -0.20 -59.76
CA LEU F 24 -33.88 0.80 -58.73
C LEU F 24 -32.46 0.64 -58.21
N ARG F 25 -31.64 1.67 -58.39
CA ARG F 25 -30.25 1.62 -57.94
C ARG F 25 -30.01 2.54 -56.74
N LEU F 26 -29.61 1.93 -55.63
CA LEU F 26 -29.33 2.64 -54.39
C LEU F 26 -27.82 2.59 -54.09
N VAL F 27 -27.18 3.77 -54.10
CA VAL F 27 -25.74 3.88 -53.85
C VAL F 27 -25.37 3.40 -52.46
N GLN F 28 -25.93 4.03 -51.42
CA GLN F 28 -25.64 3.60 -50.06
C GLN F 28 -26.51 2.37 -49.79
N GLY F 29 -26.08 1.25 -50.37
CA GLY F 29 -26.79 -0.01 -50.23
C GLY F 29 -27.02 -0.48 -48.81
N SER F 30 -26.16 -0.09 -47.88
CA SER F 30 -26.32 -0.50 -46.49
C SER F 30 -27.70 -0.13 -45.94
N LEU F 31 -28.30 0.94 -46.47
CA LEU F 31 -29.62 1.38 -46.01
C LEU F 31 -30.68 0.29 -46.20
N LEU F 32 -30.63 -0.38 -47.35
CA LEU F 32 -31.57 -1.43 -47.67
C LEU F 32 -31.36 -2.65 -46.75
N LYS F 33 -30.13 -2.82 -46.30
CA LYS F 33 -29.79 -3.92 -45.40
C LYS F 33 -30.40 -3.65 -44.02
N LYS F 34 -30.24 -2.42 -43.54
CA LYS F 34 -30.77 -2.03 -42.25
C LYS F 34 -32.31 -2.07 -42.25
N VAL F 35 -32.91 -1.73 -43.37
CA VAL F 35 -34.35 -1.74 -43.52
C VAL F 35 -34.91 -3.16 -43.38
N LEU F 36 -34.38 -4.10 -44.17
CA LEU F 36 -34.84 -5.46 -44.11
C LEU F 36 -34.56 -6.13 -42.76
N GLU F 37 -33.43 -5.81 -42.14
CA GLU F 37 -33.07 -6.38 -40.84
C GLU F 37 -34.13 -6.03 -39.81
N ALA F 38 -34.66 -4.82 -39.95
CA ALA F 38 -35.67 -4.29 -39.05
C ALA F 38 -37.05 -4.93 -39.26
N VAL F 39 -37.64 -4.68 -40.42
CA VAL F 39 -38.98 -5.18 -40.72
C VAL F 39 -39.19 -6.69 -40.63
N LYS F 40 -38.18 -7.47 -41.03
CA LYS F 40 -38.26 -8.93 -41.04
C LYS F 40 -38.56 -9.61 -39.71
N ASP F 41 -38.27 -8.94 -38.61
CA ASP F 41 -38.52 -9.55 -37.30
C ASP F 41 -39.96 -9.34 -36.86
N LEU F 42 -40.62 -8.39 -37.51
CA LEU F 42 -42.01 -8.09 -37.20
C LEU F 42 -42.95 -8.78 -38.18
N VAL F 43 -42.58 -8.74 -39.45
CA VAL F 43 -43.36 -9.31 -40.55
C VAL F 43 -42.57 -10.38 -41.33
N ASN F 44 -43.19 -11.55 -41.55
CA ASN F 44 -42.53 -12.63 -42.29
C ASN F 44 -42.58 -12.39 -43.80
N ASP F 45 -43.77 -12.14 -44.33
CA ASP F 45 -43.96 -11.92 -45.76
C ASP F 45 -44.70 -10.61 -46.01
N ALA F 46 -44.32 -9.89 -47.06
CA ALA F 46 -44.98 -8.63 -47.39
C ALA F 46 -44.74 -8.21 -48.82
N ASN F 47 -45.54 -7.23 -49.25
CA ASN F 47 -45.44 -6.68 -50.59
C ASN F 47 -44.67 -5.37 -50.58
N PHE F 48 -43.81 -5.21 -51.59
CA PHE F 48 -43.06 -3.97 -51.77
C PHE F 48 -43.76 -3.36 -52.97
N ASP F 49 -44.31 -2.17 -52.78
CA ASP F 49 -45.03 -1.51 -53.86
C ASP F 49 -44.13 -0.46 -54.48
N CYS F 50 -44.01 -0.50 -55.81
CA CYS F 50 -43.19 0.44 -56.55
C CYS F 50 -44.06 1.37 -57.36
N SER F 51 -43.78 2.67 -57.24
CA SER F 51 -44.52 3.68 -57.97
C SER F 51 -43.51 4.76 -58.35
N THR F 52 -43.99 5.89 -58.84
CA THR F 52 -43.10 6.98 -59.20
C THR F 52 -42.66 7.74 -57.95
N THR F 53 -43.46 7.62 -56.89
CA THR F 53 -43.17 8.26 -55.60
C THR F 53 -41.96 7.61 -54.93
N GLY F 54 -41.93 6.28 -54.95
CA GLY F 54 -40.83 5.56 -54.35
C GLY F 54 -41.13 4.10 -54.04
N PHE F 55 -40.15 3.49 -53.37
CA PHE F 55 -40.18 2.09 -52.97
C PHE F 55 -40.81 2.08 -51.57
N SER F 56 -41.99 1.48 -51.43
CA SER F 56 -42.68 1.46 -50.15
C SER F 56 -43.18 0.09 -49.72
N LEU F 57 -43.76 0.02 -48.53
CA LEU F 57 -44.31 -1.21 -47.96
C LEU F 57 -45.19 -0.92 -46.76
N GLN F 58 -46.33 -1.61 -46.69
CA GLN F 58 -47.19 -1.46 -45.53
C GLN F 58 -47.69 -2.84 -45.15
N ALA F 59 -47.57 -3.19 -43.88
CA ALA F 59 -48.03 -4.50 -43.42
C ALA F 59 -48.16 -4.58 -41.92
N MET F 60 -49.05 -5.46 -41.47
CA MET F 60 -49.30 -5.67 -40.05
C MET F 60 -48.71 -7.01 -39.66
N ASP F 61 -48.41 -7.17 -38.38
CA ASP F 61 -47.90 -8.45 -37.89
C ASP F 61 -49.07 -9.43 -37.95
N SER F 62 -48.78 -10.73 -37.85
CA SER F 62 -49.82 -11.76 -37.90
C SER F 62 -51.01 -11.55 -36.94
N SER F 63 -50.78 -10.88 -35.81
CA SER F 63 -51.85 -10.65 -34.83
C SER F 63 -52.60 -9.34 -35.05
N HIS F 64 -52.13 -8.51 -35.98
CA HIS F 64 -52.76 -7.22 -36.28
C HIS F 64 -52.60 -6.21 -35.15
N VAL F 65 -51.63 -6.44 -34.28
CA VAL F 65 -51.36 -5.56 -33.15
C VAL F 65 -50.43 -4.42 -33.54
N ALA F 66 -49.53 -4.67 -34.49
CA ALA F 66 -48.59 -3.65 -34.95
C ALA F 66 -48.66 -3.50 -36.46
N LEU F 67 -48.12 -2.40 -36.96
CA LEU F 67 -48.14 -2.15 -38.39
C LEU F 67 -46.87 -1.40 -38.74
N VAL F 68 -46.29 -1.77 -39.87
CA VAL F 68 -45.08 -1.11 -40.34
C VAL F 68 -45.30 -0.49 -41.71
N SER F 69 -44.95 0.78 -41.82
CA SER F 69 -45.08 1.55 -43.04
C SER F 69 -43.70 2.11 -43.37
N LEU F 70 -43.17 1.70 -44.53
CA LEU F 70 -41.87 2.12 -45.01
C LEU F 70 -41.96 2.93 -46.31
N LEU F 71 -41.00 3.82 -46.52
CA LEU F 71 -40.98 4.63 -47.73
C LEU F 71 -39.60 5.10 -48.11
N LEU F 72 -39.13 4.64 -49.26
CA LEU F 72 -37.84 5.06 -49.77
C LEU F 72 -38.17 5.88 -51.01
N ARG F 73 -38.22 7.20 -50.83
CA ARG F 73 -38.53 8.13 -51.91
C ARG F 73 -37.64 7.95 -53.13
N SER F 74 -38.26 8.09 -54.30
CA SER F 74 -37.58 7.95 -55.59
C SER F 74 -36.32 8.79 -55.73
N GLU F 75 -36.28 9.97 -55.11
CA GLU F 75 -35.14 10.86 -55.19
C GLU F 75 -33.88 10.29 -54.55
N GLY F 76 -34.06 9.46 -53.53
CA GLY F 76 -32.93 8.86 -52.84
C GLY F 76 -32.13 7.86 -53.66
N PHE F 77 -32.74 7.39 -54.75
CA PHE F 77 -32.10 6.44 -55.65
C PHE F 77 -31.35 7.19 -56.74
N GLU F 78 -30.13 6.75 -57.05
CA GLU F 78 -29.32 7.38 -58.09
C GLU F 78 -29.97 7.17 -59.47
N HIS F 79 -30.55 5.99 -59.66
CA HIS F 79 -31.22 5.63 -60.89
C HIS F 79 -32.59 5.10 -60.48
N TYR F 80 -33.66 5.68 -61.02
CA TYR F 80 -34.99 5.24 -60.66
C TYR F 80 -35.94 5.13 -61.84
N ARG F 81 -36.14 3.89 -62.28
CA ARG F 81 -37.03 3.59 -63.40
C ARG F 81 -38.12 2.65 -62.95
N CYS F 82 -39.37 3.14 -63.04
CA CYS F 82 -40.54 2.35 -62.67
C CYS F 82 -41.63 2.77 -63.65
N ASP F 83 -41.79 1.98 -64.70
CA ASP F 83 -42.77 2.24 -65.75
C ASP F 83 -44.22 2.18 -65.25
N ARG F 84 -44.54 1.10 -64.54
CA ARG F 84 -45.89 0.91 -64.02
C ARG F 84 -45.87 0.48 -62.56
N ASN F 85 -46.94 0.82 -61.83
CA ASN F 85 -47.07 0.46 -60.44
C ASN F 85 -47.07 -1.06 -60.31
N LEU F 86 -46.14 -1.59 -59.53
CA LEU F 86 -46.04 -3.03 -59.37
C LEU F 86 -45.74 -3.46 -57.94
N SER F 87 -46.34 -4.57 -57.53
CA SER F 87 -46.15 -5.11 -56.20
C SER F 87 -45.38 -6.42 -56.25
N MET F 88 -44.34 -6.52 -55.43
CA MET F 88 -43.54 -7.74 -55.38
C MET F 88 -43.67 -8.39 -54.01
N GLY F 89 -44.29 -9.57 -53.98
CA GLY F 89 -44.44 -10.29 -52.72
C GLY F 89 -43.12 -10.92 -52.35
N MET F 90 -42.68 -10.76 -51.11
CA MET F 90 -41.40 -11.33 -50.72
C MET F 90 -41.28 -11.87 -49.32
N ASN F 91 -40.55 -12.97 -49.22
CA ASN F 91 -40.25 -13.58 -47.94
C ASN F 91 -39.12 -12.67 -47.44
N LEU F 92 -39.47 -11.75 -46.53
CA LEU F 92 -38.51 -10.79 -45.97
C LEU F 92 -37.27 -11.46 -45.38
N GLY F 93 -37.45 -12.63 -44.80
CA GLY F 93 -36.33 -13.36 -44.23
C GLY F 93 -35.34 -13.73 -45.31
N ASN F 94 -35.85 -14.25 -46.43
CA ASN F 94 -35.00 -14.64 -47.55
C ASN F 94 -34.34 -13.42 -48.19
N MET F 95 -35.10 -12.34 -48.33
CA MET F 95 -34.55 -11.14 -48.92
C MET F 95 -33.39 -10.61 -48.05
N SER F 96 -33.61 -10.58 -46.74
CA SER F 96 -32.61 -10.13 -45.78
C SER F 96 -31.35 -11.00 -45.87
N LYS F 97 -31.56 -12.31 -45.96
CA LYS F 97 -30.47 -13.26 -46.06
C LYS F 97 -29.59 -12.93 -47.27
N MET F 98 -30.23 -12.58 -48.37
CA MET F 98 -29.49 -12.22 -49.58
C MET F 98 -28.80 -10.88 -49.43
N LEU F 99 -29.50 -9.88 -48.89
CA LEU F 99 -28.93 -8.56 -48.69
C LEU F 99 -27.75 -8.56 -47.72
N LYS F 100 -27.72 -9.55 -46.83
CA LYS F 100 -26.64 -9.66 -45.85
C LYS F 100 -25.31 -9.98 -46.55
N CYS F 101 -25.40 -10.50 -47.77
CA CYS F 101 -24.22 -10.83 -48.55
C CYS F 101 -23.59 -9.63 -49.22
N ALA F 102 -24.32 -8.52 -49.19
CA ALA F 102 -23.84 -7.27 -49.79
C ALA F 102 -22.94 -6.60 -48.79
N GLY F 103 -21.92 -5.91 -49.29
CA GLY F 103 -21.01 -5.18 -48.43
C GLY F 103 -21.66 -3.85 -48.07
N ASN F 104 -21.33 -3.31 -46.89
CA ASN F 104 -21.90 -2.03 -46.47
C ASN F 104 -21.61 -0.85 -47.40
N ASP F 105 -20.56 -0.97 -48.22
CA ASP F 105 -20.19 0.09 -49.17
C ASP F 105 -20.70 -0.18 -50.60
N ASP F 106 -21.33 -1.33 -50.80
CA ASP F 106 -21.85 -1.70 -52.12
C ASP F 106 -23.07 -0.94 -52.62
N ILE F 107 -23.12 -0.76 -53.94
CA ILE F 107 -24.23 -0.11 -54.61
C ILE F 107 -25.20 -1.28 -54.86
N ILE F 108 -26.44 -1.16 -54.38
CA ILE F 108 -27.43 -2.22 -54.56
C ILE F 108 -28.49 -1.85 -55.59
N THR F 109 -28.72 -2.74 -56.54
CA THR F 109 -29.72 -2.49 -57.57
C THR F 109 -30.78 -3.58 -57.55
N ILE F 110 -32.04 -3.16 -57.53
CA ILE F 110 -33.17 -4.08 -57.52
C ILE F 110 -33.69 -4.14 -58.96
N LYS F 111 -33.69 -5.34 -59.54
CA LYS F 111 -34.15 -5.57 -60.90
C LYS F 111 -35.31 -6.57 -60.97
N ALA F 112 -36.24 -6.32 -61.89
CA ALA F 112 -37.39 -7.18 -62.07
C ALA F 112 -38.14 -6.86 -63.37
N ASP F 113 -38.41 -7.90 -64.16
CA ASP F 113 -39.15 -7.76 -65.40
C ASP F 113 -40.61 -7.84 -64.96
N ASP F 114 -41.41 -6.82 -65.31
CA ASP F 114 -42.82 -6.78 -64.93
C ASP F 114 -43.49 -8.14 -65.10
N GLY F 115 -43.23 -8.76 -66.26
CA GLY F 115 -43.77 -10.09 -66.53
C GLY F 115 -42.76 -11.15 -66.14
N SER F 116 -42.62 -11.39 -64.83
CA SER F 116 -41.70 -12.40 -64.28
C SER F 116 -42.00 -12.67 -62.81
N ASP F 117 -41.57 -13.83 -62.32
CA ASP F 117 -41.80 -14.22 -60.94
C ASP F 117 -40.53 -14.31 -60.08
N THR F 118 -39.49 -13.57 -60.47
CA THR F 118 -38.23 -13.56 -59.73
C THR F 118 -37.68 -12.14 -59.67
N VAL F 119 -36.98 -11.83 -58.58
CA VAL F 119 -36.38 -10.52 -58.44
C VAL F 119 -34.87 -10.68 -58.28
N THR F 120 -34.12 -9.75 -58.87
CA THR F 120 -32.68 -9.76 -58.87
C THR F 120 -32.08 -8.58 -58.09
N PHE F 121 -31.11 -8.91 -57.23
CA PHE F 121 -30.41 -7.92 -56.44
C PHE F 121 -28.96 -7.93 -56.91
N MET F 122 -28.49 -6.78 -57.37
CA MET F 122 -27.12 -6.64 -57.84
C MET F 122 -26.35 -5.87 -56.78
N PHE F 123 -25.20 -6.41 -56.38
CA PHE F 123 -24.35 -5.75 -55.39
C PHE F 123 -23.06 -5.48 -56.15
N GLU F 124 -22.63 -4.22 -56.13
CA GLU F 124 -21.43 -3.84 -56.87
C GLU F 124 -20.57 -2.91 -56.04
N SER F 125 -19.29 -3.24 -55.95
CA SER F 125 -18.34 -2.42 -55.20
C SER F 125 -18.11 -1.13 -55.96
N PRO F 126 -17.76 -0.04 -55.25
CA PRO F 126 -17.51 1.26 -55.86
C PRO F 126 -16.49 1.15 -57.01
N THR F 127 -15.41 0.41 -56.74
CA THR F 127 -14.34 0.20 -57.72
C THR F 127 -14.79 -0.68 -58.88
N GLN F 128 -15.90 -1.39 -58.69
CA GLN F 128 -16.49 -2.29 -59.70
C GLN F 128 -15.74 -3.61 -59.92
N ASP F 129 -14.70 -3.87 -59.15
CA ASP F 129 -13.98 -5.12 -59.33
C ASP F 129 -14.74 -6.32 -58.73
N LYS F 130 -15.89 -6.06 -58.12
CA LYS F 130 -16.71 -7.11 -57.54
C LYS F 130 -18.19 -6.90 -57.80
N ILE F 131 -18.77 -7.80 -58.58
CA ILE F 131 -20.17 -7.73 -58.93
C ILE F 131 -20.89 -9.02 -58.56
N ALA F 132 -21.92 -8.90 -57.73
CA ALA F 132 -22.71 -10.02 -57.28
C ALA F 132 -24.11 -9.97 -57.90
N ASP F 133 -24.68 -11.14 -58.15
CA ASP F 133 -26.00 -11.27 -58.76
C ASP F 133 -26.81 -12.29 -57.93
N PHE F 134 -27.76 -11.79 -57.16
CA PHE F 134 -28.61 -12.64 -56.34
C PHE F 134 -30.04 -12.66 -56.86
N GLU F 135 -30.53 -13.85 -57.13
CA GLU F 135 -31.87 -14.05 -57.68
C GLU F 135 -32.77 -14.72 -56.65
N MET F 136 -33.95 -14.14 -56.45
CA MET F 136 -34.89 -14.66 -55.48
C MET F 136 -36.29 -14.84 -56.09
N LYS F 137 -36.99 -15.85 -55.60
CA LYS F 137 -38.34 -16.15 -56.07
C LYS F 137 -39.42 -15.28 -55.40
N LEU F 138 -40.22 -14.60 -56.21
CA LEU F 138 -41.31 -13.79 -55.72
C LEU F 138 -42.48 -14.69 -55.29
N MET F 139 -43.41 -14.15 -54.51
CA MET F 139 -44.56 -14.92 -54.09
C MET F 139 -45.80 -14.05 -54.20
N ASP F 140 -46.97 -14.68 -54.30
CA ASP F 140 -48.22 -13.94 -54.39
C ASP F 140 -48.74 -13.68 -52.99
N ILE F 141 -48.88 -12.40 -52.66
CA ILE F 141 -49.34 -12.01 -51.34
C ILE F 141 -50.50 -11.04 -51.43
N ASP F 142 -51.62 -11.40 -50.80
CA ASP F 142 -52.77 -10.51 -50.77
C ASP F 142 -52.81 -9.97 -49.33
N SER F 143 -52.31 -8.74 -49.16
CA SER F 143 -52.26 -8.12 -47.85
C SER F 143 -53.27 -7.02 -47.62
N GLU F 144 -53.59 -6.82 -46.35
CA GLU F 144 -54.53 -5.79 -45.92
C GLU F 144 -53.77 -4.48 -45.69
N HIS F 145 -54.12 -3.44 -46.45
CA HIS F 145 -53.49 -2.13 -46.27
C HIS F 145 -54.49 -1.23 -45.55
N LEU F 146 -54.02 -0.51 -44.54
CA LEU F 146 -54.89 0.36 -43.77
C LEU F 146 -54.76 1.81 -44.16
N GLY F 147 -55.87 2.53 -44.03
CA GLY F 147 -55.88 3.96 -44.33
C GLY F 147 -55.50 4.68 -43.06
N ILE F 148 -54.35 5.32 -43.07
CA ILE F 148 -53.87 6.04 -41.90
C ILE F 148 -53.89 7.54 -42.15
N PRO F 149 -54.76 8.26 -41.43
CA PRO F 149 -54.91 9.71 -41.56
C PRO F 149 -53.70 10.44 -40.99
N ASP F 150 -53.28 11.48 -41.68
CA ASP F 150 -52.15 12.30 -41.24
C ASP F 150 -52.78 13.18 -40.15
N ALA F 151 -52.22 13.14 -38.93
CA ALA F 151 -52.77 13.94 -37.84
C ALA F 151 -51.74 14.65 -36.97
N GLU F 152 -52.22 15.56 -36.13
CA GLU F 152 -51.37 16.29 -35.21
C GLU F 152 -51.55 15.61 -33.85
N TYR F 153 -50.47 15.01 -33.35
CA TYR F 153 -50.53 14.30 -32.08
C TYR F 153 -50.46 15.21 -30.87
N HIS F 154 -50.99 14.73 -29.76
CA HIS F 154 -51.00 15.47 -28.52
C HIS F 154 -49.60 15.60 -27.91
N SER F 155 -48.79 14.55 -28.04
CA SER F 155 -47.45 14.55 -27.48
C SER F 155 -46.46 13.95 -28.46
N ILE F 156 -45.28 14.54 -28.53
CA ILE F 156 -44.25 14.05 -29.41
C ILE F 156 -42.92 13.98 -28.66
N VAL F 157 -42.28 12.82 -28.74
CA VAL F 157 -41.01 12.63 -28.08
C VAL F 157 -39.93 12.30 -29.09
N ARG F 158 -38.91 13.16 -29.14
CA ARG F 158 -37.78 12.96 -30.03
C ARG F 158 -36.61 12.69 -29.09
N MET F 159 -36.03 11.51 -29.22
CA MET F 159 -34.93 11.11 -28.36
C MET F 159 -33.95 10.25 -29.12
N PRO F 160 -32.76 10.01 -28.52
CA PRO F 160 -31.73 9.18 -29.15
C PRO F 160 -32.26 7.75 -29.27
N SER F 161 -32.07 7.15 -30.43
CA SER F 161 -32.57 5.81 -30.68
C SER F 161 -31.97 4.76 -29.77
N GLY F 162 -30.72 4.97 -29.36
CA GLY F 162 -30.03 4.04 -28.48
C GLY F 162 -30.68 4.05 -27.11
N GLU F 163 -30.98 5.25 -26.61
CA GLU F 163 -31.61 5.44 -25.32
C GLU F 163 -33.00 4.76 -25.31
N PHE F 164 -33.79 4.97 -26.35
CA PHE F 164 -35.11 4.37 -26.42
C PHE F 164 -34.96 2.84 -26.46
N SER F 165 -33.91 2.37 -27.14
CA SER F 165 -33.68 0.95 -27.24
C SER F 165 -33.34 0.37 -25.85
N ARG F 166 -32.58 1.13 -25.07
CA ARG F 166 -32.20 0.70 -23.73
C ARG F 166 -33.40 0.69 -22.80
N ILE F 167 -34.23 1.73 -22.86
CA ILE F 167 -35.42 1.80 -22.03
C ILE F 167 -36.32 0.59 -22.29
N CYS F 168 -36.60 0.30 -23.56
CA CYS F 168 -37.44 -0.86 -23.86
C CYS F 168 -36.82 -2.16 -23.37
N LYS F 169 -35.54 -2.37 -23.70
CA LYS F 169 -34.82 -3.57 -23.30
C LYS F 169 -34.81 -3.72 -21.77
N ASP F 170 -34.50 -2.62 -21.08
CA ASP F 170 -34.45 -2.59 -19.62
C ASP F 170 -35.80 -2.92 -18.98
N LEU F 171 -36.82 -2.15 -19.32
CA LEU F 171 -38.14 -2.35 -18.75
C LEU F 171 -38.69 -3.74 -19.04
N SER F 172 -38.38 -4.29 -20.21
CA SER F 172 -38.90 -5.61 -20.57
C SER F 172 -38.37 -6.73 -19.68
N SER F 173 -37.23 -6.51 -19.05
CA SER F 173 -36.65 -7.49 -18.16
C SER F 173 -37.34 -7.43 -16.80
N ILE F 174 -38.23 -6.45 -16.65
CA ILE F 174 -38.98 -6.26 -15.41
C ILE F 174 -40.46 -6.64 -15.57
N GLY F 175 -41.05 -6.24 -16.69
CA GLY F 175 -42.45 -6.54 -16.94
C GLY F 175 -42.78 -6.66 -18.42
N ASP F 176 -44.04 -6.90 -18.74
CA ASP F 176 -44.44 -7.07 -20.14
C ASP F 176 -45.06 -5.85 -20.80
N THR F 177 -45.59 -4.94 -20.00
CA THR F 177 -46.23 -3.77 -20.55
C THR F 177 -45.70 -2.48 -19.95
N VAL F 178 -45.52 -1.49 -20.83
CA VAL F 178 -45.01 -0.20 -20.42
C VAL F 178 -46.07 0.89 -20.59
N VAL F 179 -46.19 1.72 -19.56
CA VAL F 179 -47.12 2.83 -19.56
C VAL F 179 -46.28 4.04 -19.95
N ILE F 180 -46.61 4.65 -21.09
CA ILE F 180 -45.89 5.83 -21.53
C ILE F 180 -46.80 7.02 -21.28
N SER F 181 -46.34 7.97 -20.48
CA SER F 181 -47.14 9.14 -20.20
C SER F 181 -46.35 10.43 -20.29
N VAL F 182 -46.95 11.42 -20.93
CA VAL F 182 -46.31 12.70 -21.09
C VAL F 182 -47.12 13.78 -20.39
N THR F 183 -46.43 14.57 -19.59
CA THR F 183 -47.02 15.70 -18.88
C THR F 183 -46.02 16.84 -19.02
N LYS F 184 -46.28 17.95 -18.33
CA LYS F 184 -45.37 19.08 -18.38
C LYS F 184 -44.09 18.77 -17.61
N GLU F 185 -44.13 17.72 -16.78
CA GLU F 185 -42.97 17.29 -16.01
C GLU F 185 -42.10 16.32 -16.83
N GLY F 186 -42.45 16.12 -18.11
CA GLY F 186 -41.68 15.23 -18.97
C GLY F 186 -42.33 13.95 -19.42
N VAL F 187 -41.51 12.99 -19.85
CA VAL F 187 -42.03 11.70 -20.29
C VAL F 187 -41.61 10.57 -19.36
N LYS F 188 -42.58 9.74 -18.99
CA LYS F 188 -42.31 8.61 -18.09
C LYS F 188 -42.65 7.25 -18.69
N PHE F 189 -41.70 6.33 -18.60
CA PHE F 189 -41.86 4.96 -19.08
C PHE F 189 -41.88 4.10 -17.82
N SER F 190 -43.01 3.44 -17.56
CA SER F 190 -43.10 2.61 -16.36
C SER F 190 -43.66 1.22 -16.55
N THR F 191 -43.07 0.26 -15.86
CA THR F 191 -43.52 -1.12 -15.93
C THR F 191 -43.64 -1.71 -14.51
N ALA F 192 -44.06 -2.97 -14.44
CA ALA F 192 -44.24 -3.67 -13.17
C ALA F 192 -44.27 -5.16 -13.45
N GLY F 193 -43.63 -5.94 -12.58
CA GLY F 193 -43.57 -7.37 -12.77
C GLY F 193 -43.38 -8.09 -11.46
N ASP F 194 -43.02 -9.37 -11.53
CA ASP F 194 -42.81 -10.19 -10.34
C ASP F 194 -41.73 -9.66 -9.40
N ILE F 195 -40.66 -9.09 -9.94
CA ILE F 195 -39.60 -8.59 -9.06
C ILE F 195 -39.78 -7.17 -8.52
N GLY F 196 -40.74 -6.43 -9.07
CA GLY F 196 -40.98 -5.08 -8.60
C GLY F 196 -41.39 -4.10 -9.68
N THR F 197 -41.36 -2.81 -9.35
CA THR F 197 -41.73 -1.78 -10.31
C THR F 197 -40.53 -0.97 -10.81
N ALA F 198 -40.72 -0.26 -11.92
CA ALA F 198 -39.65 0.54 -12.50
C ALA F 198 -40.18 1.61 -13.43
N ASN F 199 -39.73 2.84 -13.21
CA ASN F 199 -40.14 3.93 -14.07
C ASN F 199 -38.93 4.82 -14.40
N ILE F 200 -38.88 5.26 -15.65
CA ILE F 200 -37.80 6.09 -16.15
C ILE F 200 -38.40 7.39 -16.65
N VAL F 201 -38.00 8.51 -16.04
CA VAL F 201 -38.48 9.84 -16.42
C VAL F 201 -37.42 10.63 -17.19
N LEU F 202 -37.81 11.14 -18.36
CA LEU F 202 -36.90 11.92 -19.19
C LEU F 202 -37.44 13.34 -19.34
N ARG F 203 -36.56 14.31 -19.15
CA ARG F 203 -36.91 15.73 -19.26
C ARG F 203 -35.95 16.43 -20.24
N GLN F 204 -36.36 17.55 -20.80
CA GLN F 204 -35.46 18.29 -21.70
C GLN F 204 -34.42 18.94 -20.82
N ASN F 205 -33.19 19.04 -21.31
CA ASN F 205 -32.15 19.67 -20.52
C ASN F 205 -32.23 21.18 -20.78
N THR F 206 -31.41 21.95 -20.06
CA THR F 206 -31.41 23.40 -20.23
C THR F 206 -31.07 23.73 -21.69
N THR F 207 -30.24 22.89 -22.31
CA THR F 207 -29.83 23.03 -23.70
C THR F 207 -29.51 21.64 -24.27
N VAL F 208 -29.43 21.55 -25.60
CA VAL F 208 -29.08 20.31 -26.27
C VAL F 208 -27.60 20.50 -26.56
N ASP F 209 -26.76 20.18 -25.58
CA ASP F 209 -25.31 20.33 -25.71
C ASP F 209 -24.51 19.07 -26.08
N LYS F 210 -25.22 17.99 -26.40
CA LYS F 210 -24.62 16.71 -26.76
C LYS F 210 -25.71 15.75 -27.24
N PRO F 211 -25.33 14.65 -27.92
CA PRO F 211 -26.29 13.65 -28.43
C PRO F 211 -27.27 13.10 -27.39
N GLU F 212 -26.76 12.64 -26.26
CA GLU F 212 -27.60 12.08 -25.20
C GLU F 212 -28.65 13.08 -24.67
N ASP F 213 -28.32 14.37 -24.72
CA ASP F 213 -29.24 15.41 -24.27
C ASP F 213 -30.16 15.92 -25.37
N ALA F 214 -30.13 15.24 -26.53
CA ALA F 214 -30.97 15.62 -27.66
C ALA F 214 -32.36 15.02 -27.47
N ILE F 215 -33.03 15.48 -26.43
CA ILE F 215 -34.36 15.01 -26.12
C ILE F 215 -35.31 16.17 -26.28
N VAL F 216 -36.33 15.96 -27.10
CA VAL F 216 -37.34 16.97 -27.34
C VAL F 216 -38.69 16.38 -27.02
N ILE F 217 -39.44 17.09 -26.18
CA ILE F 217 -40.75 16.63 -25.77
C ILE F 217 -41.81 17.70 -26.00
N GLU F 218 -42.64 17.50 -27.01
CA GLU F 218 -43.71 18.43 -27.32
C GLU F 218 -44.99 17.88 -26.74
N MET F 219 -45.61 18.65 -25.85
CA MET F 219 -46.83 18.21 -25.20
C MET F 219 -47.94 19.24 -25.31
N ASN F 220 -48.87 19.02 -26.23
CA ASN F 220 -50.00 19.93 -26.39
C ASN F 220 -51.05 19.58 -25.35
N GLU F 221 -51.22 18.27 -25.12
CA GLU F 221 -52.18 17.74 -24.15
C GLU F 221 -51.60 16.46 -23.54
N PRO F 222 -51.78 16.26 -22.22
CA PRO F 222 -51.28 15.08 -21.52
C PRO F 222 -51.75 13.78 -22.17
N VAL F 223 -50.85 12.80 -22.24
CA VAL F 223 -51.18 11.50 -22.81
C VAL F 223 -50.58 10.39 -21.99
N SER F 224 -51.36 9.33 -21.77
CA SER F 224 -50.91 8.17 -21.01
C SER F 224 -51.55 6.95 -21.64
N LEU F 225 -50.71 6.03 -22.11
CA LEU F 225 -51.18 4.83 -22.79
C LEU F 225 -50.29 3.66 -22.41
N SER F 226 -50.80 2.45 -22.57
CA SER F 226 -50.07 1.24 -22.24
C SER F 226 -49.80 0.41 -23.49
N PHE F 227 -48.57 -0.10 -23.60
CA PHE F 227 -48.20 -0.90 -24.74
C PHE F 227 -47.43 -2.17 -24.38
N ALA F 228 -47.44 -3.11 -25.31
CA ALA F 228 -46.73 -4.37 -25.16
C ALA F 228 -45.25 -4.15 -25.51
N LEU F 229 -44.37 -4.22 -24.50
CA LEU F 229 -42.94 -4.01 -24.70
C LEU F 229 -42.35 -4.96 -25.74
N ARG F 230 -42.93 -6.15 -25.85
CA ARG F 230 -42.45 -7.14 -26.80
C ARG F 230 -42.40 -6.54 -28.22
N TYR F 231 -43.41 -5.75 -28.56
CA TYR F 231 -43.51 -5.11 -29.87
C TYR F 231 -42.56 -3.92 -29.98
N MET F 232 -42.48 -3.11 -28.93
CA MET F 232 -41.56 -1.98 -28.94
C MET F 232 -40.13 -2.52 -29.19
N ASN F 233 -39.79 -3.67 -28.58
CA ASN F 233 -38.47 -4.28 -28.76
C ASN F 233 -38.26 -4.79 -30.18
N SER F 234 -39.35 -4.99 -30.91
CA SER F 234 -39.24 -5.42 -32.29
C SER F 234 -38.93 -4.18 -33.13
N PHE F 235 -39.49 -3.05 -32.72
CA PHE F 235 -39.30 -1.78 -33.43
C PHE F 235 -37.86 -1.28 -33.33
N THR F 236 -37.25 -1.46 -32.17
CA THR F 236 -35.88 -1.02 -31.95
C THR F 236 -34.86 -1.71 -32.83
N LYS F 237 -35.29 -2.68 -33.63
CA LYS F 237 -34.39 -3.35 -34.55
C LYS F 237 -33.96 -2.37 -35.66
N ALA F 238 -34.68 -1.26 -35.78
CA ALA F 238 -34.41 -0.23 -36.77
C ALA F 238 -33.43 0.82 -36.23
N THR F 239 -33.03 0.65 -34.97
CA THR F 239 -32.08 1.57 -34.32
C THR F 239 -30.87 1.97 -35.18
N PRO F 240 -30.18 0.99 -35.80
CA PRO F 240 -29.02 1.37 -36.61
C PRO F 240 -29.27 2.28 -37.82
N LEU F 241 -30.54 2.54 -38.14
CA LEU F 241 -30.91 3.39 -39.26
C LEU F 241 -30.75 4.89 -38.96
N SER F 242 -30.93 5.25 -37.70
CA SER F 242 -30.85 6.65 -37.29
C SER F 242 -30.46 6.77 -35.82
N GLU F 243 -29.85 7.91 -35.49
CA GLU F 243 -29.42 8.19 -34.14
C GLU F 243 -30.60 8.78 -33.36
N THR F 244 -31.68 9.07 -34.07
CA THR F 244 -32.88 9.66 -33.48
C THR F 244 -34.18 8.92 -33.81
N VAL F 245 -35.03 8.77 -32.81
CA VAL F 245 -36.33 8.14 -33.00
C VAL F 245 -37.35 9.18 -32.53
N THR F 246 -38.54 9.14 -33.14
CA THR F 246 -39.63 10.05 -32.82
C THR F 246 -40.87 9.25 -32.43
N ILE F 247 -41.37 9.52 -31.23
CA ILE F 247 -42.55 8.83 -30.70
C ILE F 247 -43.75 9.78 -30.65
N SER F 248 -44.82 9.43 -31.37
CA SER F 248 -46.02 10.26 -31.41
C SER F 248 -47.18 9.57 -30.69
N LEU F 249 -47.74 10.27 -29.70
CA LEU F 249 -48.83 9.76 -28.88
C LEU F 249 -50.09 10.61 -28.89
N SER F 250 -51.23 9.95 -28.81
CA SER F 250 -52.56 10.57 -28.77
C SER F 250 -53.49 9.54 -28.14
N SER F 251 -54.22 9.96 -27.12
CA SER F 251 -55.15 9.12 -26.38
C SER F 251 -56.02 8.17 -27.20
N GLU F 252 -56.64 8.68 -28.26
CA GLU F 252 -57.51 7.86 -29.10
C GLU F 252 -56.82 7.31 -30.35
N LEU F 253 -55.58 6.88 -30.21
CA LEU F 253 -54.85 6.36 -31.35
C LEU F 253 -53.66 5.49 -30.96
N PRO F 254 -53.25 4.60 -31.86
CA PRO F 254 -52.10 3.72 -31.62
C PRO F 254 -50.87 4.66 -31.63
N VAL F 255 -49.79 4.27 -30.94
CA VAL F 255 -48.59 5.08 -30.92
C VAL F 255 -47.80 4.90 -32.22
N VAL F 256 -47.09 5.94 -32.65
CA VAL F 256 -46.27 5.89 -33.85
C VAL F 256 -44.78 6.04 -33.45
N VAL F 257 -43.94 5.11 -33.87
CA VAL F 257 -42.51 5.10 -33.58
C VAL F 257 -41.74 5.15 -34.91
N GLU F 258 -41.22 6.33 -35.24
CA GLU F 258 -40.52 6.56 -36.51
C GLU F 258 -38.97 6.68 -36.51
N TYR F 259 -38.36 6.09 -37.54
CA TYR F 259 -36.92 6.12 -37.74
C TYR F 259 -36.65 6.65 -39.15
N LYS F 260 -35.96 7.79 -39.26
CA LYS F 260 -35.64 8.38 -40.57
C LYS F 260 -34.58 7.53 -41.28
N VAL F 261 -34.86 7.26 -42.55
CA VAL F 261 -33.95 6.46 -43.39
C VAL F 261 -33.09 7.45 -44.11
N ALA F 262 -32.03 7.74 -43.39
CA ALA F 262 -31.16 8.75 -43.84
C ALA F 262 -32.03 9.94 -44.07
N GLU F 263 -31.96 10.38 -45.29
CA GLU F 263 -32.63 11.55 -45.67
C GLU F 263 -33.64 11.31 -46.77
N MET F 264 -33.84 10.03 -47.12
CA MET F 264 -34.68 9.75 -48.24
C MET F 264 -36.04 9.13 -47.92
N GLY F 265 -36.34 8.84 -46.66
CA GLY F 265 -37.61 8.23 -46.34
C GLY F 265 -37.72 7.81 -44.89
N TYR F 266 -38.45 6.74 -44.59
CA TYR F 266 -38.64 6.34 -43.20
C TYR F 266 -39.23 4.97 -42.98
N ILE F 267 -39.26 4.58 -41.71
CA ILE F 267 -39.89 3.34 -41.28
C ILE F 267 -40.78 3.81 -40.14
N ARG F 268 -42.08 3.67 -40.31
CA ARG F 268 -43.04 4.06 -39.27
C ARG F 268 -43.68 2.82 -38.65
N TYR F 269 -43.60 2.72 -37.34
CA TYR F 269 -44.17 1.60 -36.61
C TYR F 269 -45.39 2.11 -35.86
N TYR F 270 -46.51 1.42 -36.04
CA TYR F 270 -47.73 1.78 -35.35
C TYR F 270 -48.05 0.63 -34.41
N LEU F 271 -48.43 0.94 -33.18
CA LEU F 271 -48.74 -0.08 -32.19
C LEU F 271 -50.04 0.23 -31.48
N ALA F 272 -50.96 -0.73 -31.50
CA ALA F 272 -52.28 -0.59 -30.85
C ALA F 272 -52.11 -0.64 -29.34
N PRO F 273 -52.82 0.22 -28.62
CA PRO F 273 -52.73 0.29 -27.15
C PRO F 273 -53.48 -0.80 -26.38
N LYS F 274 -53.16 -0.90 -25.10
CA LYS F 274 -53.81 -1.84 -24.20
C LYS F 274 -54.72 -0.99 -23.33
N ILE F 275 -56.01 -1.32 -23.31
CA ILE F 275 -56.93 -0.54 -22.50
C ILE F 275 -57.63 -1.42 -21.43
N MET G 21 33.63 42.14 17.12
CA MET G 21 32.33 42.78 17.48
C MET G 21 31.96 43.91 16.52
N LEU G 22 30.72 43.86 16.03
CA LEU G 22 30.20 44.87 15.11
C LEU G 22 29.96 46.14 15.94
N GLU G 23 30.39 47.28 15.43
CA GLU G 23 30.20 48.54 16.15
C GLU G 23 30.06 49.73 15.20
N LEU G 24 28.82 50.14 14.99
CA LEU G 24 28.51 51.26 14.09
C LEU G 24 28.03 52.51 14.84
N ARG G 25 28.88 53.54 14.85
CA ARG G 25 28.56 54.79 15.52
C ARG G 25 28.10 55.84 14.51
N LEU G 26 26.88 56.34 14.73
CA LEU G 26 26.27 57.35 13.87
C LEU G 26 25.99 58.61 14.69
N VAL G 27 26.63 59.73 14.30
CA VAL G 27 26.46 60.99 15.00
C VAL G 27 25.03 61.54 14.98
N GLN G 28 24.45 61.71 13.79
CA GLN G 28 23.07 62.19 13.71
C GLN G 28 22.16 60.99 13.92
N GLY G 29 21.94 60.65 15.19
CA GLY G 29 21.10 59.52 15.55
C GLY G 29 19.67 59.58 15.04
N SER G 30 19.15 60.79 14.80
CA SER G 30 17.77 60.93 14.32
C SER G 30 17.58 60.28 12.96
N LEU G 31 18.66 60.13 12.18
CA LEU G 31 18.55 59.51 10.86
C LEU G 31 18.11 58.06 10.97
N LEU G 32 18.66 57.36 11.96
CA LEU G 32 18.32 55.96 12.18
C LEU G 32 16.88 55.86 12.66
N LYS G 33 16.48 56.79 13.52
CA LYS G 33 15.12 56.85 14.07
C LYS G 33 14.10 57.03 12.96
N LYS G 34 14.41 57.95 12.05
CA LYS G 34 13.57 58.24 10.90
C LYS G 34 13.52 57.05 9.96
N VAL G 35 14.64 56.35 9.81
CA VAL G 35 14.72 55.17 8.93
C VAL G 35 13.80 54.07 9.47
N LEU G 36 13.90 53.78 10.77
CA LEU G 36 13.07 52.75 11.36
C LEU G 36 11.59 53.08 11.29
N GLU G 37 11.26 54.35 11.56
CA GLU G 37 9.87 54.80 11.53
C GLU G 37 9.24 54.56 10.17
N ALA G 38 10.06 54.73 9.12
CA ALA G 38 9.62 54.56 7.75
C ALA G 38 9.35 53.12 7.31
N VAL G 39 10.31 52.24 7.53
CA VAL G 39 10.17 50.86 7.10
C VAL G 39 9.33 49.96 7.99
N LYS G 40 9.09 50.35 9.24
CA LYS G 40 8.33 49.49 10.17
C LYS G 40 6.85 49.30 9.89
N ASP G 41 6.19 50.30 9.30
CA ASP G 41 4.77 50.17 9.01
C ASP G 41 4.53 49.29 7.79
N LEU G 42 5.57 49.19 6.95
CA LEU G 42 5.51 48.39 5.74
C LEU G 42 5.86 46.93 6.01
N VAL G 43 6.99 46.71 6.67
CA VAL G 43 7.47 45.38 7.02
C VAL G 43 7.61 45.26 8.54
N ASN G 44 7.20 44.10 9.08
CA ASN G 44 7.28 43.86 10.51
C ASN G 44 8.68 43.52 11.01
N ASP G 45 9.40 42.70 10.25
CA ASP G 45 10.76 42.33 10.61
C ASP G 45 11.62 42.12 9.38
N ALA G 46 12.93 42.31 9.52
CA ALA G 46 13.84 42.12 8.40
C ALA G 46 15.27 41.98 8.86
N ASN G 47 16.12 41.49 7.96
CA ASN G 47 17.52 41.35 8.26
C ASN G 47 18.30 42.60 7.88
N PHE G 48 19.13 43.06 8.82
CA PHE G 48 19.99 44.20 8.59
C PHE G 48 21.35 43.61 8.26
N ASP G 49 21.73 43.67 6.99
CA ASP G 49 23.00 43.12 6.55
C ASP G 49 24.13 44.12 6.72
N CYS G 50 25.21 43.69 7.33
CA CYS G 50 26.37 44.54 7.55
C CYS G 50 27.58 44.03 6.80
N SER G 51 28.06 44.85 5.87
CA SER G 51 29.23 44.53 5.08
C SER G 51 30.28 45.59 5.37
N THR G 52 31.45 45.43 4.76
CA THR G 52 32.52 46.39 4.95
C THR G 52 32.13 47.71 4.27
N THR G 53 31.11 47.63 3.42
CA THR G 53 30.60 48.76 2.64
C THR G 53 29.48 49.55 3.31
N GLY G 54 28.56 48.85 3.98
CA GLY G 54 27.47 49.54 4.63
C GLY G 54 26.42 48.73 5.37
N PHE G 55 25.49 49.46 5.98
CA PHE G 55 24.41 48.90 6.77
C PHE G 55 23.16 48.88 5.87
N SER G 56 22.90 47.72 5.26
CA SER G 56 21.77 47.57 4.34
C SER G 56 20.63 46.69 4.82
N LEU G 57 19.54 46.69 4.04
CA LEU G 57 18.34 45.90 4.34
C LEU G 57 17.44 45.81 3.12
N GLN G 58 16.92 44.61 2.86
CA GLN G 58 16.00 44.41 1.76
C GLN G 58 14.90 43.46 2.21
N ALA G 59 13.65 43.88 2.08
CA ALA G 59 12.55 43.04 2.50
C ALA G 59 11.26 43.37 1.79
N MET G 60 10.39 42.36 1.69
CA MET G 60 9.09 42.49 1.06
C MET G 60 8.04 42.40 2.16
N ASP G 61 6.85 42.90 1.89
CA ASP G 61 5.77 42.82 2.85
C ASP G 61 5.17 41.41 2.72
N SER G 62 4.24 41.07 3.60
CA SER G 62 3.62 39.74 3.60
C SER G 62 3.02 39.34 2.25
N SER G 63 2.37 40.30 1.61
CA SER G 63 1.73 40.07 0.32
C SER G 63 2.69 39.95 -0.87
N HIS G 64 3.96 40.31 -0.65
CA HIS G 64 4.97 40.29 -1.70
C HIS G 64 4.59 41.32 -2.79
N VAL G 65 3.76 42.28 -2.39
CA VAL G 65 3.28 43.36 -3.25
C VAL G 65 4.26 44.54 -3.31
N ALA G 66 4.91 44.83 -2.18
CA ALA G 66 5.86 45.93 -2.10
C ALA G 66 7.20 45.47 -1.56
N LEU G 67 8.24 46.22 -1.87
CA LEU G 67 9.58 45.89 -1.39
C LEU G 67 10.30 47.15 -0.94
N VAL G 68 11.17 47.01 0.05
CA VAL G 68 11.94 48.11 0.57
C VAL G 68 13.42 47.76 0.58
N SER G 69 14.23 48.66 0.04
CA SER G 69 15.67 48.51 -0.02
C SER G 69 16.29 49.67 0.74
N LEU G 70 17.17 49.35 1.67
CA LEU G 70 17.82 50.36 2.48
C LEU G 70 19.34 50.26 2.38
N LEU G 71 20.00 51.41 2.33
CA LEU G 71 21.43 51.49 2.28
C LEU G 71 21.91 52.72 3.04
N LEU G 72 22.87 52.49 3.93
CA LEU G 72 23.48 53.55 4.71
C LEU G 72 24.95 53.20 4.54
N ARG G 73 25.59 53.84 3.57
CA ARG G 73 27.00 53.61 3.26
C ARG G 73 27.90 53.82 4.48
N SER G 74 28.98 53.06 4.53
CA SER G 74 29.95 53.13 5.64
C SER G 74 30.44 54.54 5.88
N GLU G 75 30.62 55.27 4.79
CA GLU G 75 31.09 56.66 4.83
C GLU G 75 30.27 57.53 5.78
N GLY G 76 28.98 57.24 5.90
CA GLY G 76 28.10 58.03 6.74
C GLY G 76 28.31 57.90 8.24
N PHE G 77 29.00 56.85 8.66
CA PHE G 77 29.24 56.59 10.08
C PHE G 77 30.57 57.18 10.55
N GLU G 78 30.54 57.74 11.77
CA GLU G 78 31.74 58.32 12.36
C GLU G 78 32.74 57.19 12.62
N HIS G 79 32.22 56.06 13.11
CA HIS G 79 33.04 54.88 13.36
C HIS G 79 32.33 53.73 12.66
N TYR G 80 33.10 52.90 11.97
CA TYR G 80 32.53 51.78 11.24
C TYR G 80 33.44 50.56 11.27
N ARG G 81 33.07 49.60 12.12
CA ARG G 81 33.85 48.37 12.25
C ARG G 81 32.97 47.15 12.00
N CYS G 82 33.27 46.45 10.92
CA CYS G 82 32.53 45.26 10.52
C CYS G 82 33.44 44.37 9.67
N ASP G 83 34.37 43.71 10.33
CA ASP G 83 35.34 42.84 9.68
C ASP G 83 34.70 41.67 8.91
N ARG G 84 33.80 40.94 9.57
CA ARG G 84 33.11 39.82 8.93
C ARG G 84 31.61 40.09 8.72
N ASN G 85 31.12 39.79 7.51
CA ASN G 85 29.72 39.99 7.13
C ASN G 85 28.75 39.27 8.06
N LEU G 86 27.64 39.93 8.40
CA LEU G 86 26.64 39.34 9.28
C LEU G 86 25.25 39.94 9.10
N SER G 87 24.24 39.12 9.34
CA SER G 87 22.84 39.53 9.20
C SER G 87 22.13 39.58 10.54
N MET G 88 21.65 40.76 10.93
CA MET G 88 20.93 40.87 12.18
C MET G 88 19.42 40.90 11.94
N GLY G 89 18.76 39.78 12.21
CA GLY G 89 17.33 39.70 12.05
C GLY G 89 16.70 40.49 13.18
N MET G 90 15.78 41.38 12.86
CA MET G 90 15.16 42.20 13.89
C MET G 90 13.68 42.49 13.77
N ASN G 91 13.01 42.53 14.91
CA ASN G 91 11.60 42.87 14.96
C ASN G 91 11.69 44.39 14.79
N LEU G 92 11.32 44.89 13.62
CA LEU G 92 11.43 46.32 13.34
C LEU G 92 10.66 47.16 14.36
N GLY G 93 9.52 46.66 14.80
CA GLY G 93 8.73 47.37 15.78
C GLY G 93 9.46 47.53 17.11
N ASN G 94 10.12 46.47 17.57
CA ASN G 94 10.85 46.52 18.83
C ASN G 94 12.05 47.46 18.70
N MET G 95 12.72 47.41 17.56
CA MET G 95 13.86 48.28 17.36
C MET G 95 13.41 49.74 17.39
N SER G 96 12.27 50.01 16.75
CA SER G 96 11.69 51.36 16.69
C SER G 96 11.28 51.90 18.06
N LYS G 97 10.65 51.05 18.89
CA LYS G 97 10.25 51.47 20.23
C LYS G 97 11.48 51.89 21.03
N MET G 98 12.59 51.18 20.85
CA MET G 98 13.82 51.50 21.56
C MET G 98 14.48 52.78 21.04
N LEU G 99 14.68 52.89 19.73
CA LEU G 99 15.30 54.07 19.14
C LEU G 99 14.53 55.35 19.45
N LYS G 100 13.21 55.21 19.58
CA LYS G 100 12.32 56.31 19.91
C LYS G 100 12.74 56.96 21.24
N CYS G 101 13.40 56.16 22.09
CA CYS G 101 13.86 56.65 23.39
C CYS G 101 15.13 57.49 23.33
N ALA G 102 15.73 57.58 22.15
CA ALA G 102 16.94 58.37 21.97
C ALA G 102 16.56 59.80 21.63
N GLY G 103 17.45 60.73 21.96
CA GLY G 103 17.19 62.13 21.65
C GLY G 103 17.59 62.37 20.21
N ASN G 104 17.06 63.41 19.57
CA ASN G 104 17.40 63.70 18.18
C ASN G 104 18.87 64.10 18.01
N ASP G 105 19.42 64.73 19.05
CA ASP G 105 20.81 65.19 19.05
C ASP G 105 21.78 64.07 19.50
N ASP G 106 21.24 62.93 19.90
CA ASP G 106 22.06 61.81 20.38
C ASP G 106 22.84 61.02 19.35
N ILE G 107 24.05 60.63 19.76
CA ILE G 107 24.96 59.82 18.97
C ILE G 107 24.58 58.37 19.25
N ILE G 108 24.26 57.63 18.20
CA ILE G 108 23.85 56.24 18.34
C ILE G 108 24.91 55.25 17.86
N THR G 109 25.12 54.20 18.64
CA THR G 109 26.09 53.17 18.31
C THR G 109 25.40 51.81 18.33
N ILE G 110 25.56 51.04 17.26
CA ILE G 110 25.00 49.70 17.19
C ILE G 110 26.14 48.69 17.46
N LYS G 111 25.98 47.88 18.50
CA LYS G 111 26.97 46.88 18.89
C LYS G 111 26.40 45.46 18.89
N ALA G 112 27.21 44.50 18.47
CA ALA G 112 26.79 43.10 18.43
C ALA G 112 27.98 42.15 18.32
N ASP G 113 28.05 41.20 19.26
CA ASP G 113 29.14 40.21 19.26
C ASP G 113 28.92 39.23 18.12
N ASP G 114 30.02 38.86 17.46
CA ASP G 114 29.99 37.92 16.33
C ASP G 114 29.15 36.69 16.67
N GLY G 115 29.34 36.18 17.89
CA GLY G 115 28.59 35.03 18.35
C GLY G 115 27.68 35.48 19.48
N SER G 116 26.46 35.89 19.14
CA SER G 116 25.47 36.35 20.11
C SER G 116 24.10 36.48 19.45
N ASP G 117 23.06 36.56 20.27
CA ASP G 117 21.69 36.67 19.77
C ASP G 117 21.03 37.96 20.25
N THR G 118 21.86 38.93 20.64
CA THR G 118 21.36 40.19 21.13
C THR G 118 22.12 41.35 20.49
N VAL G 119 21.44 42.49 20.37
CA VAL G 119 22.04 43.70 19.80
C VAL G 119 21.90 44.85 20.79
N THR G 120 22.97 45.64 20.96
CA THR G 120 22.96 46.75 21.89
C THR G 120 22.90 48.11 21.20
N PHE G 121 22.05 49.00 21.73
CA PHE G 121 21.91 50.34 21.21
C PHE G 121 22.34 51.33 22.29
N MET G 122 23.39 52.09 22.01
CA MET G 122 23.89 53.09 22.95
C MET G 122 23.43 54.45 22.45
N PHE G 123 22.83 55.24 23.33
CA PHE G 123 22.39 56.57 22.96
C PHE G 123 23.21 57.48 23.86
N GLU G 124 23.99 58.36 23.27
CA GLU G 124 24.82 59.26 24.04
C GLU G 124 24.61 60.72 23.68
N SER G 125 24.38 61.54 24.71
CA SER G 125 24.18 62.98 24.54
C SER G 125 25.52 63.62 24.15
N PRO G 126 25.49 64.72 23.40
CA PRO G 126 26.70 65.43 22.96
C PRO G 126 27.68 65.74 24.09
N THR G 127 27.13 66.10 25.25
CA THR G 127 27.91 66.44 26.43
C THR G 127 28.36 65.19 27.20
N GLN G 128 27.71 64.07 26.94
CA GLN G 128 27.99 62.78 27.58
C GLN G 128 27.48 62.68 29.02
N ASP G 129 26.72 63.67 29.44
CA ASP G 129 26.17 63.65 30.78
C ASP G 129 25.10 62.55 30.89
N LYS G 130 24.69 62.02 29.73
CA LYS G 130 23.68 60.96 29.68
C LYS G 130 24.02 59.86 28.68
N ILE G 131 23.98 58.61 29.15
CA ILE G 131 24.26 57.45 28.32
C ILE G 131 23.19 56.38 28.52
N ALA G 132 22.53 56.01 27.42
CA ALA G 132 21.48 55.00 27.43
C ALA G 132 22.02 53.71 26.83
N ASP G 133 21.60 52.58 27.40
CA ASP G 133 22.05 51.26 26.96
C ASP G 133 20.83 50.33 26.79
N PHE G 134 20.31 50.26 25.57
CA PHE G 134 19.16 49.42 25.26
C PHE G 134 19.58 48.09 24.59
N GLU G 135 19.23 46.98 25.22
CA GLU G 135 19.55 45.66 24.68
C GLU G 135 18.29 44.96 24.17
N MET G 136 18.39 44.36 22.98
CA MET G 136 17.26 43.70 22.37
C MET G 136 17.62 42.30 21.89
N LYS G 137 16.63 41.43 21.82
CA LYS G 137 16.85 40.06 21.36
C LYS G 137 16.71 40.03 19.84
N LEU G 138 17.67 39.40 19.17
CA LEU G 138 17.60 39.27 17.72
C LEU G 138 16.65 38.11 17.43
N MET G 139 16.28 37.94 16.16
CA MET G 139 15.39 36.86 15.78
C MET G 139 15.85 36.16 14.51
N ASP G 140 15.37 34.94 14.28
CA ASP G 140 15.74 34.17 13.09
C ASP G 140 14.84 34.55 11.92
N ILE G 141 15.43 35.08 10.85
CA ILE G 141 14.68 35.49 9.67
C ILE G 141 15.23 34.93 8.36
N ASP G 142 14.35 34.31 7.57
CA ASP G 142 14.71 33.74 6.27
C ASP G 142 14.45 34.79 5.19
N SER G 143 15.37 35.74 5.02
CA SER G 143 15.18 36.78 4.01
C SER G 143 15.13 36.22 2.61
N GLU G 144 14.19 36.75 1.83
CA GLU G 144 14.00 36.33 0.45
C GLU G 144 14.44 37.50 -0.44
N HIS G 145 15.75 37.74 -0.50
CA HIS G 145 16.30 38.83 -1.31
C HIS G 145 16.06 38.72 -2.79
N LEU G 146 15.83 39.86 -3.44
CA LEU G 146 15.60 39.87 -4.87
C LEU G 146 16.71 40.58 -5.64
N GLY G 147 16.97 40.09 -6.84
CA GLY G 147 17.97 40.70 -7.69
C GLY G 147 17.27 41.75 -8.53
N ILE G 148 17.71 43.00 -8.39
CA ILE G 148 17.11 44.09 -9.14
C ILE G 148 18.12 44.83 -10.01
N PRO G 149 17.93 44.77 -11.34
CA PRO G 149 18.83 45.43 -12.28
C PRO G 149 18.72 46.96 -12.13
N ASP G 150 19.81 47.67 -12.39
CA ASP G 150 19.83 49.13 -12.32
C ASP G 150 19.32 49.73 -13.63
N ALA G 151 18.37 49.04 -14.26
CA ALA G 151 17.78 49.47 -15.52
C ALA G 151 17.25 50.90 -15.47
N GLU G 152 17.38 51.63 -16.57
CA GLU G 152 16.89 53.00 -16.62
C GLU G 152 15.42 53.04 -17.04
N TYR G 153 14.68 53.94 -16.42
CA TYR G 153 13.26 54.09 -16.64
C TYR G 153 12.83 55.10 -17.70
N HIS G 154 11.61 54.91 -18.19
CA HIS G 154 11.03 55.77 -19.22
C HIS G 154 10.64 57.17 -18.71
N SER G 155 10.22 57.25 -17.44
CA SER G 155 9.83 58.53 -16.85
C SER G 155 10.34 58.64 -15.42
N ILE G 156 10.75 59.84 -15.03
CA ILE G 156 11.25 60.05 -13.68
C ILE G 156 10.67 61.37 -13.19
N VAL G 157 10.11 61.34 -11.97
CA VAL G 157 9.53 62.54 -11.39
C VAL G 157 10.13 62.89 -10.03
N ARG G 158 10.68 64.09 -9.95
CA ARG G 158 11.27 64.58 -8.73
C ARG G 158 10.38 65.73 -8.27
N MET G 159 9.95 65.67 -7.02
CA MET G 159 9.07 66.69 -6.45
C MET G 159 9.26 66.78 -4.93
N PRO G 160 8.69 67.82 -4.30
CA PRO G 160 8.82 67.95 -2.85
C PRO G 160 8.18 66.74 -2.20
N SER G 161 8.87 66.14 -1.23
CA SER G 161 8.34 64.97 -0.53
C SER G 161 6.95 65.23 0.06
N GLY G 162 6.81 66.39 0.71
CA GLY G 162 5.55 66.77 1.32
C GLY G 162 4.40 66.86 0.33
N GLU G 163 4.68 67.35 -0.87
CA GLU G 163 3.68 67.47 -1.93
C GLU G 163 3.17 66.08 -2.32
N PHE G 164 4.10 65.14 -2.52
CA PHE G 164 3.76 63.77 -2.89
C PHE G 164 2.95 63.11 -1.77
N SER G 165 3.31 63.40 -0.52
CA SER G 165 2.59 62.84 0.60
C SER G 165 1.17 63.36 0.65
N ARG G 166 0.98 64.61 0.23
CA ARG G 166 -0.34 65.22 0.21
C ARG G 166 -1.18 64.63 -0.90
N ILE G 167 -0.55 64.35 -2.03
CA ILE G 167 -1.21 63.79 -3.19
C ILE G 167 -1.74 62.38 -2.92
N CYS G 168 -0.91 61.54 -2.33
CA CYS G 168 -1.32 60.18 -2.02
C CYS G 168 -2.42 60.20 -0.98
N LYS G 169 -2.21 60.99 0.08
CA LYS G 169 -3.19 61.11 1.17
C LYS G 169 -4.54 61.64 0.66
N ASP G 170 -4.49 62.67 -0.16
CA ASP G 170 -5.69 63.30 -0.73
C ASP G 170 -6.44 62.35 -1.64
N LEU G 171 -5.73 61.70 -2.55
CA LEU G 171 -6.35 60.77 -3.48
C LEU G 171 -6.97 59.58 -2.77
N SER G 172 -6.29 59.05 -1.76
CA SER G 172 -6.81 57.90 -1.02
C SER G 172 -8.12 58.21 -0.29
N SER G 173 -8.37 59.49 -0.03
CA SER G 173 -9.61 59.86 0.63
C SER G 173 -10.75 59.85 -0.39
N ILE G 174 -10.39 59.61 -1.66
CA ILE G 174 -11.37 59.58 -2.74
C ILE G 174 -11.53 58.16 -3.30
N GLY G 175 -10.43 57.39 -3.31
CA GLY G 175 -10.47 56.05 -3.83
C GLY G 175 -9.29 55.19 -3.42
N ASP G 176 -9.28 53.93 -3.84
CA ASP G 176 -8.20 53.02 -3.45
C ASP G 176 -7.06 52.90 -4.45
N THR G 177 -7.31 53.28 -5.70
CA THR G 177 -6.32 53.15 -6.75
C THR G 177 -5.94 54.43 -7.46
N VAL G 178 -4.62 54.63 -7.58
CA VAL G 178 -4.11 55.81 -8.28
C VAL G 178 -3.49 55.41 -9.63
N VAL G 179 -3.86 56.13 -10.67
CA VAL G 179 -3.33 55.90 -11.99
C VAL G 179 -2.32 57.02 -12.22
N ILE G 180 -1.06 56.65 -12.41
CA ILE G 180 0.01 57.62 -12.64
C ILE G 180 0.40 57.59 -14.12
N SER G 181 0.18 58.71 -14.80
CA SER G 181 0.52 58.80 -16.23
C SER G 181 1.37 60.02 -16.52
N VAL G 182 2.50 59.77 -17.19
CA VAL G 182 3.40 60.85 -17.53
C VAL G 182 3.46 60.95 -19.06
N THR G 183 3.11 62.13 -19.56
CA THR G 183 3.13 62.39 -21.00
C THR G 183 3.96 63.65 -21.24
N LYS G 184 3.82 64.20 -22.44
CA LYS G 184 4.50 65.42 -22.84
C LYS G 184 3.90 66.58 -22.03
N GLU G 185 2.65 66.40 -21.59
CA GLU G 185 1.93 67.40 -20.81
C GLU G 185 2.17 67.36 -19.31
N GLY G 186 3.08 66.49 -18.86
CA GLY G 186 3.39 66.41 -17.43
C GLY G 186 2.97 65.12 -16.76
N VAL G 187 2.97 65.13 -15.43
CA VAL G 187 2.57 63.94 -14.68
C VAL G 187 1.15 64.08 -14.12
N LYS G 188 0.33 63.06 -14.32
CA LYS G 188 -1.03 63.11 -13.80
C LYS G 188 -1.31 61.95 -12.84
N PHE G 189 -1.89 62.31 -11.68
CA PHE G 189 -2.27 61.34 -10.66
C PHE G 189 -3.80 61.30 -10.61
N SER G 190 -4.39 60.17 -10.97
CA SER G 190 -5.85 60.05 -10.98
C SER G 190 -6.40 58.97 -10.08
N THR G 191 -7.66 59.12 -9.70
CA THR G 191 -8.34 58.14 -8.86
C THR G 191 -9.85 58.33 -9.00
N ALA G 192 -10.61 57.28 -8.70
CA ALA G 192 -12.06 57.34 -8.76
C ALA G 192 -12.61 56.61 -7.55
N GLY G 193 -13.74 57.09 -7.04
CA GLY G 193 -14.34 56.45 -5.87
C GLY G 193 -15.84 56.68 -5.80
N ASP G 194 -16.45 56.20 -4.71
CA ASP G 194 -17.88 56.35 -4.50
C ASP G 194 -18.36 57.79 -4.69
N ILE G 195 -17.65 58.73 -4.08
CA ILE G 195 -18.03 60.14 -4.14
C ILE G 195 -17.67 60.90 -5.42
N GLY G 196 -16.85 60.32 -6.27
CA GLY G 196 -16.48 60.99 -7.50
C GLY G 196 -15.06 60.73 -7.94
N THR G 197 -14.61 61.45 -8.96
CA THR G 197 -13.26 61.29 -9.48
C THR G 197 -12.34 62.47 -9.10
N ALA G 198 -11.04 62.24 -9.22
CA ALA G 198 -10.05 63.27 -8.90
C ALA G 198 -8.72 63.02 -9.59
N ASN G 199 -8.16 64.06 -10.18
CA ASN G 199 -6.86 63.97 -10.83
C ASN G 199 -6.04 65.24 -10.56
N ILE G 200 -4.76 65.03 -10.31
CA ILE G 200 -3.82 66.09 -9.99
C ILE G 200 -2.70 66.11 -11.02
N VAL G 201 -2.59 67.21 -11.77
CA VAL G 201 -1.57 67.37 -12.80
C VAL G 201 -0.45 68.31 -12.36
N LEU G 202 0.79 67.83 -12.47
CA LEU G 202 1.97 68.64 -12.11
C LEU G 202 2.76 68.84 -13.39
N ARG G 203 3.33 70.04 -13.56
CA ARG G 203 4.15 70.40 -14.73
C ARG G 203 5.31 71.27 -14.27
N GLN G 204 6.36 71.39 -15.08
CA GLN G 204 7.48 72.26 -14.72
C GLN G 204 7.11 73.70 -15.07
N ASN G 205 7.57 74.66 -14.27
CA ASN G 205 7.34 76.08 -14.56
C ASN G 205 8.43 76.51 -15.55
N THR G 206 8.36 77.74 -16.02
CA THR G 206 9.36 78.24 -16.96
C THR G 206 10.73 78.23 -16.28
N THR G 207 10.72 78.38 -14.96
CA THR G 207 11.93 78.37 -14.18
C THR G 207 11.64 77.58 -12.91
N VAL G 208 12.68 77.31 -12.14
CA VAL G 208 12.51 76.58 -10.91
C VAL G 208 13.26 77.30 -9.81
N ASP G 209 12.78 77.14 -8.58
CA ASP G 209 13.42 77.75 -7.44
C ASP G 209 14.21 76.62 -6.76
N LYS G 210 14.33 76.68 -5.44
CA LYS G 210 15.05 75.64 -4.72
C LYS G 210 14.15 74.42 -4.54
N PRO G 211 14.66 73.31 -3.97
CA PRO G 211 13.87 72.08 -3.76
C PRO G 211 12.54 72.29 -3.02
N GLU G 212 12.29 73.52 -2.59
CA GLU G 212 11.07 73.92 -1.88
C GLU G 212 9.80 73.43 -2.57
N ASP G 213 9.68 73.75 -3.85
CA ASP G 213 8.54 73.35 -4.64
C ASP G 213 9.00 73.05 -6.06
N ALA G 214 10.21 72.52 -6.16
CA ALA G 214 10.81 72.17 -7.44
C ALA G 214 10.25 70.87 -7.99
N ILE G 215 9.49 70.95 -9.08
CA ILE G 215 8.96 69.74 -9.69
C ILE G 215 9.74 69.55 -10.99
N VAL G 216 10.35 68.39 -11.13
CA VAL G 216 11.15 68.04 -12.30
C VAL G 216 10.61 66.74 -12.89
N ILE G 217 10.40 66.72 -14.21
CA ILE G 217 9.85 65.56 -14.91
C ILE G 217 10.63 65.14 -16.15
N GLU G 218 11.31 64.00 -16.10
CA GLU G 218 12.05 63.46 -17.25
C GLU G 218 11.16 62.42 -17.93
N MET G 219 10.93 62.58 -19.23
CA MET G 219 10.06 61.66 -19.96
C MET G 219 10.65 61.23 -21.30
N ASN G 220 11.20 60.01 -21.33
CA ASN G 220 11.79 59.44 -22.53
C ASN G 220 10.70 58.73 -23.32
N GLU G 221 9.82 58.05 -22.60
CA GLU G 221 8.70 57.32 -23.17
C GLU G 221 7.49 57.44 -22.25
N PRO G 222 6.29 57.68 -22.82
CA PRO G 222 5.05 57.82 -22.06
C PRO G 222 4.76 56.57 -21.22
N VAL G 223 4.42 56.78 -19.97
CA VAL G 223 4.12 55.68 -19.07
C VAL G 223 2.76 55.89 -18.42
N SER G 224 2.11 54.79 -18.06
CA SER G 224 0.81 54.85 -17.41
C SER G 224 0.62 53.55 -16.65
N LEU G 225 0.58 53.66 -15.32
CA LEU G 225 0.44 52.49 -14.45
C LEU G 225 -0.49 52.76 -13.28
N SER G 226 -1.11 51.69 -12.78
CA SER G 226 -2.03 51.78 -11.67
C SER G 226 -1.45 51.14 -10.43
N PHE G 227 -1.66 51.78 -9.29
CA PHE G 227 -1.14 51.27 -8.03
C PHE G 227 -2.14 51.42 -6.91
N ALA G 228 -1.92 50.64 -5.86
CA ALA G 228 -2.75 50.65 -4.66
C ALA G 228 -2.23 51.78 -3.75
N LEU G 229 -3.06 52.81 -3.57
CA LEU G 229 -2.72 53.98 -2.76
C LEU G 229 -2.30 53.68 -1.32
N ARG G 230 -2.87 52.61 -0.76
CA ARG G 230 -2.57 52.19 0.61
C ARG G 230 -1.08 51.93 0.82
N TYR G 231 -0.41 51.41 -0.20
CA TYR G 231 1.02 51.13 -0.11
C TYR G 231 1.82 52.40 -0.29
N MET G 232 1.39 53.26 -1.22
CA MET G 232 2.07 54.52 -1.46
C MET G 232 2.06 55.34 -0.18
N ASN G 233 0.90 55.41 0.48
CA ASN G 233 0.76 56.14 1.73
C ASN G 233 1.66 55.56 2.80
N SER G 234 2.06 54.31 2.62
CA SER G 234 2.94 53.68 3.57
C SER G 234 4.37 54.16 3.27
N PHE G 235 4.65 54.37 1.99
CA PHE G 235 5.97 54.84 1.53
C PHE G 235 6.28 56.24 2.05
N THR G 236 5.26 57.11 2.02
CA THR G 236 5.39 58.49 2.48
C THR G 236 5.80 58.67 3.94
N LYS G 237 5.90 57.58 4.71
CA LYS G 237 6.32 57.69 6.11
C LYS G 237 7.82 58.05 6.16
N ALA G 238 8.48 57.98 5.01
CA ALA G 238 9.90 58.31 4.91
C ALA G 238 10.09 59.80 4.63
N THR G 239 8.98 60.53 4.49
CA THR G 239 9.00 61.96 4.20
C THR G 239 9.98 62.82 5.02
N PRO G 240 10.04 62.64 6.35
CA PRO G 240 10.96 63.44 7.17
C PRO G 240 12.46 63.24 6.88
N LEU G 241 12.79 62.22 6.08
CA LEU G 241 14.17 61.91 5.72
C LEU G 241 14.75 62.79 4.62
N SER G 242 13.87 63.32 3.77
CA SER G 242 14.30 64.14 2.64
C SER G 242 13.22 65.11 2.17
N GLU G 243 13.64 66.26 1.65
CA GLU G 243 12.71 67.26 1.14
C GLU G 243 12.23 66.87 -0.24
N THR G 244 12.94 65.94 -0.86
CA THR G 244 12.63 65.48 -2.20
C THR G 244 12.44 63.96 -2.35
N VAL G 245 11.52 63.59 -3.24
CA VAL G 245 11.23 62.20 -3.54
C VAL G 245 11.37 62.02 -5.05
N THR G 246 11.80 60.84 -5.48
CA THR G 246 11.96 60.57 -6.90
C THR G 246 11.16 59.34 -7.28
N ILE G 247 10.31 59.49 -8.31
CA ILE G 247 9.47 58.39 -8.76
C ILE G 247 9.89 57.96 -10.16
N SER G 248 10.35 56.71 -10.28
CA SER G 248 10.79 56.15 -11.56
C SER G 248 9.73 55.20 -12.06
N LEU G 249 9.28 55.43 -13.30
CA LEU G 249 8.22 54.62 -13.91
C LEU G 249 8.57 54.01 -15.27
N SER G 250 8.12 52.78 -15.46
CA SER G 250 8.31 51.99 -16.69
C SER G 250 7.16 51.00 -16.81
N SER G 251 6.49 51.06 -17.96
CA SER G 251 5.34 50.22 -18.27
C SER G 251 5.40 48.72 -17.92
N GLU G 252 6.57 48.11 -18.05
CA GLU G 252 6.70 46.68 -17.78
C GLU G 252 7.38 46.34 -16.45
N LEU G 253 7.35 47.28 -15.51
CA LEU G 253 7.98 47.06 -14.21
C LEU G 253 7.26 47.77 -13.08
N PRO G 254 7.71 47.54 -11.84
CA PRO G 254 7.13 48.16 -10.64
C PRO G 254 7.69 49.58 -10.53
N VAL G 255 6.90 50.49 -9.95
CA VAL G 255 7.35 51.86 -9.76
C VAL G 255 8.42 51.87 -8.66
N VAL G 256 9.28 52.90 -8.67
CA VAL G 256 10.32 53.04 -7.67
C VAL G 256 10.17 54.44 -7.06
N VAL G 257 9.96 54.47 -5.75
CA VAL G 257 9.79 55.71 -5.01
C VAL G 257 10.97 55.80 -4.06
N GLU G 258 11.89 56.72 -4.35
CA GLU G 258 13.10 56.87 -3.55
C GLU G 258 13.25 58.17 -2.76
N TYR G 259 13.80 58.03 -1.55
CA TYR G 259 14.07 59.14 -0.65
C TYR G 259 15.54 58.99 -0.27
N LYS G 260 16.29 60.08 -0.31
CA LYS G 260 17.72 60.07 0.05
C LYS G 260 17.87 60.23 1.55
N VAL G 261 18.87 59.60 2.12
CA VAL G 261 19.15 59.68 3.55
C VAL G 261 20.37 60.55 3.76
N ALA G 262 20.10 61.84 3.91
CA ALA G 262 21.17 62.75 4.02
C ALA G 262 21.98 62.62 2.78
N GLU G 263 23.21 62.29 3.05
CA GLU G 263 24.20 62.20 1.98
C GLU G 263 24.84 60.83 1.99
N MET G 264 24.41 60.04 2.97
CA MET G 264 24.99 58.72 3.17
C MET G 264 24.26 57.51 2.57
N GLY G 265 23.05 57.69 2.06
CA GLY G 265 22.35 56.55 1.50
C GLY G 265 20.93 56.79 1.01
N TYR G 266 20.09 55.77 1.09
CA TYR G 266 18.72 55.90 0.62
C TYR G 266 17.74 54.84 1.11
N ILE G 267 16.48 55.06 0.76
CA ILE G 267 15.39 54.16 1.06
C ILE G 267 14.60 54.13 -0.23
N ARG G 268 14.60 52.97 -0.89
CA ARG G 268 13.87 52.78 -2.13
C ARG G 268 12.70 51.84 -1.88
N TYR G 269 11.54 52.23 -2.37
CA TYR G 269 10.34 51.41 -2.24
C TYR G 269 9.98 51.01 -3.64
N TYR G 270 9.58 49.74 -3.79
CA TYR G 270 9.17 49.21 -5.07
C TYR G 270 7.73 48.76 -4.91
N LEU G 271 6.89 49.07 -5.88
CA LEU G 271 5.49 48.68 -5.81
C LEU G 271 5.07 48.02 -7.12
N ALA G 272 4.58 46.79 -7.02
CA ALA G 272 4.13 46.03 -8.18
C ALA G 272 2.80 46.64 -8.60
N PRO G 273 2.60 46.87 -9.91
CA PRO G 273 1.38 47.46 -10.49
C PRO G 273 0.13 46.58 -10.58
N LYS G 274 -0.99 47.23 -10.87
CA LYS G 274 -2.27 46.57 -11.04
C LYS G 274 -2.53 46.51 -12.54
N ILE G 275 -2.51 45.30 -13.09
CA ILE G 275 -2.72 45.08 -14.51
C ILE G 275 -4.08 44.39 -14.85
N MET H 21 -49.40 -27.82 -8.67
CA MET H 21 -50.57 -27.36 -7.86
C MET H 21 -50.64 -28.10 -6.53
N LEU H 22 -51.05 -27.38 -5.49
CA LEU H 22 -51.17 -27.94 -4.15
C LEU H 22 -52.60 -27.79 -3.62
N GLU H 23 -53.14 -28.88 -3.08
CA GLU H 23 -54.47 -28.86 -2.50
C GLU H 23 -54.54 -29.85 -1.34
N LEU H 24 -54.46 -29.33 -0.13
CA LEU H 24 -54.47 -30.14 1.08
C LEU H 24 -55.78 -29.93 1.84
N ARG H 25 -56.56 -31.00 2.00
CA ARG H 25 -57.82 -30.89 2.71
C ARG H 25 -57.77 -31.58 4.07
N LEU H 26 -58.00 -30.81 5.13
CA LEU H 26 -57.99 -31.33 6.49
C LEU H 26 -59.37 -31.11 7.13
N VAL H 27 -60.03 -32.21 7.46
CA VAL H 27 -61.36 -32.18 8.05
C VAL H 27 -61.36 -31.48 9.42
N GLN H 28 -60.43 -31.86 10.28
CA GLN H 28 -60.33 -31.26 11.60
C GLN H 28 -59.46 -30.01 11.49
N GLY H 29 -60.06 -28.94 10.98
CA GLY H 29 -59.34 -27.67 10.81
C GLY H 29 -58.80 -27.06 12.09
N SER H 30 -59.42 -27.37 13.22
CA SER H 30 -58.97 -26.84 14.50
C SER H 30 -57.49 -27.17 14.76
N LEU H 31 -57.02 -28.31 14.23
CA LEU H 31 -55.62 -28.74 14.40
C LEU H 31 -54.65 -27.75 13.78
N LEU H 32 -54.94 -27.34 12.53
CA LEU H 32 -54.11 -26.39 11.83
C LEU H 32 -54.10 -25.03 12.55
N LYS H 33 -55.24 -24.65 13.14
CA LYS H 33 -55.33 -23.41 13.88
C LYS H 33 -54.42 -23.49 15.10
N LYS H 34 -54.48 -24.62 15.79
CA LYS H 34 -53.68 -24.80 16.99
C LYS H 34 -52.18 -24.86 16.69
N VAL H 35 -51.83 -25.41 15.54
CA VAL H 35 -50.44 -25.52 15.11
C VAL H 35 -49.85 -24.15 14.82
N LEU H 36 -50.52 -23.35 14.01
CA LEU H 36 -50.02 -22.02 13.71
C LEU H 36 -49.91 -21.19 14.99
N GLU H 37 -50.89 -21.33 15.88
CA GLU H 37 -50.88 -20.59 17.14
C GLU H 37 -49.68 -20.97 18.00
N ALA H 38 -49.24 -22.22 17.90
CA ALA H 38 -48.12 -22.71 18.69
C ALA H 38 -46.74 -22.33 18.16
N VAL H 39 -46.66 -21.97 16.88
CA VAL H 39 -45.37 -21.63 16.31
C VAL H 39 -45.18 -20.16 16.03
N LYS H 40 -46.27 -19.45 15.77
CA LYS H 40 -46.21 -18.03 15.47
C LYS H 40 -45.50 -17.14 16.49
N ASP H 41 -45.55 -17.52 17.76
CA ASP H 41 -44.90 -16.72 18.79
C ASP H 41 -43.41 -16.96 18.94
N LEU H 42 -42.95 -18.07 18.38
CA LEU H 42 -41.54 -18.42 18.42
C LEU H 42 -40.86 -17.99 17.11
N VAL H 43 -41.61 -18.05 16.01
CA VAL H 43 -41.05 -17.70 14.70
C VAL H 43 -42.00 -16.85 13.87
N ASN H 44 -41.47 -15.72 13.37
CA ASN H 44 -42.25 -14.79 12.56
C ASN H 44 -42.49 -15.29 11.14
N ASP H 45 -41.43 -15.67 10.45
CA ASP H 45 -41.56 -16.13 9.08
C ASP H 45 -40.87 -17.45 8.87
N ALA H 46 -41.49 -18.34 8.13
CA ALA H 46 -40.92 -19.64 7.89
C ALA H 46 -41.53 -20.28 6.67
N ASN H 47 -40.81 -21.25 6.11
CA ASN H 47 -41.28 -21.98 4.95
C ASN H 47 -42.04 -23.22 5.34
N PHE H 48 -43.11 -23.52 4.60
CA PHE H 48 -43.89 -24.73 4.80
C PHE H 48 -43.48 -25.60 3.62
N ASP H 49 -42.94 -26.78 3.88
CA ASP H 49 -42.49 -27.66 2.82
C ASP H 49 -43.46 -28.80 2.55
N CYS H 50 -43.89 -28.90 1.30
CA CYS H 50 -44.83 -29.94 0.91
C CYS H 50 -44.18 -31.01 0.05
N SER H 51 -44.55 -32.26 0.33
CA SER H 51 -44.03 -33.41 -0.41
C SER H 51 -45.06 -34.52 -0.28
N THR H 52 -44.84 -35.62 -1.00
CA THR H 52 -45.75 -36.76 -0.95
C THR H 52 -45.89 -37.29 0.48
N THR H 53 -44.85 -37.05 1.28
CA THR H 53 -44.81 -37.48 2.67
C THR H 53 -45.74 -36.64 3.55
N GLY H 54 -45.68 -35.32 3.39
CA GLY H 54 -46.51 -34.46 4.20
C GLY H 54 -46.15 -32.98 4.20
N PHE H 55 -46.97 -32.26 4.96
CA PHE H 55 -46.88 -30.82 5.15
C PHE H 55 -45.98 -30.61 6.38
N SER H 56 -44.78 -30.08 6.18
CA SER H 56 -43.85 -29.86 7.29
C SER H 56 -43.28 -28.44 7.37
N LEU H 57 -42.35 -28.24 8.29
CA LEU H 57 -41.71 -26.94 8.49
C LEU H 57 -40.63 -27.07 9.52
N GLN H 58 -39.49 -26.42 9.28
CA GLN H 58 -38.38 -26.40 10.23
C GLN H 58 -37.85 -24.98 10.25
N ALA H 59 -37.53 -24.47 11.43
CA ALA H 59 -37.03 -23.09 11.52
C ALA H 59 -36.55 -22.75 12.91
N MET H 60 -35.63 -21.81 13.00
CA MET H 60 -35.10 -21.38 14.29
C MET H 60 -35.64 -19.99 14.61
N ASP H 61 -35.67 -19.64 15.89
CA ASP H 61 -36.11 -18.30 16.28
C ASP H 61 -35.02 -17.36 15.78
N SER H 62 -35.24 -16.05 15.91
CA SER H 62 -34.27 -15.09 15.43
C SER H 62 -32.86 -15.22 16.00
N SER H 63 -32.73 -15.65 17.25
CA SER H 63 -31.41 -15.78 17.85
C SER H 63 -30.76 -17.16 17.76
N HIS H 64 -31.37 -18.04 16.95
CA HIS H 64 -30.87 -19.41 16.76
C HIS H 64 -30.73 -20.24 18.05
N VAL H 65 -31.43 -19.84 19.09
CA VAL H 65 -31.40 -20.54 20.38
C VAL H 65 -32.37 -21.75 20.39
N ALA H 66 -33.57 -21.55 19.85
CA ALA H 66 -34.59 -22.59 19.78
C ALA H 66 -34.87 -22.96 18.32
N LEU H 67 -35.40 -24.17 18.14
CA LEU H 67 -35.74 -24.64 16.81
C LEU H 67 -37.10 -25.33 16.91
N VAL H 68 -37.90 -25.21 15.85
CA VAL H 68 -39.20 -25.85 15.83
C VAL H 68 -39.27 -26.76 14.61
N SER H 69 -39.74 -27.98 14.83
CA SER H 69 -39.88 -28.96 13.75
C SER H 69 -41.33 -29.46 13.76
N LEU H 70 -42.03 -29.21 12.66
CA LEU H 70 -43.43 -29.57 12.51
C LEU H 70 -43.64 -30.56 11.39
N LEU H 71 -44.57 -31.49 11.57
CA LEU H 71 -44.88 -32.47 10.54
C LEU H 71 -46.30 -32.96 10.60
N LEU H 72 -47.05 -32.72 9.53
CA LEU H 72 -48.43 -33.20 9.43
C LEU H 72 -48.44 -34.18 8.26
N ARG H 73 -48.32 -35.47 8.56
CA ARG H 73 -48.29 -36.52 7.54
C ARG H 73 -49.48 -36.50 6.60
N SER H 74 -49.22 -36.86 5.34
CA SER H 74 -50.25 -36.90 4.30
C SER H 74 -51.45 -37.77 4.67
N GLU H 75 -51.18 -38.84 5.42
CA GLU H 75 -52.21 -39.77 5.87
C GLU H 75 -53.31 -39.08 6.67
N GLY H 76 -52.94 -38.02 7.39
CA GLY H 76 -53.89 -37.29 8.19
C GLY H 76 -54.85 -36.43 7.39
N PHE H 77 -54.51 -36.15 6.14
CA PHE H 77 -55.39 -35.35 5.30
C PHE H 77 -56.41 -36.23 4.59
N GLU H 78 -57.64 -35.72 4.44
CA GLU H 78 -58.71 -36.44 3.77
C GLU H 78 -58.40 -36.49 2.27
N HIS H 79 -57.84 -35.39 1.77
CA HIS H 79 -57.48 -35.28 0.36
C HIS H 79 -56.08 -34.66 0.33
N TYR H 80 -55.14 -35.33 -0.32
CA TYR H 80 -53.76 -34.85 -0.40
C TYR H 80 -53.21 -34.86 -1.82
N ARG H 81 -53.33 -33.72 -2.50
CA ARG H 81 -52.85 -33.58 -3.88
C ARG H 81 -51.65 -32.65 -3.95
N CYS H 82 -50.47 -33.25 -4.08
CA CYS H 82 -49.21 -32.49 -4.17
C CYS H 82 -48.39 -33.01 -5.35
N ASP H 83 -48.48 -32.31 -6.48
CA ASP H 83 -47.78 -32.69 -7.72
C ASP H 83 -46.27 -32.85 -7.55
N ARG H 84 -45.61 -31.80 -7.10
CA ARG H 84 -44.17 -31.83 -6.88
C ARG H 84 -43.83 -31.23 -5.52
N ASN H 85 -42.62 -31.48 -5.05
CA ASN H 85 -42.16 -30.93 -3.77
C ASN H 85 -42.07 -29.42 -3.92
N LEU H 86 -42.60 -28.70 -2.93
CA LEU H 86 -42.58 -27.24 -2.99
C LEU H 86 -42.61 -26.58 -1.62
N SER H 87 -42.13 -25.34 -1.57
CA SER H 87 -42.08 -24.58 -0.33
C SER H 87 -42.89 -23.28 -0.43
N MET H 88 -43.54 -22.92 0.67
CA MET H 88 -44.35 -21.71 0.71
C MET H 88 -43.89 -20.80 1.83
N GLY H 89 -43.20 -19.72 1.45
CA GLY H 89 -42.72 -18.77 2.44
C GLY H 89 -43.89 -18.03 3.04
N MET H 90 -44.00 -18.06 4.36
CA MET H 90 -45.13 -17.41 5.02
C MET H 90 -44.88 -16.66 6.30
N ASN H 91 -45.63 -15.57 6.45
CA ASN H 91 -45.61 -14.78 7.66
C ASN H 91 -46.60 -15.55 8.53
N LEU H 92 -46.07 -16.17 9.60
CA LEU H 92 -46.90 -16.98 10.48
C LEU H 92 -47.98 -16.21 11.22
N GLY H 93 -47.66 -15.01 11.67
CA GLY H 93 -48.64 -14.21 12.37
C GLY H 93 -49.85 -13.93 11.48
N ASN H 94 -49.60 -13.72 10.19
CA ASN H 94 -50.65 -13.44 9.22
C ASN H 94 -51.50 -14.66 8.92
N MET H 95 -50.84 -15.80 8.72
CA MET H 95 -51.55 -17.02 8.43
C MET H 95 -52.45 -17.34 9.62
N SER H 96 -51.91 -17.23 10.83
CA SER H 96 -52.69 -17.48 12.04
C SER H 96 -53.89 -16.53 12.16
N LYS H 97 -53.67 -15.28 11.77
CA LYS H 97 -54.70 -14.26 11.82
C LYS H 97 -55.83 -14.64 10.87
N MET H 98 -55.48 -15.32 9.78
CA MET H 98 -56.49 -15.76 8.82
C MET H 98 -57.18 -17.02 9.35
N LEU H 99 -56.40 -17.91 9.96
CA LEU H 99 -56.94 -19.15 10.51
C LEU H 99 -57.85 -18.93 11.73
N LYS H 100 -57.69 -17.78 12.38
CA LYS H 100 -58.49 -17.43 13.55
C LYS H 100 -59.94 -17.20 13.16
N CYS H 101 -60.16 -16.96 11.87
CA CYS H 101 -61.48 -16.72 11.30
C CYS H 101 -62.22 -18.00 10.93
N ALA H 102 -61.53 -19.14 11.10
CA ALA H 102 -62.13 -20.43 10.82
C ALA H 102 -62.70 -21.00 12.10
N GLY H 103 -63.93 -21.52 12.02
CA GLY H 103 -64.55 -22.14 13.18
C GLY H 103 -63.81 -23.43 13.50
N ASN H 104 -63.82 -23.81 14.78
CA ASN H 104 -63.15 -25.02 15.23
C ASN H 104 -63.66 -26.29 14.52
N ASP H 105 -64.90 -26.24 14.03
CA ASP H 105 -65.50 -27.40 13.35
C ASP H 105 -65.33 -27.43 11.82
N ASP H 106 -64.81 -26.35 11.26
CA ASP H 106 -64.61 -26.23 9.82
C ASP H 106 -63.56 -27.15 9.19
N ILE H 107 -63.78 -27.46 7.93
CA ILE H 107 -62.87 -28.27 7.15
C ILE H 107 -62.00 -27.21 6.46
N ILE H 108 -60.69 -27.31 6.65
CA ILE H 108 -59.76 -26.35 6.05
C ILE H 108 -59.00 -26.95 4.88
N THR H 109 -58.89 -26.18 3.79
CA THR H 109 -58.17 -26.62 2.61
C THR H 109 -57.15 -25.55 2.20
N ILE H 110 -55.92 -25.99 2.00
CA ILE H 110 -54.86 -25.09 1.58
C ILE H 110 -54.67 -25.35 0.08
N LYS H 111 -54.81 -24.29 -0.73
CA LYS H 111 -54.65 -24.39 -2.18
C LYS H 111 -53.50 -23.53 -2.67
N ALA H 112 -52.77 -24.00 -3.67
CA ALA H 112 -51.64 -23.27 -4.22
C ALA H 112 -51.32 -23.69 -5.65
N ASP H 113 -51.25 -22.73 -6.55
CA ASP H 113 -50.95 -23.00 -7.96
C ASP H 113 -49.43 -23.16 -8.16
N ASP H 114 -48.99 -23.06 -9.41
CA ASP H 114 -47.57 -23.20 -9.72
C ASP H 114 -46.82 -21.86 -9.65
N GLY H 115 -47.14 -20.95 -10.56
CA GLY H 115 -46.50 -19.64 -10.56
C GLY H 115 -47.39 -18.56 -9.97
N SER H 116 -47.74 -18.71 -8.69
CA SER H 116 -48.58 -17.74 -8.01
C SER H 116 -48.08 -17.47 -6.60
N ASP H 117 -47.68 -16.23 -6.34
CA ASP H 117 -47.17 -15.84 -5.02
C ASP H 117 -48.25 -15.68 -3.96
N THR H 118 -49.29 -16.49 -4.04
CA THR H 118 -50.41 -16.45 -3.11
C THR H 118 -50.94 -17.83 -2.75
N VAL H 119 -51.29 -18.01 -1.48
CA VAL H 119 -51.85 -19.27 -1.00
C VAL H 119 -53.30 -19.02 -0.58
N THR H 120 -54.20 -19.94 -0.93
CA THR H 120 -55.61 -19.78 -0.56
C THR H 120 -56.05 -20.79 0.51
N PHE H 121 -56.74 -20.28 1.53
CA PHE H 121 -57.28 -21.11 2.61
C PHE H 121 -58.80 -21.14 2.49
N MET H 122 -59.39 -22.33 2.35
CA MET H 122 -60.84 -22.46 2.26
C MET H 122 -61.37 -23.00 3.59
N PHE H 123 -62.28 -22.26 4.22
CA PHE H 123 -62.91 -22.67 5.46
C PHE H 123 -64.33 -23.10 5.10
N GLU H 124 -64.67 -24.33 5.43
CA GLU H 124 -65.99 -24.83 5.09
C GLU H 124 -66.68 -25.57 6.23
N SER H 125 -67.91 -25.15 6.52
CA SER H 125 -68.71 -25.76 7.56
C SER H 125 -69.13 -27.16 7.11
N PRO H 126 -69.32 -28.10 8.05
CA PRO H 126 -69.72 -29.48 7.75
C PRO H 126 -70.94 -29.55 6.84
N THR H 127 -71.91 -28.66 7.10
CA THR H 127 -73.16 -28.60 6.33
C THR H 127 -72.99 -27.92 4.96
N GLN H 128 -71.94 -27.10 4.85
CA GLN H 128 -71.62 -26.35 3.63
C GLN H 128 -72.45 -25.09 3.44
N ASP H 129 -73.18 -24.67 4.47
CA ASP H 129 -73.99 -23.46 4.36
C ASP H 129 -73.13 -22.19 4.52
N LYS H 130 -71.84 -22.40 4.75
CA LYS H 130 -70.89 -21.31 4.89
C LYS H 130 -69.53 -21.71 4.32
N ILE H 131 -69.11 -20.99 3.29
CA ILE H 131 -67.84 -21.22 2.62
C ILE H 131 -67.02 -19.93 2.64
N ALA H 132 -65.78 -20.02 3.09
CA ALA H 132 -64.89 -18.88 3.18
C ALA H 132 -63.60 -19.09 2.38
N ASP H 133 -63.17 -18.02 1.72
CA ASP H 133 -61.98 -18.01 0.90
C ASP H 133 -61.05 -16.90 1.39
N PHE H 134 -59.94 -17.29 1.99
CA PHE H 134 -58.96 -16.33 2.49
C PHE H 134 -57.69 -16.48 1.67
N GLU H 135 -57.34 -15.45 0.92
CA GLU H 135 -56.14 -15.48 0.10
C GLU H 135 -55.04 -14.65 0.75
N MET H 136 -53.82 -15.15 0.69
CA MET H 136 -52.70 -14.45 1.30
C MET H 136 -51.50 -14.44 0.38
N LYS H 137 -50.70 -13.37 0.46
CA LYS H 137 -49.50 -13.29 -0.37
C LYS H 137 -48.36 -14.02 0.31
N LEU H 138 -47.68 -14.87 -0.48
CA LEU H 138 -46.53 -15.61 -0.01
C LEU H 138 -45.33 -14.68 -0.07
N MET H 139 -44.20 -15.14 0.46
CA MET H 139 -42.98 -14.35 0.45
C MET H 139 -41.78 -15.25 0.23
N ASP H 140 -40.67 -14.67 -0.23
CA ASP H 140 -39.46 -15.44 -0.46
C ASP H 140 -38.66 -15.50 0.83
N ILE H 141 -38.44 -16.71 1.30
CA ILE H 141 -37.71 -16.90 2.55
C ILE H 141 -36.58 -17.89 2.35
N ASP H 142 -35.37 -17.47 2.74
CA ASP H 142 -34.18 -18.32 2.65
C ASP H 142 -34.00 -18.79 4.09
N SER H 143 -34.45 -20.02 4.36
CA SER H 143 -34.37 -20.61 5.70
C SER H 143 -33.18 -21.52 5.92
N GLU H 144 -32.63 -21.46 7.12
CA GLU H 144 -31.51 -22.30 7.47
C GLU H 144 -32.07 -23.59 8.10
N HIS H 145 -31.91 -24.71 7.41
CA HIS H 145 -32.38 -26.01 7.88
C HIS H 145 -31.22 -26.81 8.43
N LEU H 146 -31.34 -27.21 9.68
CA LEU H 146 -30.32 -28.00 10.34
C LEU H 146 -30.67 -29.49 10.27
N GLY H 147 -29.66 -30.33 10.11
CA GLY H 147 -29.91 -31.76 10.06
C GLY H 147 -29.84 -32.29 11.48
N ILE H 148 -30.96 -32.82 11.98
CA ILE H 148 -30.98 -33.35 13.34
C ILE H 148 -31.03 -34.86 13.26
N PRO H 149 -29.94 -35.53 13.66
CA PRO H 149 -29.88 -36.98 13.64
C PRO H 149 -30.72 -37.59 14.75
N ASP H 150 -31.39 -38.70 14.44
CA ASP H 150 -32.17 -39.39 15.44
C ASP H 150 -31.16 -39.93 16.43
N ALA H 151 -31.55 -39.97 17.70
CA ALA H 151 -30.66 -40.48 18.74
C ALA H 151 -31.48 -41.00 19.89
N GLU H 152 -30.82 -41.77 20.75
CA GLU H 152 -31.48 -42.30 21.92
C GLU H 152 -31.03 -41.41 23.05
N TYR H 153 -31.95 -40.58 23.55
CA TYR H 153 -31.62 -39.67 24.64
C TYR H 153 -31.48 -40.43 25.95
N HIS H 154 -30.66 -39.90 26.84
CA HIS H 154 -30.40 -40.55 28.12
C HIS H 154 -31.58 -40.56 29.08
N SER H 155 -32.50 -39.63 28.89
CA SER H 155 -33.68 -39.55 29.74
C SER H 155 -34.85 -39.04 28.95
N ILE H 156 -36.01 -39.66 29.18
CA ILE H 156 -37.24 -39.27 28.51
C ILE H 156 -38.31 -39.11 29.56
N VAL H 157 -38.92 -37.93 29.60
CA VAL H 157 -39.97 -37.63 30.55
C VAL H 157 -41.29 -37.41 29.82
N ARG H 158 -42.26 -38.27 30.09
CA ARG H 158 -43.59 -38.15 29.48
C ARG H 158 -44.49 -37.69 30.62
N MET H 159 -45.12 -36.54 30.45
CA MET H 159 -45.97 -36.01 31.50
C MET H 159 -47.14 -35.19 30.98
N PRO H 160 -48.12 -34.90 31.85
CA PRO H 160 -49.29 -34.11 31.44
C PRO H 160 -48.81 -32.75 30.94
N SER H 161 -49.24 -32.38 29.75
CA SER H 161 -48.83 -31.12 29.16
C SER H 161 -49.24 -29.92 30.03
N GLY H 162 -50.44 -30.00 30.61
CA GLY H 162 -50.94 -28.95 31.47
C GLY H 162 -50.05 -28.74 32.69
N GLU H 163 -49.39 -29.82 33.11
CA GLU H 163 -48.50 -29.80 34.27
C GLU H 163 -47.14 -29.18 33.92
N PHE H 164 -46.70 -29.36 32.68
CA PHE H 164 -45.43 -28.81 32.24
C PHE H 164 -45.63 -27.30 32.05
N SER H 165 -46.79 -26.92 31.54
CA SER H 165 -47.11 -25.52 31.32
C SER H 165 -47.10 -24.81 32.67
N ARG H 166 -47.71 -25.42 33.68
CA ARG H 166 -47.76 -24.87 35.02
C ARG H 166 -46.39 -24.75 35.64
N ILE H 167 -45.59 -25.80 35.54
CA ILE H 167 -44.24 -25.80 36.10
C ILE H 167 -43.42 -24.64 35.52
N CYS H 168 -43.41 -24.53 34.19
CA CYS H 168 -42.67 -23.49 33.50
C CYS H 168 -43.17 -22.09 33.86
N LYS H 169 -44.49 -21.92 33.90
CA LYS H 169 -45.08 -20.63 34.25
C LYS H 169 -44.75 -20.25 35.71
N ASP H 170 -44.86 -21.23 36.62
CA ASP H 170 -44.57 -21.00 38.04
C ASP H 170 -43.10 -20.66 38.27
N LEU H 171 -42.20 -21.47 37.70
CA LEU H 171 -40.76 -21.23 37.85
C LEU H 171 -40.33 -19.91 37.24
N SER H 172 -40.99 -19.55 36.14
CA SER H 172 -40.72 -18.33 35.40
C SER H 172 -41.02 -17.08 36.23
N SER H 173 -41.80 -17.25 37.29
CA SER H 173 -42.14 -16.12 38.14
C SER H 173 -41.11 -15.95 39.24
N ILE H 174 -40.18 -16.91 39.35
CA ILE H 174 -39.13 -16.89 40.36
C ILE H 174 -37.77 -16.55 39.73
N GLY H 175 -37.50 -17.11 38.55
CA GLY H 175 -36.24 -16.90 37.86
C GLY H 175 -36.36 -17.04 36.36
N ASP H 176 -35.25 -16.85 35.65
CA ASP H 176 -35.22 -16.95 34.19
C ASP H 176 -34.64 -18.28 33.71
N THR H 177 -33.99 -19.00 34.61
CA THR H 177 -33.34 -20.25 34.26
C THR H 177 -33.89 -21.44 35.02
N VAL H 178 -34.07 -22.54 34.29
CA VAL H 178 -34.57 -23.75 34.91
C VAL H 178 -33.55 -24.86 34.74
N VAL H 179 -33.30 -25.56 35.84
CA VAL H 179 -32.39 -26.67 35.81
C VAL H 179 -33.26 -27.92 35.79
N ILE H 180 -33.27 -28.63 34.66
CA ILE H 180 -34.03 -29.86 34.56
C ILE H 180 -33.03 -30.99 34.78
N SER H 181 -33.21 -31.72 35.87
CA SER H 181 -32.30 -32.82 36.18
C SER H 181 -33.06 -34.13 36.46
N VAL H 182 -32.62 -35.20 35.81
CA VAL H 182 -33.24 -36.50 35.98
C VAL H 182 -32.32 -37.53 36.61
N THR H 183 -32.81 -38.18 37.66
CA THR H 183 -32.10 -39.23 38.39
C THR H 183 -33.09 -40.37 38.62
N LYS H 184 -32.64 -41.43 39.29
CA LYS H 184 -33.53 -42.56 39.59
C LYS H 184 -34.57 -42.16 40.64
N GLU H 185 -34.42 -40.94 41.15
CA GLU H 185 -35.31 -40.37 42.15
C GLU H 185 -36.44 -39.55 41.50
N GLY H 186 -36.41 -39.43 40.18
CA GLY H 186 -37.41 -38.67 39.47
C GLY H 186 -36.84 -37.53 38.66
N VAL H 187 -37.69 -36.57 38.31
CA VAL H 187 -37.27 -35.40 37.56
C VAL H 187 -37.48 -34.13 38.38
N LYS H 188 -36.44 -33.31 38.48
CA LYS H 188 -36.50 -32.07 39.23
C LYS H 188 -36.33 -30.82 38.37
N PHE H 189 -37.22 -29.85 38.57
CA PHE H 189 -37.19 -28.57 37.86
C PHE H 189 -36.76 -27.53 38.90
N SER H 190 -35.62 -26.90 38.66
CA SER H 190 -35.07 -25.92 39.58
C SER H 190 -34.86 -24.54 39.02
N THR H 191 -35.15 -23.55 39.84
CA THR H 191 -34.95 -22.16 39.46
C THR H 191 -34.56 -21.33 40.67
N ALA H 192 -33.80 -20.28 40.41
CA ALA H 192 -33.34 -19.40 41.47
C ALA H 192 -33.46 -17.98 40.99
N GLY H 193 -33.88 -17.09 41.90
CA GLY H 193 -34.04 -15.69 41.54
C GLY H 193 -33.99 -14.77 42.73
N ASP H 194 -34.40 -13.53 42.51
CA ASP H 194 -34.36 -12.53 43.57
C ASP H 194 -35.20 -12.79 44.81
N ILE H 195 -36.38 -13.39 44.67
CA ILE H 195 -37.21 -13.63 45.84
C ILE H 195 -36.92 -14.95 46.57
N GLY H 196 -36.18 -15.84 45.91
CA GLY H 196 -35.84 -17.11 46.53
C GLY H 196 -35.53 -18.23 45.54
N THR H 197 -35.53 -19.47 46.05
CA THR H 197 -35.28 -20.67 45.26
C THR H 197 -36.53 -21.55 45.18
N ALA H 198 -36.63 -22.33 44.11
CA ALA H 198 -37.77 -23.21 43.95
C ALA H 198 -37.46 -24.46 43.13
N ASN H 199 -37.83 -25.61 43.66
CA ASN H 199 -37.65 -26.86 42.92
C ASN H 199 -38.92 -27.70 42.94
N ILE H 200 -39.21 -28.34 41.81
CA ILE H 200 -40.38 -29.19 41.68
C ILE H 200 -39.94 -30.59 41.24
N VAL H 201 -40.19 -31.58 42.11
CA VAL H 201 -39.83 -32.96 41.82
C VAL H 201 -41.06 -33.78 41.45
N LEU H 202 -40.95 -34.52 40.36
CA LEU H 202 -42.03 -35.38 39.89
C LEU H 202 -41.51 -36.81 39.87
N ARG H 203 -42.32 -37.73 40.37
CA ARG H 203 -41.97 -39.16 40.40
C ARG H 203 -43.13 -39.88 39.76
N GLN H 204 -42.89 -41.09 39.25
CA GLN H 204 -43.98 -41.87 38.68
C GLN H 204 -44.90 -42.27 39.82
N ASN H 205 -46.19 -42.32 39.55
CA ASN H 205 -47.16 -42.73 40.57
C ASN H 205 -47.16 -44.26 40.63
N THR H 206 -47.84 -44.81 41.65
CA THR H 206 -47.90 -46.27 41.80
C THR H 206 -48.43 -46.89 40.52
N THR H 207 -49.37 -46.20 39.88
CA THR H 207 -49.95 -46.64 38.62
C THR H 207 -50.46 -45.37 37.93
N VAL H 208 -50.70 -45.47 36.63
CA VAL H 208 -51.28 -44.36 35.90
C VAL H 208 -52.79 -44.64 36.04
N ASP H 209 -53.40 -44.04 37.06
CA ASP H 209 -54.81 -44.23 37.37
C ASP H 209 -55.72 -43.07 36.93
N LYS H 210 -55.12 -42.03 36.38
CA LYS H 210 -55.85 -40.85 35.92
C LYS H 210 -54.89 -39.99 35.10
N PRO H 211 -55.41 -39.14 34.19
CA PRO H 211 -54.59 -38.26 33.34
C PRO H 211 -53.51 -37.50 34.10
N GLU H 212 -53.90 -36.92 35.22
CA GLU H 212 -53.01 -36.16 36.08
C GLU H 212 -51.81 -36.99 36.58
N ASP H 213 -51.99 -38.30 36.63
CA ASP H 213 -50.93 -39.21 37.10
C ASP H 213 -50.19 -39.93 35.97
N ALA H 214 -50.42 -39.50 34.74
CA ALA H 214 -49.78 -40.08 33.57
C ALA H 214 -48.38 -39.51 33.44
N ILE H 215 -47.53 -39.85 34.41
CA ILE H 215 -46.15 -39.41 34.45
C ILE H 215 -45.27 -40.63 34.24
N VAL H 216 -44.50 -40.63 33.15
CA VAL H 216 -43.61 -41.74 32.85
C VAL H 216 -42.20 -41.14 32.67
N ILE H 217 -41.27 -41.63 33.48
CA ILE H 217 -39.90 -41.15 33.45
C ILE H 217 -38.92 -42.29 33.13
N GLU H 218 -38.32 -42.23 31.95
CA GLU H 218 -37.33 -43.23 31.55
C GLU H 218 -35.95 -42.65 31.75
N MET H 219 -35.10 -43.40 32.44
CA MET H 219 -33.74 -42.93 32.73
C MET H 219 -32.68 -43.95 32.33
N ASN H 220 -31.94 -43.65 31.28
CA ASN H 220 -30.87 -44.53 30.83
C ASN H 220 -29.66 -44.16 31.66
N GLU H 221 -29.37 -42.87 31.70
CA GLU H 221 -28.25 -42.30 32.44
C GLU H 221 -28.64 -40.91 32.93
N PRO H 222 -28.25 -40.55 34.17
CA PRO H 222 -28.58 -39.24 34.74
C PRO H 222 -28.24 -38.07 33.80
N VAL H 223 -29.12 -37.08 33.79
CA VAL H 223 -28.93 -35.89 32.97
C VAL H 223 -29.22 -34.67 33.84
N SER H 224 -28.61 -33.55 33.50
CA SER H 224 -28.80 -32.31 34.23
C SER H 224 -28.39 -31.15 33.32
N LEU H 225 -29.39 -30.40 32.86
CA LEU H 225 -29.13 -29.26 31.99
C LEU H 225 -29.87 -28.00 32.47
N SER H 226 -29.41 -26.84 32.00
CA SER H 226 -30.00 -25.56 32.36
C SER H 226 -30.59 -24.97 31.08
N PHE H 227 -31.74 -24.30 31.21
CA PHE H 227 -32.42 -23.71 30.06
C PHE H 227 -33.16 -22.42 30.41
N ALA H 228 -33.36 -21.60 29.40
CA ALA H 228 -34.08 -20.33 29.55
C ALA H 228 -35.58 -20.60 29.58
N LEU H 229 -36.24 -20.21 30.66
CA LEU H 229 -37.67 -20.40 30.82
C LEU H 229 -38.52 -19.68 29.78
N ARG H 230 -38.00 -18.58 29.26
CA ARG H 230 -38.71 -17.80 28.24
C ARG H 230 -39.02 -18.67 27.00
N TYR H 231 -38.08 -19.53 26.64
CA TYR H 231 -38.29 -20.40 25.49
C TYR H 231 -39.19 -21.60 25.83
N MET H 232 -39.11 -22.09 27.06
CA MET H 232 -39.95 -23.19 27.49
C MET H 232 -41.40 -22.70 27.44
N ASN H 233 -41.61 -21.51 27.99
CA ASN H 233 -42.94 -20.89 28.02
C ASN H 233 -43.51 -20.65 26.64
N SER H 234 -42.65 -20.41 25.66
CA SER H 234 -43.10 -20.23 24.29
C SER H 234 -43.54 -21.60 23.74
N PHE H 235 -42.79 -22.65 24.07
CA PHE H 235 -43.10 -24.01 23.63
C PHE H 235 -44.50 -24.44 24.09
N THR H 236 -44.81 -24.13 25.34
CA THR H 236 -46.09 -24.50 25.94
C THR H 236 -47.33 -23.91 25.26
N LYS H 237 -47.14 -23.12 24.21
CA LYS H 237 -48.26 -22.56 23.45
C LYS H 237 -48.86 -23.70 22.65
N ALA H 238 -48.12 -24.81 22.55
CA ALA H 238 -48.57 -25.99 21.83
C ALA H 238 -49.45 -26.90 22.71
N THR H 239 -49.51 -26.59 24.01
CA THR H 239 -50.29 -27.37 24.99
C THR H 239 -51.68 -27.86 24.53
N PRO H 240 -52.49 -26.99 23.92
CA PRO H 240 -53.81 -27.46 23.49
C PRO H 240 -53.83 -28.58 22.44
N LEU H 241 -52.68 -28.88 21.83
CA LEU H 241 -52.62 -29.95 20.83
C LEU H 241 -52.61 -31.36 21.41
N SER H 242 -52.27 -31.50 22.67
CA SER H 242 -52.21 -32.81 23.29
C SER H 242 -52.22 -32.72 24.81
N GLU H 243 -52.63 -33.80 25.46
CA GLU H 243 -52.67 -33.82 26.92
C GLU H 243 -51.34 -34.31 27.45
N THR H 244 -50.47 -34.73 26.53
CA THR H 244 -49.16 -35.26 26.89
C THR H 244 -48.03 -34.47 26.22
N VAL H 245 -46.91 -34.36 26.94
CA VAL H 245 -45.73 -33.70 26.41
C VAL H 245 -44.59 -34.66 26.72
N THR H 246 -43.66 -34.78 25.78
CA THR H 246 -42.50 -35.65 25.96
C THR H 246 -41.22 -34.83 25.96
N ILE H 247 -40.45 -34.93 27.04
CA ILE H 247 -39.19 -34.20 27.16
C ILE H 247 -38.02 -35.15 27.13
N SER H 248 -37.21 -35.04 26.07
CA SER H 248 -36.03 -35.89 25.85
C SER H 248 -34.75 -35.12 26.19
N LEU H 249 -33.93 -35.71 27.04
CA LEU H 249 -32.70 -35.06 27.48
C LEU H 249 -31.43 -35.90 27.40
N SER H 250 -30.34 -35.24 27.03
CA SER H 250 -29.01 -35.84 26.93
C SER H 250 -28.02 -34.73 27.28
N SER H 251 -26.99 -35.08 28.03
CA SER H 251 -25.96 -34.14 28.47
C SER H 251 -25.30 -33.24 27.41
N GLU H 252 -25.08 -33.77 26.21
CA GLU H 252 -24.45 -32.97 25.17
C GLU H 252 -25.37 -32.59 24.01
N LEU H 253 -26.61 -32.23 24.31
CA LEU H 253 -27.55 -31.88 23.24
C LEU H 253 -28.69 -30.98 23.69
N PRO H 254 -29.35 -30.32 22.73
CA PRO H 254 -30.48 -29.44 23.01
C PRO H 254 -31.62 -30.34 23.51
N VAL H 255 -32.48 -29.82 24.38
CA VAL H 255 -33.59 -30.62 24.85
C VAL H 255 -34.67 -30.62 23.78
N VAL H 256 -35.40 -31.72 23.70
CA VAL H 256 -36.50 -31.81 22.74
C VAL H 256 -37.80 -31.87 23.52
N VAL H 257 -38.75 -31.05 23.13
CA VAL H 257 -40.06 -31.01 23.77
C VAL H 257 -41.05 -31.31 22.64
N GLU H 258 -41.74 -32.45 22.74
CA GLU H 258 -42.67 -32.86 21.70
C GLU H 258 -44.14 -32.96 22.08
N TYR H 259 -45.00 -32.54 21.15
CA TYR H 259 -46.45 -32.55 21.31
C TYR H 259 -47.00 -33.22 20.06
N LYS H 260 -47.71 -34.33 20.25
CA LYS H 260 -48.25 -35.08 19.12
C LYS H 260 -49.46 -34.33 18.56
N VAL H 261 -49.48 -34.19 17.24
CA VAL H 261 -50.57 -33.51 16.57
C VAL H 261 -51.62 -34.55 16.25
N ALA H 262 -52.46 -34.75 17.26
CA ALA H 262 -53.42 -35.78 17.22
C ALA H 262 -52.60 -36.95 16.86
N GLU H 263 -53.04 -37.62 15.87
CA GLU H 263 -52.39 -38.83 15.51
C GLU H 263 -51.76 -38.78 14.14
N MET H 264 -51.66 -37.61 13.58
CA MET H 264 -51.13 -37.51 12.22
C MET H 264 -49.76 -36.83 12.09
N GLY H 265 -49.09 -36.60 13.20
CA GLY H 265 -47.80 -35.95 13.13
C GLY H 265 -47.31 -35.37 14.44
N TYR H 266 -46.55 -34.29 14.37
CA TYR H 266 -46.01 -33.71 15.59
C TYR H 266 -45.40 -32.30 15.49
N ILE H 267 -45.16 -31.73 16.67
CA ILE H 267 -44.48 -30.46 16.79
C ILE H 267 -43.36 -30.75 17.79
N ARG H 268 -42.12 -30.58 17.36
CA ARG H 268 -40.96 -30.81 18.22
C ARG H 268 -40.22 -29.52 18.42
N TYR H 269 -40.02 -29.15 19.68
CA TYR H 269 -39.28 -27.93 20.02
C TYR H 269 -37.90 -28.30 20.55
N TYR H 270 -36.87 -27.64 20.04
CA TYR H 270 -35.49 -27.90 20.45
C TYR H 270 -34.94 -26.63 21.10
N LEU H 271 -34.29 -26.77 22.24
CA LEU H 271 -33.73 -25.62 22.94
C LEU H 271 -32.29 -25.85 23.40
N ALA H 272 -31.38 -25.01 22.88
CA ALA H 272 -29.96 -25.10 23.23
C ALA H 272 -29.79 -24.74 24.69
N PRO H 273 -29.00 -25.52 25.42
CA PRO H 273 -28.75 -25.29 26.85
C PRO H 273 -27.80 -24.14 27.16
N LYS H 274 -27.80 -23.72 28.43
CA LYS H 274 -26.92 -22.68 28.92
C LYS H 274 -25.76 -23.48 29.53
N ILE H 275 -24.58 -23.37 28.93
CA ILE H 275 -23.43 -24.08 29.43
C ILE H 275 -22.41 -23.11 30.03
N ARG I 5 25.76 30.13 47.82
CA ARG I 5 27.22 29.83 48.04
C ARG I 5 27.49 28.38 48.47
N GLN I 6 28.48 27.77 47.84
CA GLN I 6 28.89 26.41 48.14
C GLN I 6 29.58 26.33 49.49
N THR I 7 29.01 25.53 50.39
CA THR I 7 29.60 25.35 51.71
C THR I 7 30.62 24.21 51.64
N SER I 8 31.32 23.98 52.75
CA SER I 8 32.31 22.91 52.81
C SER I 8 31.82 21.81 53.73
N MET I 9 32.38 20.62 53.55
CA MET I 9 32.03 19.50 54.41
C MET I 9 32.46 19.85 55.84
N THR I 10 33.59 20.55 55.95
CA THR I 10 34.12 20.95 57.24
C THR I 10 33.30 22.04 57.97
N ASP I 11 32.33 22.63 57.28
CA ASP I 11 31.46 23.62 57.91
C ASP I 11 30.41 22.90 58.78
N PHE I 12 30.32 21.57 58.62
CA PHE I 12 29.37 20.75 59.36
C PHE I 12 30.02 19.71 60.27
N TYR I 13 31.05 19.05 59.77
CA TYR I 13 31.75 18.03 60.54
C TYR I 13 33.22 18.39 60.71
N HIS I 14 33.80 17.99 61.84
CA HIS I 14 35.20 18.26 62.15
C HIS I 14 35.93 16.96 62.48
N SER I 15 37.23 17.06 62.73
CA SER I 15 38.06 15.89 63.07
C SER I 15 37.45 15.04 64.18
N ARG J 5 67.53 -3.53 24.58
CA ARG J 5 67.62 -2.91 23.20
C ARG J 5 66.91 -3.73 22.12
N GLN J 6 66.08 -3.03 21.34
CA GLN J 6 65.30 -3.62 20.25
C GLN J 6 66.11 -4.10 19.05
N THR J 7 65.91 -5.37 18.65
CA THR J 7 66.60 -5.92 17.49
C THR J 7 65.73 -5.74 16.24
N SER J 8 66.19 -6.29 15.12
CA SER J 8 65.46 -6.20 13.85
C SER J 8 65.18 -7.56 13.26
N MET J 9 64.13 -7.64 12.46
CA MET J 9 63.78 -8.89 11.79
C MET J 9 64.94 -9.28 10.88
N THR J 10 65.56 -8.27 10.26
CA THR J 10 66.68 -8.47 9.36
C THR J 10 67.95 -8.92 10.08
N ASP J 11 67.88 -9.04 11.41
CA ASP J 11 69.01 -9.48 12.21
C ASP J 11 68.96 -10.99 12.37
N PHE J 12 67.84 -11.60 11.96
CA PHE J 12 67.65 -13.04 12.08
C PHE J 12 67.36 -13.69 10.73
N TYR J 13 66.60 -12.99 9.91
CA TYR J 13 66.22 -13.51 8.59
C TYR J 13 66.68 -12.56 7.50
N HIS J 14 67.07 -13.14 6.36
CA HIS J 14 67.55 -12.38 5.21
C HIS J 14 66.60 -12.58 4.04
N SER J 15 66.77 -11.78 2.99
CA SER J 15 65.90 -11.84 1.80
C SER J 15 65.83 -13.22 1.10
N ARG K 5 27.26 21.66 -10.25
CA ARG K 5 26.85 22.86 -9.43
C ARG K 5 25.55 22.62 -8.65
N GLN K 6 25.59 22.92 -7.36
CA GLN K 6 24.46 22.74 -6.46
C GLN K 6 23.34 23.75 -6.66
N THR K 7 22.13 23.24 -6.92
CA THR K 7 20.95 24.10 -7.08
C THR K 7 20.31 24.31 -5.71
N SER K 8 19.21 25.06 -5.67
CA SER K 8 18.54 25.32 -4.41
C SER K 8 17.07 24.93 -4.52
N MET K 9 16.46 24.59 -3.38
CA MET K 9 15.06 24.20 -3.33
C MET K 9 14.18 25.25 -3.99
N THR K 10 14.54 26.52 -3.79
CA THR K 10 13.82 27.66 -4.35
C THR K 10 13.89 27.73 -5.87
N ASP K 11 14.78 26.94 -6.47
CA ASP K 11 14.89 26.90 -7.92
C ASP K 11 13.75 26.06 -8.51
N PHE K 12 13.01 25.35 -7.65
CA PHE K 12 11.92 24.49 -8.11
C PHE K 12 10.55 24.82 -7.52
N TYR K 13 10.53 25.20 -6.25
CA TYR K 13 9.28 25.54 -5.58
C TYR K 13 9.38 26.98 -5.06
N HIS K 14 8.24 27.54 -4.68
CA HIS K 14 8.24 28.90 -4.17
C HIS K 14 7.34 29.12 -2.95
N SER K 15 7.52 30.27 -2.29
CA SER K 15 6.76 30.62 -1.09
C SER K 15 5.24 30.75 -1.28
N ARG L 5 -21.71 -35.62 -57.66
CA ARG L 5 -21.03 -36.66 -56.82
C ARG L 5 -19.66 -36.20 -56.30
N GLN L 6 -19.42 -36.42 -55.01
CA GLN L 6 -18.19 -36.02 -54.35
C GLN L 6 -17.00 -36.98 -54.50
N THR L 7 -15.98 -36.55 -55.22
CA THR L 7 -14.78 -37.36 -55.41
C THR L 7 -13.98 -37.30 -54.11
N SER L 8 -12.85 -38.02 -54.07
CA SER L 8 -12.02 -38.02 -52.87
C SER L 8 -10.57 -37.74 -53.26
N MET L 9 -9.81 -37.14 -52.35
CA MET L 9 -8.41 -36.81 -52.60
C MET L 9 -7.64 -37.99 -53.17
N THR L 10 -7.96 -39.19 -52.69
CA THR L 10 -7.31 -40.43 -53.11
C THR L 10 -7.53 -40.79 -54.58
N ASP L 11 -8.54 -40.19 -55.21
CA ASP L 11 -8.83 -40.42 -56.63
C ASP L 11 -7.91 -39.61 -57.54
N PHE L 12 -6.93 -38.91 -56.94
CA PHE L 12 -6.01 -38.06 -57.70
C PHE L 12 -4.55 -38.28 -57.31
N TYR L 13 -4.29 -38.38 -56.02
CA TYR L 13 -2.93 -38.61 -55.53
C TYR L 13 -2.94 -39.89 -54.71
N HIS L 14 -1.85 -40.65 -54.79
CA HIS L 14 -1.74 -41.90 -54.04
C HIS L 14 -0.64 -41.86 -52.97
N SER L 15 -0.64 -42.89 -52.13
CA SER L 15 0.33 -43.04 -51.03
C SER L 15 1.80 -42.92 -51.45
N ARG M 5 -10.19 -34.37 -0.78
CA ARG M 5 -11.55 -34.03 -0.23
C ARG M 5 -11.71 -32.53 0.01
N GLN M 6 -12.89 -32.02 -0.34
CA GLN M 6 -13.21 -30.60 -0.19
C GLN M 6 -13.65 -30.18 1.21
N THR M 7 -12.84 -29.37 1.88
CA THR M 7 -13.17 -28.89 3.21
C THR M 7 -14.26 -27.83 3.09
N SER M 8 -14.69 -27.28 4.23
CA SER M 8 -15.72 -26.25 4.23
C SER M 8 -15.25 -25.02 4.98
N MET M 9 -15.91 -23.89 4.72
CA MET M 9 -15.54 -22.65 5.38
C MET M 9 -15.84 -22.79 6.87
N THR M 10 -16.91 -23.51 7.17
CA THR M 10 -17.36 -23.73 8.54
C THR M 10 -16.38 -24.54 9.40
N ASP M 11 -15.47 -25.26 8.75
CA ASP M 11 -14.47 -26.07 9.45
C ASP M 11 -13.35 -25.21 10.04
N PHE M 12 -13.27 -23.96 9.62
CA PHE M 12 -12.23 -23.04 10.07
C PHE M 12 -12.75 -21.89 10.90
N TYR M 13 -13.91 -21.37 10.51
CA TYR M 13 -14.53 -20.24 11.17
C TYR M 13 -15.89 -20.63 11.74
N HIS M 14 -16.20 -20.12 12.94
CA HIS M 14 -17.47 -20.44 13.60
C HIS M 14 -18.50 -19.33 13.53
N SER M 15 -19.75 -19.67 13.87
CA SER M 15 -20.89 -18.76 13.86
C SER M 15 -20.84 -17.64 14.93
N ARG N 5 -57.87 -6.86 -23.42
CA ARG N 5 -57.05 -5.67 -23.04
C ARG N 5 -56.21 -5.14 -24.20
N GLN N 6 -55.63 -6.05 -24.99
CA GLN N 6 -54.83 -5.66 -26.16
C GLN N 6 -55.69 -5.40 -27.39
N THR N 7 -55.84 -4.14 -27.75
CA THR N 7 -56.64 -3.77 -28.92
C THR N 7 -55.90 -4.14 -30.20
N SER N 8 -56.46 -3.81 -31.36
CA SER N 8 -55.80 -4.13 -32.62
C SER N 8 -55.79 -2.90 -33.54
N MET N 9 -54.81 -2.85 -34.44
CA MET N 9 -54.69 -1.72 -35.38
C MET N 9 -55.98 -1.50 -36.15
N THR N 10 -56.74 -2.57 -36.34
CA THR N 10 -58.00 -2.52 -37.06
C THR N 10 -59.11 -1.81 -36.29
N ASP N 11 -58.96 -1.69 -34.98
CA ASP N 11 -59.95 -1.00 -34.15
C ASP N 11 -59.83 0.52 -34.33
N PHE N 12 -58.80 0.97 -35.05
CA PHE N 12 -58.56 2.39 -35.27
C PHE N 12 -58.54 2.82 -36.73
N TYR N 13 -57.97 1.97 -37.59
CA TYR N 13 -57.87 2.26 -39.01
C TYR N 13 -58.47 1.11 -39.80
N HIS N 14 -58.92 1.40 -41.01
CA HIS N 14 -59.53 0.38 -41.86
C HIS N 14 -58.94 0.33 -43.26
N SER N 15 -59.30 -0.70 -44.02
CA SER N 15 -58.82 -0.92 -45.39
C SER N 15 -58.93 0.31 -46.29
N ARG O 5 -6.22 43.96 -11.33
CA ARG O 5 -5.58 42.81 -10.61
C ARG O 5 -4.18 43.14 -10.11
N GLN O 6 -3.95 42.89 -8.83
CA GLN O 6 -2.67 43.16 -8.20
C GLN O 6 -1.60 42.13 -8.55
N THR O 7 -0.46 42.61 -9.03
CA THR O 7 0.65 41.72 -9.35
C THR O 7 1.57 41.69 -8.13
N SER O 8 2.66 40.93 -8.20
CA SER O 8 3.57 40.88 -7.08
C SER O 8 5.01 41.11 -7.54
N MET O 9 5.84 41.55 -6.61
CA MET O 9 7.24 41.84 -6.89
C MET O 9 7.98 40.65 -7.50
N THR O 10 7.61 39.44 -7.09
CA THR O 10 8.23 38.22 -7.58
C THR O 10 7.94 37.96 -9.06
N ASP O 11 6.91 38.62 -9.60
CA ASP O 11 6.55 38.47 -11.01
C ASP O 11 7.55 39.19 -11.95
N PHE O 12 8.41 40.04 -11.38
CA PHE O 12 9.39 40.81 -12.15
C PHE O 12 10.82 40.54 -11.72
N TYR O 13 11.01 40.25 -10.44
CA TYR O 13 12.35 39.98 -9.91
C TYR O 13 12.34 38.76 -9.01
N HIS O 14 13.52 38.17 -8.82
CA HIS O 14 13.70 36.99 -7.98
C HIS O 14 15.13 36.98 -7.45
N SER O 15 15.47 36.01 -6.61
CA SER O 15 16.80 35.92 -6.03
C SER O 15 17.97 35.92 -7.00
N ARG P 5 -23.54 -19.17 30.25
CA ARG P 5 -23.80 -18.52 28.92
C ARG P 5 -24.67 -19.39 28.00
N GLN P 6 -25.52 -18.73 27.22
CA GLN P 6 -26.42 -19.38 26.29
C GLN P 6 -25.79 -19.87 24.99
N THR P 7 -25.82 -21.18 24.75
CA THR P 7 -25.28 -21.72 23.51
C THR P 7 -26.35 -21.57 22.43
N SER P 8 -26.15 -22.22 21.29
CA SER P 8 -27.12 -22.12 20.23
C SER P 8 -27.24 -23.42 19.43
N MET P 9 -28.39 -23.60 18.78
CA MET P 9 -28.65 -24.81 18.00
C MET P 9 -27.52 -25.17 17.05
N THR P 10 -26.93 -24.14 16.43
CA THR P 10 -25.83 -24.28 15.48
C THR P 10 -24.52 -24.85 16.06
N ASP P 11 -24.40 -24.84 17.39
CA ASP P 11 -23.22 -25.38 18.07
C ASP P 11 -23.34 -26.89 18.29
N PHE P 12 -24.43 -27.48 17.79
CA PHE P 12 -24.69 -28.92 17.95
C PHE P 12 -25.04 -29.57 16.62
N TYR P 13 -25.89 -28.91 15.84
CA TYR P 13 -26.30 -29.45 14.55
C TYR P 13 -25.94 -28.49 13.41
N HIS P 14 -25.48 -29.04 12.30
CA HIS P 14 -25.11 -28.22 11.15
C HIS P 14 -26.13 -28.32 10.02
N SER P 15 -26.03 -27.40 9.07
CA SER P 15 -26.94 -27.31 7.93
C SER P 15 -27.05 -28.53 7.04
S SO4 Q . 28.85 24.14 39.92
O1 SO4 Q . 27.58 24.27 40.66
O2 SO4 Q . 29.96 23.97 40.89
O3 SO4 Q . 28.80 22.94 39.06
O4 SO4 Q . 29.06 25.32 39.09
S SO4 R . 58.52 0.79 23.22
O1 SO4 R . 58.98 1.80 24.21
O2 SO4 R . 59.48 0.74 22.09
O3 SO4 R . 58.47 -0.53 23.88
O4 SO4 R . 57.19 1.17 22.72
S SO4 S . 29.47 18.75 -1.17
O1 SO4 S . 30.86 19.26 -1.36
O2 SO4 S . 29.37 18.14 0.17
O3 SO4 S . 28.50 19.87 -1.25
O4 SO4 S . 29.18 17.75 -2.22
S SO4 T . -22.22 -31.12 -48.68
O1 SO4 T . -20.97 -31.66 -48.11
O2 SO4 T . -23.27 -32.17 -48.65
O3 SO4 T . -22.67 -29.96 -47.88
O4 SO4 T . -22.00 -30.70 -50.08
S SO4 U . -14.87 -29.45 -8.25
O1 SO4 U . -13.48 -29.56 -7.74
O2 SO4 U . -15.56 -30.76 -8.05
O3 SO4 U . -15.61 -28.40 -7.50
O4 SO4 U . -14.86 -29.14 -9.69
S SO4 V . -47.62 -9.44 -24.13
O1 SO4 V . -47.81 -8.19 -23.34
O2 SO4 V . -48.67 -10.41 -23.76
O3 SO4 V . -47.73 -9.13 -25.57
O4 SO4 V . -46.29 -10.01 -23.82
S SO4 W . -32.99 -15.50 29.75
O1 SO4 W . -32.65 -14.19 30.33
O2 SO4 W . -32.31 -16.57 30.49
O3 SO4 W . -34.46 -15.69 29.83
O4 SO4 W . -32.57 -15.54 28.32
#